data_6D1O
#
_entry.id   6D1O
#
_cell.length_a   70.462
_cell.length_b   200.326
_cell.length_c   98.308
_cell.angle_alpha   90.00
_cell.angle_beta   110.95
_cell.angle_gamma   90.00
#
_symmetry.space_group_name_H-M   'P 1 21 1'
#
loop_
_entity.id
_entity.type
_entity.pdbx_description
1 polymer (R)-phenoxypropionate/alpha-ketoglutarate-dioxygenase
2 water water
#
_entity_poly.entity_id   1
_entity_poly.type   'polypeptide(L)'
_entity_poly.pdbx_seq_one_letter_code
;MHAALSPLSQRFERIAVQPLTGVLGAEITGVDLREPLDDSTWNEILDAFHTYQVIYFPGQAITNEQHIAFSRRFGPVDPV
PLLKSIEGYPEVQMIRREANESGRVIGENWHTDSTFLDAPPAAVVMYAKEIPPYGGDTLFTSMYTAWETLSPTMQATIEG
LNVVHSATRVFGSLYQAQNRRFSNTSVKVMDVDAGDRETVHPLVVTHPETGRKGLYVNQVYCQRIEGMSEKESEPLLSFL
FAHATKPEFTCRVRWQEGDVLVWDNLCTQHYAVPDYAGKFRYLTRTTVGGVRPARHHHHHH
;
_entity_poly.pdbx_strand_id   A,B,C,D,E,F,G,H
#
# COMPACT_ATOMS: atom_id res chain seq x y z
N PHE A 12 46.83 19.20 -10.50
CA PHE A 12 46.47 18.59 -9.16
C PHE A 12 47.46 17.63 -8.54
N GLU A 13 48.43 18.20 -7.83
CA GLU A 13 49.43 17.43 -7.05
C GLU A 13 49.05 17.22 -5.57
N ARG A 14 48.38 18.19 -4.96
CA ARG A 14 48.04 18.19 -3.53
C ARG A 14 46.66 17.59 -3.19
N ILE A 15 45.79 17.41 -4.16
CA ILE A 15 44.46 16.88 -3.92
C ILE A 15 44.09 15.86 -4.99
N ALA A 16 43.13 14.99 -4.67
CA ALA A 16 42.55 14.09 -5.67
C ALA A 16 41.15 14.56 -6.15
N VAL A 17 41.04 14.80 -7.44
CA VAL A 17 39.84 15.37 -8.06
C VAL A 17 39.18 14.36 -8.96
N GLN A 18 38.04 13.83 -8.54
CA GLN A 18 37.26 12.91 -9.39
C GLN A 18 36.00 13.63 -9.94
N PRO A 19 36.02 13.99 -11.22
CA PRO A 19 34.79 14.57 -11.78
C PRO A 19 33.64 13.62 -11.72
N LEU A 20 32.47 14.18 -11.51
CA LEU A 20 31.23 13.44 -11.31
C LEU A 20 30.57 13.17 -12.63
N THR A 21 30.59 14.19 -13.48
CA THR A 21 30.10 14.08 -14.86
C THR A 21 31.08 14.76 -15.77
N GLY A 22 30.86 14.61 -17.08
CA GLY A 22 31.62 15.33 -18.08
C GLY A 22 31.37 16.82 -18.10
N VAL A 23 30.33 17.28 -17.41
CA VAL A 23 29.93 18.67 -17.46
C VAL A 23 30.18 19.42 -16.18
N LEU A 24 29.86 18.86 -15.02
CA LEU A 24 30.14 19.58 -13.77
C LEU A 24 30.15 18.64 -12.60
N GLY A 25 30.72 19.12 -11.51
CA GLY A 25 30.77 18.36 -10.25
C GLY A 25 32.06 17.61 -10.08
N ALA A 26 32.66 17.68 -8.90
CA ALA A 26 33.79 16.83 -8.56
C ALA A 26 33.82 16.44 -7.11
N GLU A 27 34.22 15.21 -6.86
CA GLU A 27 34.60 14.74 -5.53
C GLU A 27 36.06 15.10 -5.32
N ILE A 28 36.35 15.62 -4.15
CA ILE A 28 37.72 15.95 -3.76
C ILE A 28 38.11 15.24 -2.49
N THR A 29 39.15 14.41 -2.58
CA THR A 29 39.69 13.69 -1.43
C THR A 29 41.13 14.06 -1.23
N GLY A 30 41.71 13.48 -0.16
CA GLY A 30 43.10 13.73 0.18
C GLY A 30 43.25 15.07 0.86
N VAL A 31 42.22 15.48 1.62
CA VAL A 31 42.27 16.74 2.39
C VAL A 31 41.49 16.57 3.67
N ASP A 32 42.04 17.11 4.75
CA ASP A 32 41.39 17.12 6.04
C ASP A 32 41.09 18.59 6.35
N LEU A 33 39.80 18.93 6.29
CA LEU A 33 39.36 20.31 6.50
C LEU A 33 39.43 20.81 7.96
N ARG A 34 39.83 19.92 8.88
CA ARG A 34 40.17 20.36 10.23
C ARG A 34 41.51 21.11 10.24
N GLU A 35 42.44 20.65 9.39
CA GLU A 35 43.73 21.32 9.24
C GLU A 35 43.60 22.56 8.39
N PRO A 36 44.30 23.65 8.75
CA PRO A 36 44.32 24.79 7.80
C PRO A 36 45.20 24.39 6.60
N LEU A 37 45.07 25.12 5.51
CA LEU A 37 45.52 24.67 4.21
C LEU A 37 46.65 25.53 3.70
N ASP A 38 47.75 24.93 3.26
CA ASP A 38 48.79 25.80 2.67
C ASP A 38 48.29 26.44 1.35
N ASP A 39 48.87 27.57 1.03
CA ASP A 39 48.68 28.27 -0.21
C ASP A 39 48.53 27.39 -1.48
N SER A 40 49.39 26.39 -1.68
CA SER A 40 49.37 25.67 -2.94
C SER A 40 48.16 24.70 -3.02
N THR A 41 47.81 24.15 -1.86
CA THR A 41 46.65 23.26 -1.71
C THR A 41 45.33 24.00 -1.88
N TRP A 42 45.23 25.17 -1.25
CA TRP A 42 44.03 25.96 -1.34
C TRP A 42 43.79 26.35 -2.81
N ASN A 43 44.87 26.81 -3.47
CA ASN A 43 44.84 27.20 -4.86
C ASN A 43 44.32 26.09 -5.75
N GLU A 44 44.64 24.83 -5.43
CA GLU A 44 44.11 23.70 -6.20
C GLU A 44 42.62 23.48 -5.94
N ILE A 45 42.20 23.61 -4.68
CA ILE A 45 40.79 23.54 -4.33
C ILE A 45 39.99 24.58 -5.14
N LEU A 46 40.52 25.79 -5.18
CA LEU A 46 39.86 26.91 -5.78
C LEU A 46 39.85 26.76 -7.30
N ASP A 47 40.96 26.27 -7.83
CA ASP A 47 41.06 25.91 -9.23
C ASP A 47 39.94 24.87 -9.56
N ALA A 48 39.81 23.85 -8.72
CA ALA A 48 38.77 22.82 -8.90
C ALA A 48 37.33 23.37 -8.76
N PHE A 49 37.13 24.24 -7.78
CA PHE A 49 35.85 24.92 -7.62
C PHE A 49 35.42 25.68 -8.91
N HIS A 50 36.37 26.40 -9.49
CA HIS A 50 36.10 27.21 -10.67
C HIS A 50 35.86 26.42 -11.98
N THR A 51 36.49 25.27 -12.11
CA THR A 51 36.26 24.40 -13.25
C THR A 51 35.00 23.57 -13.04
N TYR A 52 34.86 22.92 -11.90
CA TYR A 52 33.79 21.95 -11.70
C TYR A 52 32.51 22.54 -11.09
N GLN A 53 32.61 23.71 -10.49
CA GLN A 53 31.43 24.52 -10.10
C GLN A 53 30.63 24.09 -8.89
N VAL A 54 30.54 22.80 -8.69
CA VAL A 54 30.06 22.26 -7.43
C VAL A 54 31.05 21.17 -7.03
N ILE A 55 31.61 21.29 -5.84
CA ILE A 55 32.60 20.33 -5.33
C ILE A 55 32.21 19.84 -3.94
N TYR A 56 32.51 18.59 -3.68
CA TYR A 56 32.32 18.11 -2.35
C TYR A 56 33.50 17.27 -1.86
N PHE A 57 33.68 17.29 -0.56
CA PHE A 57 34.76 16.60 0.16
C PHE A 57 34.15 15.58 1.11
N PRO A 58 34.19 14.28 0.77
CA PRO A 58 33.61 13.29 1.69
C PRO A 58 34.44 13.04 2.91
N GLY A 59 33.79 12.40 3.87
CA GLY A 59 34.46 11.93 5.08
C GLY A 59 34.95 12.99 6.03
N GLN A 60 34.46 14.22 5.97
CA GLN A 60 34.97 15.22 6.92
C GLN A 60 34.29 15.15 8.26
N ALA A 61 35.03 15.61 9.25
CA ALA A 61 34.55 15.66 10.62
C ALA A 61 35.00 17.00 11.16
N ILE A 62 34.22 18.05 10.91
CA ILE A 62 34.62 19.40 11.27
C ILE A 62 33.64 19.99 12.27
N THR A 63 34.07 21.02 12.96
CA THR A 63 33.25 21.76 13.92
C THR A 63 32.67 23.00 13.16
N ASN A 64 31.74 23.69 13.82
CA ASN A 64 31.25 24.93 13.32
C ASN A 64 32.33 25.98 13.06
N GLU A 65 33.38 26.05 13.86
CA GLU A 65 34.45 27.06 13.63
C GLU A 65 35.26 26.71 12.40
N GLN A 66 35.54 25.43 12.25
CA GLN A 66 36.32 24.97 11.10
C GLN A 66 35.59 25.17 9.81
N HIS A 67 34.30 24.80 9.77
CA HIS A 67 33.34 25.08 8.68
C HIS A 67 33.44 26.55 8.29
N ILE A 68 33.28 27.43 9.27
CA ILE A 68 33.34 28.85 9.02
C ILE A 68 34.62 29.22 8.37
N ALA A 69 35.70 28.75 8.92
CA ALA A 69 37.05 29.10 8.52
C ALA A 69 37.32 28.69 7.08
N PHE A 70 36.83 27.52 6.73
CA PHE A 70 37.02 27.00 5.40
C PHE A 70 36.21 27.89 4.38
N SER A 71 34.97 28.22 4.78
CA SER A 71 34.11 29.04 4.00
C SER A 71 34.74 30.41 3.74
N ARG A 72 35.49 30.90 4.74
CA ARG A 72 36.10 32.22 4.63
C ARG A 72 37.21 32.33 3.63
N ARG A 73 37.81 31.19 3.26
CA ARG A 73 38.79 31.16 2.16
C ARG A 73 38.17 31.49 0.83
N PHE A 74 36.84 31.28 0.66
CA PHE A 74 36.15 31.61 -0.62
C PHE A 74 35.73 33.04 -0.67
N GLY A 75 35.51 33.69 0.46
CA GLY A 75 35.05 35.07 0.50
C GLY A 75 34.48 35.40 1.87
N PRO A 76 34.03 36.65 2.09
CA PRO A 76 33.43 36.99 3.38
C PRO A 76 32.24 36.06 3.71
N VAL A 77 32.11 35.73 4.98
CA VAL A 77 30.89 35.08 5.43
C VAL A 77 30.28 35.87 6.56
N ASP A 78 28.98 35.86 6.55
CA ASP A 78 28.15 36.92 7.05
C ASP A 78 26.86 36.19 7.50
N PRO A 79 26.30 36.60 8.65
CA PRO A 79 25.01 36.01 8.99
C PRO A 79 23.93 36.46 7.98
N VAL A 80 23.19 35.50 7.45
CA VAL A 80 22.01 35.75 6.62
C VAL A 80 20.79 35.78 7.55
N PRO A 81 20.18 36.95 7.80
CA PRO A 81 18.95 37.00 8.56
C PRO A 81 17.78 36.59 7.64
N LEU A 82 16.74 35.98 8.20
CA LEU A 82 15.66 35.32 7.50
C LEU A 82 16.05 33.89 7.15
N LEU A 83 17.06 33.37 7.83
CA LEU A 83 17.29 31.95 8.03
C LEU A 83 17.69 31.66 9.49
N LYS A 84 17.48 30.41 9.89
CA LYS A 84 17.41 29.94 11.27
C LYS A 84 18.61 30.32 12.13
N SER A 85 19.79 29.92 11.72
CA SER A 85 21.05 30.25 12.41
C SER A 85 21.29 29.52 13.75
N ILE A 86 22.45 28.91 13.90
CA ILE A 86 22.80 28.04 15.06
C ILE A 86 23.10 28.87 16.31
N GLU A 87 22.80 28.26 17.46
CA GLU A 87 23.16 28.78 18.80
C GLU A 87 24.68 29.01 18.89
N GLY A 88 25.06 30.25 19.16
CA GLY A 88 26.45 30.66 19.34
C GLY A 88 27.30 30.89 18.09
N TYR A 89 26.71 30.72 16.91
CA TYR A 89 27.45 30.75 15.68
C TYR A 89 26.53 31.33 14.61
N PRO A 90 26.28 32.65 14.67
CA PRO A 90 25.35 33.32 13.78
C PRO A 90 25.54 33.16 12.26
N GLU A 91 26.77 32.84 11.84
CA GLU A 91 27.15 32.60 10.43
C GLU A 91 26.69 31.25 9.85
N VAL A 92 26.30 30.34 10.72
CA VAL A 92 26.00 28.99 10.31
C VAL A 92 24.51 28.85 10.37
N GLN A 93 23.88 28.70 9.21
CA GLN A 93 22.45 28.50 9.13
C GLN A 93 22.17 27.00 9.14
N MET A 94 20.98 26.63 9.60
CA MET A 94 20.59 25.20 9.59
C MET A 94 19.50 24.84 8.58
N ILE A 95 19.49 23.57 8.19
CA ILE A 95 18.58 23.02 7.19
C ILE A 95 18.10 21.68 7.74
N ARG A 96 16.80 21.51 7.99
CA ARG A 96 16.29 20.41 8.84
C ARG A 96 14.87 19.87 8.37
N ARG A 97 14.58 18.60 8.64
CA ARG A 97 13.27 17.97 8.78
C ARG A 97 13.46 16.41 8.86
N GLU A 108 9.30 21.55 -4.68
CA GLU A 108 10.53 22.27 -5.03
C GLU A 108 10.64 22.69 -6.51
N ASN A 109 11.49 23.68 -6.76
CA ASN A 109 11.88 24.10 -8.08
C ASN A 109 13.31 24.46 -8.22
N TRP A 110 13.79 24.29 -9.46
CA TRP A 110 15.13 24.71 -9.81
C TRP A 110 15.27 26.16 -9.45
N HIS A 111 16.31 26.50 -8.69
CA HIS A 111 16.70 27.85 -8.43
C HIS A 111 18.16 27.97 -8.04
N THR A 112 18.61 29.22 -7.90
CA THR A 112 19.83 29.49 -7.16
C THR A 112 19.47 30.43 -6.02
N ASP A 113 20.34 30.67 -5.06
CA ASP A 113 19.89 31.24 -3.81
C ASP A 113 19.70 32.72 -3.85
N SER A 114 18.52 33.15 -3.37
CA SER A 114 18.27 34.54 -3.07
C SER A 114 18.59 35.60 -4.16
N THR A 115 18.13 35.36 -5.37
CA THR A 115 18.49 36.28 -6.48
C THR A 115 17.68 37.58 -6.45
N PHE A 116 16.72 37.62 -5.56
CA PHE A 116 16.04 38.85 -5.22
C PHE A 116 16.92 39.87 -4.51
N LEU A 117 18.11 39.52 -4.04
CA LEU A 117 19.01 40.54 -3.51
C LEU A 117 19.79 41.23 -4.65
N ASP A 118 20.21 42.48 -4.44
CA ASP A 118 21.15 43.14 -5.36
C ASP A 118 22.41 42.35 -5.43
N ALA A 119 22.79 41.79 -4.29
CA ALA A 119 24.09 41.04 -4.16
C ALA A 119 23.79 39.70 -3.57
N PRO A 120 23.46 38.73 -4.43
CA PRO A 120 23.17 37.41 -3.88
C PRO A 120 24.45 36.75 -3.41
N PRO A 121 24.35 35.67 -2.62
CA PRO A 121 25.57 34.98 -2.32
C PRO A 121 26.37 34.55 -3.56
N ALA A 122 27.71 34.56 -3.40
CA ALA A 122 28.64 34.02 -4.42
C ALA A 122 28.72 32.51 -4.38
N ALA A 123 28.47 31.93 -3.19
CA ALA A 123 28.63 30.51 -2.95
C ALA A 123 28.07 30.06 -1.62
N VAL A 124 27.91 28.77 -1.50
CA VAL A 124 27.44 28.20 -0.24
C VAL A 124 28.17 26.90 0.08
N VAL A 125 28.51 26.76 1.37
CA VAL A 125 29.19 25.59 1.83
C VAL A 125 28.32 24.96 2.89
N MET A 126 27.93 23.74 2.54
CA MET A 126 26.95 22.95 3.19
C MET A 126 27.64 21.73 3.79
N TYR A 127 27.28 21.38 5.03
CA TYR A 127 27.87 20.23 5.73
C TYR A 127 26.79 19.27 6.12
N ALA A 128 26.92 18.03 5.68
CA ALA A 128 25.94 17.00 5.97
C ALA A 128 26.26 16.37 7.34
N LYS A 129 25.36 16.54 8.29
CA LYS A 129 25.54 16.05 9.63
C LYS A 129 24.80 14.75 9.88
N GLU A 130 23.52 14.68 9.52
CA GLU A 130 22.70 13.50 9.65
C GLU A 130 21.99 13.27 8.29
N ILE A 131 22.09 12.06 7.73
CA ILE A 131 21.39 11.73 6.50
C ILE A 131 20.63 10.40 6.60
N PRO A 132 19.55 10.27 5.84
CA PRO A 132 18.98 8.91 5.75
C PRO A 132 19.85 8.05 4.82
N PRO A 133 19.69 6.72 4.87
CA PRO A 133 20.60 5.87 4.07
C PRO A 133 20.53 6.15 2.55
N TYR A 134 19.35 6.53 2.07
CA TYR A 134 19.11 6.94 0.70
C TYR A 134 18.08 8.08 0.71
N GLY A 135 17.64 8.53 -0.47
CA GLY A 135 16.83 9.74 -0.54
C GLY A 135 17.44 11.10 -0.12
N GLY A 136 16.84 12.13 -0.72
CA GLY A 136 17.35 13.49 -0.55
C GLY A 136 18.51 13.94 -1.43
N ASP A 137 18.66 13.41 -2.62
CA ASP A 137 19.72 13.82 -3.51
C ASP A 137 19.53 15.30 -3.88
N THR A 138 20.62 15.98 -4.25
CA THR A 138 20.54 17.35 -4.74
C THR A 138 21.11 17.39 -6.16
N LEU A 139 20.33 17.93 -7.10
CA LEU A 139 20.78 18.15 -8.47
C LEU A 139 21.42 19.50 -8.60
N PHE A 140 22.31 19.64 -9.58
CA PHE A 140 22.92 20.93 -9.95
C PHE A 140 22.99 20.98 -11.46
N THR A 141 22.77 22.18 -12.10
CA THR A 141 23.20 22.41 -13.50
C THR A 141 24.19 23.48 -13.64
N SER A 142 24.95 23.37 -14.73
CA SER A 142 25.87 24.39 -15.18
C SER A 142 25.21 25.42 -16.09
N MET A 143 25.07 26.63 -15.56
CA MET A 143 24.55 27.69 -16.34
C MET A 143 25.54 28.16 -17.37
N TYR A 144 26.81 27.82 -17.26
CA TYR A 144 27.79 28.13 -18.32
C TYR A 144 27.42 27.32 -19.55
N THR A 145 27.17 26.05 -19.33
CA THR A 145 26.91 25.10 -20.40
C THR A 145 25.54 25.43 -21.01
N ALA A 146 24.61 25.81 -20.14
CA ALA A 146 23.31 26.29 -20.58
C ALA A 146 23.43 27.44 -21.59
N TRP A 147 24.26 28.40 -21.26
CA TRP A 147 24.49 29.50 -22.13
C TRP A 147 25.24 29.08 -23.38
N GLU A 148 26.25 28.27 -23.22
CA GLU A 148 27.12 27.93 -24.36
C GLU A 148 26.40 27.09 -25.41
N THR A 149 25.31 26.44 -25.03
CA THR A 149 24.57 25.59 -25.96
C THR A 149 23.45 26.33 -26.72
N LEU A 150 23.24 27.62 -26.43
CA LEU A 150 22.31 28.45 -27.22
C LEU A 150 23.01 28.81 -28.51
N SER A 151 22.32 28.96 -29.61
CA SER A 151 22.93 29.41 -30.87
C SER A 151 23.51 30.81 -30.75
N PRO A 152 24.48 31.14 -31.60
CA PRO A 152 24.97 32.50 -31.57
C PRO A 152 23.86 33.56 -31.76
N THR A 153 22.91 33.34 -32.69
CA THR A 153 21.79 34.25 -32.83
C THR A 153 20.94 34.41 -31.55
N MET A 154 20.62 33.30 -30.91
CA MET A 154 19.84 33.42 -29.64
C MET A 154 20.69 34.17 -28.59
N GLN A 155 21.99 33.90 -28.51
CA GLN A 155 22.82 34.63 -27.58
C GLN A 155 22.81 36.12 -27.88
N ALA A 156 23.07 36.49 -29.11
CA ALA A 156 23.02 37.94 -29.49
C ALA A 156 21.69 38.59 -29.15
N THR A 157 20.59 37.82 -29.26
CA THR A 157 19.26 38.31 -28.99
C THR A 157 19.03 38.60 -27.52
N ILE A 158 19.51 37.79 -26.62
CA ILE A 158 19.17 38.02 -25.18
C ILE A 158 20.30 38.62 -24.35
N GLU A 159 21.55 38.59 -24.85
CA GLU A 159 22.72 39.26 -24.29
C GLU A 159 22.46 40.54 -23.53
N GLY A 160 21.68 41.44 -24.13
CA GLY A 160 21.46 42.78 -23.59
C GLY A 160 20.33 42.90 -22.59
N LEU A 161 19.54 41.87 -22.44
CA LEU A 161 18.37 41.93 -21.59
C LEU A 161 18.69 41.81 -20.13
N ASN A 162 17.98 42.55 -19.32
CA ASN A 162 17.94 42.41 -17.88
C ASN A 162 16.66 41.73 -17.44
N VAL A 163 16.68 41.14 -16.23
CA VAL A 163 15.52 40.43 -15.69
C VAL A 163 15.19 40.99 -14.34
N VAL A 164 13.89 41.12 -14.03
CA VAL A 164 13.45 41.61 -12.75
C VAL A 164 13.27 40.41 -11.82
N HIS A 165 13.91 40.44 -10.66
CA HIS A 165 13.83 39.33 -9.67
C HIS A 165 13.08 39.84 -8.48
N SER A 166 12.33 38.98 -7.83
CA SER A 166 11.74 39.35 -6.56
C SER A 166 11.26 38.12 -5.84
N ALA A 167 11.08 38.25 -4.54
CA ALA A 167 10.64 37.11 -3.76
C ALA A 167 9.13 37.00 -3.59
N THR A 168 8.38 37.66 -4.46
CA THR A 168 6.94 37.81 -4.26
C THR A 168 6.21 36.46 -4.26
N ARG A 169 6.72 35.48 -4.98
CA ARG A 169 6.07 34.16 -5.01
C ARG A 169 6.44 33.31 -3.83
N VAL A 170 7.54 33.63 -3.17
CA VAL A 170 8.02 32.82 -2.07
C VAL A 170 7.48 33.33 -0.75
N PHE A 171 7.62 34.63 -0.50
CA PHE A 171 7.08 35.20 0.74
C PHE A 171 6.51 36.64 0.64
N GLY A 172 6.23 37.07 -0.57
CA GLY A 172 5.52 38.33 -0.77
C GLY A 172 4.02 38.10 -0.92
N SER A 173 3.38 39.06 -1.59
CA SER A 173 1.93 39.14 -1.73
C SER A 173 1.32 38.05 -2.57
N LEU A 174 2.04 37.54 -3.57
CA LEU A 174 1.56 36.42 -4.38
C LEU A 174 1.47 35.15 -3.58
N TYR A 175 2.50 34.85 -2.81
CA TYR A 175 2.48 33.76 -1.82
C TYR A 175 1.33 33.94 -0.84
N GLN A 176 1.23 35.13 -0.24
CA GLN A 176 0.09 35.52 0.62
C GLN A 176 -1.31 35.22 0.00
N ALA A 177 -1.46 35.39 -1.31
CA ALA A 177 -2.71 35.09 -2.03
C ALA A 177 -3.11 33.63 -1.96
N GLN A 178 -2.20 32.64 -2.17
CA GLN A 178 -2.54 31.19 -1.95
C GLN A 178 -3.16 30.68 -0.59
N ASN A 179 -3.82 31.50 0.22
CA ASN A 179 -4.73 31.06 1.37
C ASN A 179 -5.84 30.10 0.86
N MET A 190 8.57 43.87 8.56
CA MET A 190 7.59 43.14 7.73
C MET A 190 8.15 42.05 6.77
N ASP A 191 7.39 40.94 6.68
CA ASP A 191 7.62 39.82 5.75
C ASP A 191 7.40 40.35 4.29
N VAL A 192 6.20 40.90 4.05
CA VAL A 192 5.64 41.17 2.71
C VAL A 192 6.43 42.16 1.84
N ASP A 193 6.77 43.35 2.37
CA ASP A 193 7.44 44.39 1.55
C ASP A 193 8.84 44.02 1.04
N ALA A 194 9.55 43.24 1.84
CA ALA A 194 10.85 42.64 1.43
C ALA A 194 10.68 41.51 0.41
N GLY A 195 9.58 40.76 0.55
CA GLY A 195 9.15 39.75 -0.43
C GLY A 195 8.75 40.31 -1.78
N ASP A 196 8.08 41.47 -1.76
CA ASP A 196 7.72 42.18 -2.97
C ASP A 196 8.81 43.04 -3.57
N ARG A 197 9.82 43.43 -2.80
CA ARG A 197 10.89 44.27 -3.34
C ARG A 197 11.59 43.63 -4.57
N GLU A 198 11.64 44.42 -5.65
CA GLU A 198 12.25 43.98 -6.91
C GLU A 198 13.69 44.47 -7.02
N THR A 199 14.52 43.68 -7.67
CA THR A 199 15.87 44.07 -8.07
C THR A 199 16.04 43.65 -9.53
N VAL A 200 17.07 44.12 -10.18
CA VAL A 200 17.32 43.85 -11.59
C VAL A 200 18.69 43.25 -11.79
N HIS A 201 18.79 42.17 -12.54
CA HIS A 201 20.06 41.52 -12.85
C HIS A 201 20.18 41.23 -14.32
N PRO A 202 21.39 41.14 -14.85
CA PRO A 202 21.46 40.76 -16.26
C PRO A 202 20.97 39.35 -16.54
N LEU A 203 20.65 39.10 -17.78
CA LEU A 203 20.13 37.80 -18.19
C LEU A 203 21.32 36.87 -18.34
N VAL A 204 22.48 37.44 -18.72
CA VAL A 204 23.74 36.73 -18.87
C VAL A 204 24.76 37.47 -18.05
N VAL A 205 25.47 36.74 -17.20
CA VAL A 205 26.46 37.33 -16.25
C VAL A 205 27.82 36.76 -16.54
N THR A 206 28.84 37.61 -16.41
CA THR A 206 30.23 37.17 -16.50
C THR A 206 30.73 36.86 -15.09
N HIS A 207 31.14 35.61 -14.86
CA HIS A 207 31.68 35.19 -13.53
C HIS A 207 32.83 36.12 -13.10
N PRO A 208 32.75 36.65 -11.89
CA PRO A 208 33.77 37.64 -11.45
C PRO A 208 35.22 37.06 -11.29
N GLU A 209 35.38 35.75 -11.16
CA GLU A 209 36.68 35.07 -11.07
C GLU A 209 37.06 34.38 -12.36
N THR A 210 36.17 33.62 -12.98
CA THR A 210 36.56 32.86 -14.20
C THR A 210 36.47 33.67 -15.47
N GLY A 211 35.64 34.69 -15.50
CA GLY A 211 35.43 35.50 -16.71
C GLY A 211 34.52 34.86 -17.73
N ARG A 212 33.86 33.75 -17.34
CA ARG A 212 33.03 32.96 -18.23
C ARG A 212 31.62 33.44 -18.17
N LYS A 213 31.00 33.56 -19.32
CA LYS A 213 29.59 33.95 -19.38
C LYS A 213 28.74 32.72 -19.05
N GLY A 214 27.79 32.92 -18.15
CA GLY A 214 26.71 31.98 -17.92
C GLY A 214 25.28 32.60 -17.91
N LEU A 215 24.29 31.78 -18.14
CA LEU A 215 22.91 32.19 -18.07
C LEU A 215 22.52 32.49 -16.65
N TYR A 216 21.76 33.54 -16.43
CA TYR A 216 21.35 33.88 -15.05
C TYR A 216 19.85 34.08 -14.92
N VAL A 217 19.15 33.00 -14.84
CA VAL A 217 17.70 33.08 -14.84
C VAL A 217 17.17 31.91 -13.99
N ASN A 218 16.18 32.18 -13.14
CA ASN A 218 15.55 31.10 -12.44
C ASN A 218 14.08 31.30 -12.19
N GLN A 219 13.40 30.21 -12.19
CA GLN A 219 11.96 30.12 -12.16
C GLN A 219 11.30 30.56 -10.87
N VAL A 220 12.02 30.66 -9.76
CA VAL A 220 11.40 30.99 -8.48
C VAL A 220 11.30 32.48 -8.26
N TYR A 221 12.37 33.18 -8.63
CA TYR A 221 12.51 34.60 -8.39
C TYR A 221 12.34 35.55 -9.62
N CYS A 222 12.54 35.03 -10.84
CA CYS A 222 12.49 35.84 -12.03
C CYS A 222 11.05 36.03 -12.38
N GLN A 223 10.64 37.27 -12.53
CA GLN A 223 9.24 37.63 -12.68
C GLN A 223 8.89 38.05 -14.16
N ARG A 224 9.68 38.93 -14.71
CA ARG A 224 9.64 39.28 -16.10
C ARG A 224 10.98 39.87 -16.55
N ILE A 225 11.09 40.05 -17.85
CA ILE A 225 12.18 40.75 -18.46
C ILE A 225 11.96 42.24 -18.30
N GLU A 226 13.03 42.97 -18.02
CA GLU A 226 12.94 44.37 -17.69
C GLU A 226 12.43 45.18 -18.88
N GLY A 227 11.42 46.01 -18.64
CA GLY A 227 10.82 46.77 -19.73
C GLY A 227 9.79 46.08 -20.62
N MET A 228 9.60 44.78 -20.42
CA MET A 228 8.60 44.03 -21.11
C MET A 228 7.44 43.74 -20.16
N SER A 229 6.32 43.33 -20.71
CA SER A 229 5.20 42.85 -19.90
C SER A 229 5.42 41.38 -19.54
N GLU A 230 4.64 40.90 -18.62
CA GLU A 230 4.68 39.47 -18.27
C GLU A 230 4.34 38.65 -19.49
N LYS A 231 3.35 39.07 -20.31
CA LYS A 231 2.93 38.22 -21.41
C LYS A 231 4.01 38.10 -22.50
N GLU A 232 4.77 39.19 -22.67
CA GLU A 232 5.90 39.25 -23.56
C GLU A 232 7.05 38.40 -23.08
N SER A 233 7.35 38.49 -21.78
CA SER A 233 8.43 37.77 -21.13
C SER A 233 8.23 36.26 -21.03
N GLU A 234 7.00 35.82 -20.83
CA GLU A 234 6.76 34.42 -20.57
C GLU A 234 7.34 33.44 -21.59
N PRO A 235 7.05 33.61 -22.90
CA PRO A 235 7.68 32.67 -23.83
C PRO A 235 9.16 32.54 -23.64
N LEU A 236 9.87 33.63 -23.50
CA LEU A 236 11.32 33.59 -23.51
C LEU A 236 11.90 32.97 -22.22
N LEU A 237 11.44 33.48 -21.08
CA LEU A 237 11.79 32.93 -19.84
C LEU A 237 11.50 31.42 -19.74
N SER A 238 10.33 30.99 -20.21
CA SER A 238 10.00 29.59 -20.13
C SER A 238 10.95 28.71 -20.89
N PHE A 239 11.36 29.22 -22.05
CA PHE A 239 12.26 28.49 -22.86
C PHE A 239 13.59 28.35 -22.07
N LEU A 240 14.04 29.50 -21.56
CA LEU A 240 15.30 29.50 -20.86
C LEU A 240 15.26 28.59 -19.59
N PHE A 241 14.15 28.57 -18.84
CA PHE A 241 14.06 27.70 -17.69
C PHE A 241 14.28 26.25 -18.08
N ALA A 242 13.56 25.82 -19.10
CA ALA A 242 13.62 24.42 -19.56
C ALA A 242 15.00 24.02 -20.12
N HIS A 243 15.62 24.96 -20.86
CA HIS A 243 16.85 24.70 -21.54
C HIS A 243 17.99 24.48 -20.54
N ALA A 244 18.00 25.38 -19.56
CA ALA A 244 19.02 25.31 -18.55
C ALA A 244 18.97 24.10 -17.66
N THR A 245 17.87 23.36 -17.63
CA THR A 245 17.78 22.18 -16.74
C THR A 245 17.76 20.88 -17.48
N LYS A 246 18.18 20.88 -18.72
CA LYS A 246 18.33 19.62 -19.43
C LYS A 246 19.26 18.63 -18.72
N PRO A 247 18.85 17.35 -18.62
CA PRO A 247 19.70 16.40 -17.86
C PRO A 247 21.16 16.47 -18.24
N GLU A 248 21.46 16.66 -19.53
CA GLU A 248 22.89 16.71 -19.98
C GLU A 248 23.75 17.81 -19.40
N PHE A 249 23.15 18.83 -18.81
CA PHE A 249 23.90 19.90 -18.13
C PHE A 249 23.97 19.68 -16.60
N THR A 250 23.37 18.59 -16.12
CA THR A 250 23.22 18.38 -14.69
C THR A 250 24.17 17.32 -14.09
N CYS A 251 24.37 17.43 -12.79
CA CYS A 251 24.88 16.29 -11.99
C CYS A 251 24.03 16.06 -10.76
N ARG A 252 24.20 14.92 -10.14
CA ARG A 252 23.38 14.56 -8.97
C ARG A 252 24.29 14.05 -7.83
N VAL A 253 24.19 14.70 -6.70
CA VAL A 253 24.98 14.44 -5.59
C VAL A 253 24.12 13.65 -4.62
N ARG A 254 24.63 12.47 -4.23
CA ARG A 254 23.93 11.65 -3.30
C ARG A 254 24.64 11.81 -1.96
N TRP A 255 24.00 12.53 -1.04
CA TRP A 255 24.65 12.97 0.21
C TRP A 255 25.09 11.84 1.11
N GLN A 256 26.23 12.05 1.78
CA GLN A 256 26.71 11.13 2.84
C GLN A 256 27.07 12.00 4.02
N GLU A 257 26.80 11.48 5.21
CA GLU A 257 27.22 12.11 6.47
C GLU A 257 28.69 12.40 6.32
N GLY A 258 29.05 13.62 6.60
CA GLY A 258 30.44 14.05 6.50
C GLY A 258 30.80 14.77 5.21
N ASP A 259 29.92 14.78 4.19
CA ASP A 259 30.20 15.52 2.99
C ASP A 259 30.19 17.02 3.33
N VAL A 260 31.26 17.71 2.94
CA VAL A 260 31.27 19.17 2.89
C VAL A 260 31.16 19.50 1.42
N LEU A 261 30.16 20.31 1.05
CA LEU A 261 29.90 20.64 -0.35
C LEU A 261 29.84 22.14 -0.57
N VAL A 262 30.49 22.58 -1.63
CA VAL A 262 30.50 23.97 -2.03
C VAL A 262 29.91 24.14 -3.43
N TRP A 263 28.88 24.96 -3.57
CA TRP A 263 28.38 25.33 -4.93
C TRP A 263 28.57 26.80 -5.26
N ASP A 264 28.93 27.07 -6.51
CA ASP A 264 28.89 28.46 -7.01
C ASP A 264 27.44 28.90 -7.16
N ASN A 265 27.07 29.99 -6.48
CA ASN A 265 25.70 30.46 -6.53
C ASN A 265 25.35 31.29 -7.77
N LEU A 266 26.36 31.59 -8.59
CA LEU A 266 26.18 32.43 -9.79
C LEU A 266 26.01 31.55 -11.01
N CYS A 267 26.89 30.54 -11.16
CA CYS A 267 26.94 29.76 -12.37
C CYS A 267 26.32 28.39 -12.21
N THR A 268 25.64 28.09 -11.11
CA THR A 268 24.75 26.92 -11.03
C THR A 268 23.37 27.23 -10.52
N GLN A 269 22.47 26.29 -10.72
CA GLN A 269 21.17 26.21 -10.04
C GLN A 269 21.16 24.81 -9.45
N HIS A 270 20.28 24.60 -8.48
CA HIS A 270 20.16 23.30 -7.86
C HIS A 270 18.72 23.00 -7.59
N TYR A 271 18.50 21.74 -7.20
CA TYR A 271 17.16 21.23 -6.97
C TYR A 271 17.32 20.16 -5.94
N ALA A 272 16.87 20.50 -4.73
CA ALA A 272 16.92 19.57 -3.65
C ALA A 272 15.67 18.68 -3.80
N VAL A 273 15.92 17.41 -4.08
CA VAL A 273 14.86 16.48 -4.37
C VAL A 273 14.11 16.19 -3.10
N PRO A 274 12.80 16.43 -3.08
CA PRO A 274 12.08 15.88 -1.93
C PRO A 274 11.66 14.46 -2.23
N ASP A 275 12.15 13.44 -1.52
CA ASP A 275 11.71 12.08 -1.77
C ASP A 275 11.77 11.25 -0.51
N TYR A 276 11.87 11.89 0.67
CA TYR A 276 12.16 11.24 1.96
C TYR A 276 11.06 11.31 3.06
N ALA A 277 10.18 12.33 3.00
CA ALA A 277 9.06 12.55 3.91
C ALA A 277 9.09 11.76 5.20
N GLY A 278 9.52 12.42 6.27
CA GLY A 278 9.57 11.77 7.58
C GLY A 278 10.92 11.26 8.01
N LYS A 279 11.82 10.93 7.06
CA LYS A 279 13.25 10.64 7.38
C LYS A 279 13.98 11.91 7.83
N PHE A 280 14.77 11.82 8.90
CA PHE A 280 15.34 13.04 9.53
C PHE A 280 16.61 13.40 8.77
N ARG A 281 16.77 14.68 8.44
CA ARG A 281 17.87 15.17 7.58
C ARG A 281 18.37 16.41 8.27
N TYR A 282 19.67 16.49 8.55
CA TYR A 282 20.23 17.67 9.18
C TYR A 282 21.51 18.08 8.49
N LEU A 283 21.53 19.32 7.98
CA LEU A 283 22.72 19.88 7.37
C LEU A 283 22.93 21.27 7.91
N THR A 284 24.18 21.69 7.99
CA THR A 284 24.43 23.09 8.29
C THR A 284 24.97 23.72 7.04
N ARG A 285 25.04 25.04 7.08
CA ARG A 285 25.25 25.80 5.89
C ARG A 285 25.84 27.17 6.24
N THR A 286 26.88 27.58 5.51
CA THR A 286 27.34 28.97 5.55
C THR A 286 27.15 29.58 4.17
N THR A 287 27.09 30.91 4.14
CA THR A 287 26.78 31.66 2.94
C THR A 287 27.94 32.61 2.69
N VAL A 288 28.58 32.49 1.52
CA VAL A 288 29.62 33.43 1.19
C VAL A 288 29.19 34.48 0.17
N GLY A 289 29.56 35.73 0.51
CA GLY A 289 29.35 36.88 -0.32
C GLY A 289 30.20 37.00 -1.54
N GLY A 290 29.75 37.92 -2.33
CA GLY A 290 30.28 38.13 -3.70
C GLY A 290 29.82 39.44 -4.15
N VAL A 291 29.91 39.66 -5.46
CA VAL A 291 29.66 40.97 -5.99
C VAL A 291 28.35 40.81 -6.65
N ARG A 292 27.75 41.95 -6.84
CA ARG A 292 26.55 42.18 -7.64
C ARG A 292 26.79 41.50 -9.00
N PRO A 293 25.84 40.77 -9.49
CA PRO A 293 26.01 40.18 -10.82
C PRO A 293 26.13 41.22 -11.94
N ALA A 294 27.16 41.08 -12.73
CA ALA A 294 27.52 42.00 -13.79
C ALA A 294 27.60 41.33 -15.14
N ARG A 295 27.35 42.13 -16.19
CA ARG A 295 27.46 41.58 -17.56
C ARG A 295 28.64 40.80 -18.02
N PHE B 12 -10.18 64.51 -48.15
CA PHE B 12 -11.16 63.80 -49.05
C PHE B 12 -12.30 64.61 -49.63
N GLU B 13 -12.02 65.28 -50.74
CA GLU B 13 -13.03 66.03 -51.51
C GLU B 13 -13.70 65.22 -52.65
N ARG B 14 -12.95 64.33 -53.29
CA ARG B 14 -13.40 63.56 -54.45
C ARG B 14 -14.02 62.18 -54.14
N ILE B 15 -13.86 61.67 -52.94
CA ILE B 15 -14.39 60.38 -52.57
C ILE B 15 -15.00 60.45 -51.17
N ALA B 16 -15.90 59.50 -50.87
CA ALA B 16 -16.40 59.33 -49.51
C ALA B 16 -15.73 58.11 -48.80
N VAL B 17 -15.08 58.39 -47.68
CA VAL B 17 -14.32 57.40 -46.92
C VAL B 17 -14.97 57.15 -45.59
N GLN B 18 -15.57 55.98 -45.42
CA GLN B 18 -16.13 55.58 -44.12
C GLN B 18 -15.23 54.51 -43.44
N PRO B 19 -14.46 54.91 -42.43
CA PRO B 19 -13.70 53.87 -41.71
C PRO B 19 -14.58 52.84 -41.10
N LEU B 20 -14.08 51.62 -41.09
CA LEU B 20 -14.80 50.44 -40.65
C LEU B 20 -14.61 50.23 -39.18
N THR B 21 -13.39 50.45 -38.74
CA THR B 21 -13.04 50.43 -37.32
C THR B 21 -12.13 51.59 -37.02
N GLY B 22 -11.84 51.78 -35.73
CA GLY B 22 -10.86 52.77 -35.29
C GLY B 22 -9.45 52.46 -35.68
N VAL B 23 -9.19 51.22 -36.11
CA VAL B 23 -7.85 50.76 -36.37
C VAL B 23 -7.55 50.55 -37.84
N LEU B 24 -8.44 49.92 -38.60
CA LEU B 24 -8.17 49.73 -40.02
C LEU B 24 -9.45 49.44 -40.78
N GLY B 25 -9.36 49.61 -42.10
CA GLY B 25 -10.48 49.32 -43.00
C GLY B 25 -11.29 50.55 -43.32
N ALA B 26 -11.62 50.72 -44.59
CA ALA B 26 -12.57 51.76 -45.00
C ALA B 26 -13.41 51.37 -46.17
N GLU B 27 -14.68 51.74 -46.12
CA GLU B 27 -15.57 51.72 -47.28
C GLU B 27 -15.36 53.00 -48.06
N ILE B 28 -15.26 52.86 -49.36
CA ILE B 28 -15.10 54.02 -50.25
C ILE B 28 -16.20 54.04 -51.29
N THR B 29 -16.98 55.11 -51.29
CA THR B 29 -18.05 55.32 -52.25
C THR B 29 -17.82 56.60 -53.01
N GLY B 30 -18.72 56.87 -53.97
CA GLY B 30 -18.66 58.05 -54.79
C GLY B 30 -17.61 57.88 -55.88
N VAL B 31 -17.42 56.64 -56.37
CA VAL B 31 -16.49 56.36 -57.46
C VAL B 31 -17.05 55.21 -58.30
N ASP B 32 -16.88 55.33 -59.60
CA ASP B 32 -17.27 54.32 -60.54
C ASP B 32 -15.96 53.83 -61.18
N LEU B 33 -15.58 52.61 -60.82
CA LEU B 33 -14.32 52.03 -61.30
C LEU B 33 -14.31 51.61 -62.78
N ARG B 34 -15.45 51.75 -63.46
CA ARG B 34 -15.48 51.62 -64.92
C ARG B 34 -14.82 52.83 -65.58
N GLU B 35 -15.02 54.01 -64.99
CA GLU B 35 -14.38 55.24 -65.48
C GLU B 35 -12.93 55.28 -65.05
N PRO B 36 -12.02 55.76 -65.94
CA PRO B 36 -10.64 55.98 -65.45
C PRO B 36 -10.68 57.23 -64.54
N LEU B 37 -9.64 57.40 -63.76
CA LEU B 37 -9.69 58.28 -62.59
C LEU B 37 -8.72 59.43 -62.77
N ASP B 38 -9.19 60.65 -62.57
CA ASP B 38 -8.21 61.77 -62.63
C ASP B 38 -7.18 61.67 -61.49
N ASP B 39 -6.02 62.23 -61.75
CA ASP B 39 -4.95 62.38 -60.79
C ASP B 39 -5.37 62.71 -59.34
N SER B 40 -6.28 63.66 -59.13
CA SER B 40 -6.56 64.09 -57.75
C SER B 40 -7.41 63.03 -57.01
N THR B 41 -8.30 62.38 -57.76
CA THR B 41 -9.13 61.29 -57.24
C THR B 41 -8.34 60.04 -56.90
N TRP B 42 -7.43 59.67 -57.79
CA TRP B 42 -6.61 58.51 -57.59
C TRP B 42 -5.76 58.72 -56.32
N ASN B 43 -5.15 59.91 -56.22
CA ASN B 43 -4.34 60.30 -55.08
C ASN B 43 -5.08 60.16 -53.78
N GLU B 44 -6.38 60.45 -53.77
CA GLU B 44 -7.19 60.27 -52.55
C GLU B 44 -7.43 58.80 -52.25
N ILE B 45 -7.69 58.00 -53.28
CA ILE B 45 -7.82 56.56 -53.11
C ILE B 45 -6.55 55.98 -52.46
N LEU B 46 -5.40 56.41 -52.98
CA LEU B 46 -4.13 55.88 -52.60
C LEU B 46 -3.79 56.36 -51.19
N ASP B 47 -4.11 57.63 -50.91
CA ASP B 47 -4.00 58.18 -49.58
C ASP B 47 -4.85 57.30 -48.59
N ALA B 48 -6.07 56.99 -48.97
CA ALA B 48 -6.95 56.13 -48.16
C ALA B 48 -6.44 54.69 -48.00
N PHE B 49 -5.93 54.12 -49.07
CA PHE B 49 -5.29 52.81 -49.02
C PHE B 49 -4.15 52.76 -47.97
N HIS B 50 -3.31 53.78 -47.98
CA HIS B 50 -2.14 53.84 -47.11
C HIS B 50 -2.46 54.09 -45.62
N THR B 51 -3.54 54.81 -45.33
CA THR B 51 -3.99 55.00 -43.97
C THR B 51 -4.79 53.81 -43.49
N TYR B 52 -5.77 53.37 -44.25
CA TYR B 52 -6.72 52.37 -43.78
C TYR B 52 -6.32 50.92 -44.11
N GLN B 53 -5.41 50.74 -45.05
CA GLN B 53 -4.73 49.45 -45.27
C GLN B 53 -5.51 48.35 -45.97
N VAL B 54 -6.78 48.29 -45.71
CA VAL B 54 -7.67 47.48 -46.51
C VAL B 54 -8.87 48.37 -46.84
N ILE B 55 -9.16 48.51 -48.12
CA ILE B 55 -10.27 49.36 -48.60
C ILE B 55 -11.16 48.59 -49.56
N TYR B 56 -12.43 48.88 -49.49
CA TYR B 56 -13.32 48.31 -50.47
C TYR B 56 -14.32 49.33 -51.01
N PHE B 57 -14.72 49.09 -52.24
CA PHE B 57 -15.63 49.95 -53.01
C PHE B 57 -16.89 49.13 -53.35
N PRO B 58 -18.01 49.37 -52.64
CA PRO B 58 -19.22 48.60 -52.97
C PRO B 58 -19.89 49.03 -54.25
N GLY B 59 -20.78 48.16 -54.70
CA GLY B 59 -21.64 48.44 -55.84
C GLY B 59 -20.95 48.54 -57.19
N GLN B 60 -19.75 48.01 -57.36
CA GLN B 60 -19.13 48.13 -58.69
C GLN B 60 -19.59 47.06 -59.63
N ALA B 61 -19.52 47.41 -60.90
CA ALA B 61 -19.87 46.52 -61.99
C ALA B 61 -18.79 46.68 -63.03
N ILE B 62 -17.70 45.96 -62.89
CA ILE B 62 -16.54 46.12 -63.78
C ILE B 62 -16.28 44.83 -64.52
N THR B 63 -15.54 44.95 -65.61
CA THR B 63 -15.13 43.82 -66.43
C THR B 63 -13.69 43.42 -65.96
N ASN B 64 -13.21 42.29 -66.46
CA ASN B 64 -11.87 41.88 -66.27
C ASN B 64 -10.82 42.91 -66.71
N GLU B 65 -11.05 43.65 -67.77
CA GLU B 65 -10.05 44.66 -68.24
C GLU B 65 -10.01 45.84 -67.29
N GLN B 66 -11.19 46.24 -66.83
CA GLN B 66 -11.28 47.37 -65.91
C GLN B 66 -10.64 47.07 -64.59
N HIS B 67 -10.95 45.89 -64.03
CA HIS B 67 -10.29 45.30 -62.84
C HIS B 67 -8.78 45.42 -62.98
N ILE B 68 -8.25 44.89 -64.09
CA ILE B 68 -6.83 44.90 -64.33
C ILE B 68 -6.31 46.31 -64.28
N ALA B 69 -6.98 47.19 -64.97
CA ALA B 69 -6.56 48.56 -65.13
C ALA B 69 -6.49 49.30 -63.82
N PHE B 70 -7.48 49.04 -62.97
CA PHE B 70 -7.55 49.66 -61.68
C PHE B 70 -6.35 49.15 -60.79
N SER B 71 -6.12 47.84 -60.85
CA SER B 71 -5.06 47.21 -60.15
C SER B 71 -3.72 47.80 -60.54
N ARG B 72 -3.59 48.16 -61.82
CA ARG B 72 -2.33 48.66 -62.34
C ARG B 72 -1.96 50.03 -61.85
N ARG B 73 -2.92 50.79 -61.35
CA ARG B 73 -2.64 52.06 -60.66
C ARG B 73 -1.88 51.87 -59.38
N PHE B 74 -1.98 50.69 -58.73
CA PHE B 74 -1.22 50.41 -57.47
C PHE B 74 0.15 49.91 -57.74
N GLY B 75 0.41 49.31 -58.90
CA GLY B 75 1.72 48.76 -59.21
C GLY B 75 1.61 47.76 -60.36
N PRO B 76 2.73 47.19 -60.82
CA PRO B 76 2.67 46.19 -61.90
C PRO B 76 1.73 45.03 -61.50
N VAL B 77 1.00 44.51 -62.49
CA VAL B 77 0.29 43.27 -62.28
C VAL B 77 0.67 42.28 -63.34
N ASP B 78 0.72 41.05 -62.93
CA ASP B 78 1.60 40.05 -63.46
C ASP B 78 0.84 38.72 -63.23
N PRO B 79 0.90 37.80 -64.18
CA PRO B 79 0.27 36.52 -63.90
C PRO B 79 1.05 35.78 -62.76
N VAL B 80 0.32 35.34 -61.76
CA VAL B 80 0.82 34.46 -60.69
C VAL B 80 0.56 33.01 -61.16
N PRO B 81 1.60 32.25 -61.56
CA PRO B 81 1.44 31.08 -62.36
C PRO B 81 1.12 29.89 -61.45
N LEU B 82 1.00 30.16 -60.17
CA LEU B 82 0.74 29.13 -59.14
C LEU B 82 -0.73 28.92 -58.93
N LEU B 83 -1.58 29.76 -59.50
CA LEU B 83 -2.97 29.86 -59.29
C LEU B 83 -3.81 29.82 -60.59
N LYS B 84 -5.10 29.66 -60.46
CA LYS B 84 -6.05 29.16 -61.47
C LYS B 84 -6.01 29.93 -62.79
N SER B 85 -6.25 31.19 -62.73
CA SER B 85 -6.20 32.14 -63.86
C SER B 85 -7.33 31.98 -64.89
N ILE B 86 -8.00 33.08 -65.20
CA ILE B 86 -9.20 33.11 -66.07
C ILE B 86 -8.84 32.94 -67.55
N GLU B 87 -9.78 32.35 -68.29
CA GLU B 87 -9.72 32.21 -69.75
C GLU B 87 -9.57 33.61 -70.41
N GLY B 88 -8.51 33.78 -71.16
CA GLY B 88 -8.19 35.01 -71.88
C GLY B 88 -7.61 36.20 -71.12
N TYR B 89 -7.38 36.02 -69.83
CA TYR B 89 -6.97 37.12 -68.96
C TYR B 89 -6.04 36.53 -67.92
N PRO B 90 -4.80 36.19 -68.31
CA PRO B 90 -3.85 35.51 -67.44
C PRO B 90 -3.52 36.18 -66.08
N GLU B 91 -3.72 37.50 -65.99
CA GLU B 91 -3.49 38.29 -64.76
C GLU B 91 -4.58 38.16 -63.69
N VAL B 92 -5.71 37.60 -64.05
CA VAL B 92 -6.85 37.57 -63.17
C VAL B 92 -6.97 36.13 -62.69
N GLN B 93 -6.72 35.92 -61.42
CA GLN B 93 -6.85 34.61 -60.82
C GLN B 93 -8.24 34.45 -60.27
N MET B 94 -8.73 33.21 -60.20
CA MET B 94 -10.08 32.95 -59.65
C MET B 94 -10.07 32.22 -58.30
N ILE B 95 -11.13 32.42 -57.54
CA ILE B 95 -11.28 31.90 -56.18
C ILE B 95 -12.72 31.38 -56.08
N ARG B 96 -12.83 30.05 -55.79
CA ARG B 96 -14.03 29.18 -55.99
C ARG B 96 -14.19 28.18 -54.83
N GLU B 108 -8.47 27.01 -42.15
CA GLU B 108 -7.72 28.24 -42.43
C GLU B 108 -6.87 28.78 -41.27
N ASN B 109 -5.90 29.61 -41.63
CA ASN B 109 -5.08 30.35 -40.69
C ASN B 109 -4.76 31.72 -41.12
N TRP B 110 -4.52 32.57 -40.12
CA TRP B 110 -4.06 33.90 -40.36
C TRP B 110 -2.81 33.84 -41.19
N HIS B 111 -2.79 34.57 -42.31
CA HIS B 111 -1.59 34.74 -43.09
C HIS B 111 -1.66 35.99 -43.95
N THR B 112 -0.54 36.28 -44.61
CA THR B 112 -0.55 37.18 -45.76
C THR B 112 -0.02 36.40 -46.95
N ASP B 113 -0.13 36.91 -48.16
CA ASP B 113 0.02 36.05 -49.31
C ASP B 113 1.45 35.77 -49.69
N SER B 114 1.75 34.48 -49.86
CA SER B 114 2.96 34.04 -50.49
C SER B 114 4.31 34.60 -49.96
N THR B 115 4.49 34.58 -48.64
CA THR B 115 5.69 35.17 -48.06
C THR B 115 6.94 34.31 -48.24
N PHE B 116 6.73 33.12 -48.73
CA PHE B 116 7.81 32.29 -49.21
C PHE B 116 8.53 32.82 -50.45
N LEU B 117 8.00 33.82 -51.14
CA LEU B 117 8.77 34.42 -52.22
C LEU B 117 9.76 35.47 -51.67
N ASP B 118 10.87 35.72 -52.39
CA ASP B 118 11.76 36.83 -52.07
C ASP B 118 10.99 38.11 -52.15
N ALA B 119 10.07 38.17 -53.12
CA ALA B 119 9.28 39.40 -53.41
C ALA B 119 7.82 39.03 -53.43
N PRO B 120 7.20 39.07 -52.26
CA PRO B 120 5.78 38.72 -52.24
C PRO B 120 4.95 39.84 -52.86
N PRO B 121 3.69 39.58 -53.18
CA PRO B 121 2.89 40.69 -53.63
C PRO B 121 2.86 41.87 -52.65
N ALA B 122 2.77 43.08 -53.24
CA ALA B 122 2.54 44.33 -52.47
C ALA B 122 1.11 44.49 -52.05
N ALA B 123 0.18 43.92 -52.84
CA ALA B 123 -1.24 44.11 -52.65
C ALA B 123 -2.09 43.18 -53.51
N VAL B 124 -3.35 43.10 -53.17
CA VAL B 124 -4.26 42.30 -53.96
C VAL B 124 -5.63 42.97 -54.07
N VAL B 125 -6.19 42.90 -55.28
CA VAL B 125 -7.46 43.49 -55.55
C VAL B 125 -8.37 42.38 -56.01
N MET B 126 -9.41 42.22 -55.19
CA MET B 126 -10.33 41.14 -55.20
C MET B 126 -11.70 41.68 -55.58
N TYR B 127 -12.42 40.97 -56.44
CA TYR B 127 -13.74 41.40 -56.92
C TYR B 127 -14.75 40.32 -56.63
N ALA B 128 -15.78 40.68 -55.87
CA ALA B 128 -16.81 39.73 -55.49
C ALA B 128 -17.85 39.66 -56.60
N LYS B 129 -17.97 38.50 -57.23
CA LYS B 129 -18.88 38.28 -58.34
C LYS B 129 -20.16 37.60 -57.90
N GLU B 130 -20.06 36.52 -57.15
CA GLU B 130 -21.21 35.78 -56.64
C GLU B 130 -20.97 35.53 -55.12
N ILE B 131 -21.94 35.89 -54.28
CA ILE B 131 -21.81 35.63 -52.84
C ILE B 131 -23.08 34.97 -52.26
N PRO B 132 -22.92 34.21 -51.20
CA PRO B 132 -24.14 33.78 -50.51
C PRO B 132 -24.70 34.94 -49.68
N PRO B 133 -25.98 34.86 -49.26
CA PRO B 133 -26.56 36.03 -48.57
C PRO B 133 -25.82 36.42 -47.28
N TYR B 134 -25.25 35.43 -46.59
CA TYR B 134 -24.41 35.62 -45.42
C TYR B 134 -23.29 34.55 -45.46
N GLY B 135 -22.48 34.48 -44.40
CA GLY B 135 -21.29 33.64 -44.46
C GLY B 135 -20.14 33.99 -45.45
N GLY B 136 -18.95 33.57 -45.04
CA GLY B 136 -17.75 33.89 -45.77
C GLY B 136 -17.07 35.24 -45.53
N ASP B 137 -17.19 35.80 -44.35
CA ASP B 137 -16.56 37.06 -44.03
C ASP B 137 -15.03 36.89 -44.13
N THR B 138 -14.31 37.99 -44.36
CA THR B 138 -12.86 37.96 -44.32
C THR B 138 -12.38 38.95 -43.24
N LEU B 139 -11.55 38.46 -42.33
CA LEU B 139 -10.92 39.30 -41.30
C LEU B 139 -9.60 39.87 -41.82
N PHE B 140 -9.19 41.01 -41.28
CA PHE B 140 -7.89 41.62 -41.55
C PHE B 140 -7.33 42.15 -40.24
N THR B 141 -5.99 42.06 -39.98
CA THR B 141 -5.34 42.87 -38.94
C THR B 141 -4.31 43.79 -39.47
N SER B 142 -4.09 44.85 -38.71
CA SER B 142 -3.00 45.78 -38.92
C SER B 142 -1.72 45.35 -38.21
N MET B 143 -0.73 44.96 -39.01
CA MET B 143 0.53 44.64 -38.49
C MET B 143 1.28 45.88 -38.03
N TYR B 144 0.87 47.07 -38.44
CA TYR B 144 1.49 48.30 -37.91
C TYR B 144 1.12 48.42 -36.43
N THR B 145 -0.14 48.19 -36.15
CA THR B 145 -0.68 48.35 -34.81
C THR B 145 -0.14 47.23 -33.93
N ALA B 146 -0.02 46.05 -34.53
CA ALA B 146 0.63 44.91 -33.87
C ALA B 146 2.03 45.27 -33.36
N TRP B 147 2.80 45.88 -34.23
CA TRP B 147 4.13 46.29 -33.87
C TRP B 147 4.10 47.42 -32.88
N GLU B 148 3.24 48.39 -33.08
CA GLU B 148 3.26 49.59 -32.23
C GLU B 148 2.82 49.31 -30.81
N THR B 149 2.13 48.20 -30.58
CA THR B 149 1.66 47.84 -29.25
C THR B 149 2.64 46.97 -28.45
N LEU B 150 3.77 46.59 -29.05
CA LEU B 150 4.85 45.91 -28.29
C LEU B 150 5.57 46.96 -27.49
N SER B 151 6.08 46.64 -26.33
CA SER B 151 6.91 47.58 -25.54
C SER B 151 8.16 47.98 -26.29
N PRO B 152 8.72 49.14 -25.93
CA PRO B 152 9.99 49.51 -26.55
C PRO B 152 11.09 48.43 -26.35
N THR B 153 11.20 47.84 -25.15
CA THR B 153 12.14 46.76 -24.95
C THR B 153 11.92 45.54 -25.86
N MET B 154 10.66 45.11 -25.99
CA MET B 154 10.40 43.97 -26.91
C MET B 154 10.73 44.39 -28.35
N GLN B 155 10.41 45.61 -28.75
CA GLN B 155 10.77 46.05 -30.10
C GLN B 155 12.28 46.02 -30.29
N ALA B 156 13.03 46.63 -29.39
CA ALA B 156 14.50 46.60 -29.50
C ALA B 156 15.07 45.19 -29.59
N THR B 157 14.41 44.23 -28.88
CA THR B 157 14.84 42.86 -28.86
C THR B 157 14.65 42.15 -30.19
N ILE B 158 13.56 42.37 -30.89
CA ILE B 158 13.33 41.60 -32.13
C ILE B 158 13.60 42.36 -33.44
N GLU B 159 13.68 43.69 -33.37
CA GLU B 159 14.13 44.59 -34.45
C GLU B 159 15.10 44.01 -35.45
N GLY B 160 16.15 43.40 -34.97
CA GLY B 160 17.27 42.91 -35.79
C GLY B 160 17.10 41.52 -36.36
N LEU B 161 16.09 40.79 -35.91
CA LEU B 161 15.90 39.42 -36.32
C LEU B 161 15.32 39.27 -37.67
N ASN B 162 15.79 38.29 -38.41
CA ASN B 162 15.17 37.82 -39.63
C ASN B 162 14.44 36.52 -39.41
N VAL B 163 13.49 36.19 -40.30
CA VAL B 163 12.70 34.98 -40.19
C VAL B 163 12.80 34.19 -41.47
N VAL B 164 12.86 32.87 -41.38
CA VAL B 164 12.91 31.99 -42.52
C VAL B 164 11.49 31.63 -42.92
N HIS B 165 11.13 31.86 -44.16
CA HIS B 165 9.77 31.57 -44.67
C HIS B 165 9.88 30.45 -45.66
N SER B 166 8.88 29.59 -45.72
CA SER B 166 8.85 28.60 -46.78
C SER B 166 7.46 28.01 -46.88
N ALA B 167 7.18 27.41 -48.02
CA ALA B 167 5.86 26.84 -48.21
C ALA B 167 5.77 25.38 -47.84
N THR B 168 6.69 24.88 -47.04
CA THR B 168 6.81 23.44 -46.81
C THR B 168 5.56 22.85 -46.14
N ARG B 169 4.85 23.65 -45.34
CA ARG B 169 3.63 23.15 -44.69
C ARG B 169 2.44 23.20 -45.59
N VAL B 170 2.48 24.02 -46.63
CA VAL B 170 1.34 24.19 -47.50
C VAL B 170 1.41 23.23 -48.68
N PHE B 171 2.55 23.19 -49.36
CA PHE B 171 2.70 22.25 -50.49
C PHE B 171 4.10 21.63 -50.68
N GLY B 172 4.93 21.69 -49.64
CA GLY B 172 6.19 20.98 -49.64
C GLY B 172 6.05 19.62 -48.96
N SER B 173 7.19 19.14 -48.47
CA SER B 173 7.36 17.80 -47.93
C SER B 173 6.60 17.55 -46.63
N LEU B 174 6.43 18.59 -45.80
CA LEU B 174 5.67 18.46 -44.56
C LEU B 174 4.19 18.23 -44.85
N TYR B 175 3.63 19.02 -45.77
CA TYR B 175 2.28 18.80 -46.29
C TYR B 175 2.16 17.40 -46.88
N GLN B 176 3.08 17.04 -47.77
CA GLN B 176 3.17 15.66 -48.30
C GLN B 176 3.13 14.55 -47.26
N ALA B 177 3.73 14.76 -46.08
CA ALA B 177 3.68 13.79 -44.94
C ALA B 177 2.22 13.49 -44.51
N GLN B 178 1.60 13.42 -43.33
CA GLN B 178 0.09 13.36 -43.30
C GLN B 178 -0.70 12.18 -43.99
N ASN B 179 -0.11 11.35 -44.91
CA ASN B 179 -0.91 10.43 -45.78
C ASN B 179 -1.83 9.46 -45.08
N MET B 190 8.81 21.09 -60.59
CA MET B 190 8.35 20.40 -59.39
C MET B 190 7.46 21.21 -58.40
N ASP B 191 6.46 20.51 -57.87
CA ASP B 191 5.59 21.04 -56.77
C ASP B 191 6.43 21.14 -55.47
N VAL B 192 7.03 20.02 -55.07
CA VAL B 192 7.71 19.83 -53.77
C VAL B 192 8.90 20.76 -53.50
N ASP B 193 9.86 20.82 -54.45
CA ASP B 193 11.10 21.60 -54.24
C ASP B 193 10.89 23.12 -54.11
N ALA B 194 9.89 23.63 -54.82
CA ALA B 194 9.42 25.03 -54.67
C ALA B 194 8.68 25.27 -53.34
N GLY B 195 7.96 24.26 -52.88
CA GLY B 195 7.33 24.22 -51.55
C GLY B 195 8.31 24.20 -50.39
N ASP B 196 9.41 23.47 -50.57
CA ASP B 196 10.49 23.43 -49.58
C ASP B 196 11.47 24.59 -49.67
N ARG B 197 11.57 25.28 -50.80
CA ARG B 197 12.50 26.40 -50.92
C ARG B 197 12.27 27.48 -49.84
N GLU B 198 13.35 27.83 -49.14
CA GLU B 198 13.33 28.84 -48.09
C GLU B 198 13.77 30.19 -48.61
N THR B 199 13.20 31.25 -48.06
CA THR B 199 13.66 32.63 -48.25
C THR B 199 13.73 33.28 -46.86
N VAL B 200 14.37 34.43 -46.77
CA VAL B 200 14.53 35.11 -45.51
C VAL B 200 13.99 36.54 -45.58
N HIS B 201 13.20 36.94 -44.60
CA HIS B 201 12.66 38.29 -44.52
C HIS B 201 12.84 38.88 -43.16
N PRO B 202 12.90 40.20 -43.05
CA PRO B 202 12.97 40.75 -41.69
C PRO B 202 11.75 40.49 -40.85
N LEU B 203 11.92 40.60 -39.56
CA LEU B 203 10.84 40.35 -38.61
C LEU B 203 10.00 41.59 -38.55
N VAL B 204 10.61 42.75 -38.78
CA VAL B 204 9.95 44.07 -38.85
C VAL B 204 10.34 44.71 -40.14
N VAL B 205 9.36 45.16 -40.88
CA VAL B 205 9.55 45.76 -42.24
C VAL B 205 9.06 47.17 -42.27
N THR B 206 9.78 48.02 -42.97
CA THR B 206 9.36 49.41 -43.19
C THR B 206 8.60 49.45 -44.52
N HIS B 207 7.33 49.86 -44.47
CA HIS B 207 6.48 49.99 -45.70
C HIS B 207 7.18 50.87 -46.74
N PRO B 208 7.30 50.38 -47.97
CA PRO B 208 8.06 51.14 -48.99
C PRO B 208 7.41 52.50 -49.41
N GLU B 209 6.12 52.70 -49.17
CA GLU B 209 5.41 53.95 -49.47
C GLU B 209 5.15 54.76 -48.21
N THR B 210 4.65 54.17 -47.12
CA THR B 210 4.31 54.94 -45.93
C THR B 210 5.49 55.23 -45.00
N GLY B 211 6.51 54.37 -45.03
CA GLY B 211 7.67 54.50 -44.15
C GLY B 211 7.42 54.00 -42.75
N ARG B 212 6.27 53.35 -42.52
CA ARG B 212 5.84 52.90 -41.21
C ARG B 212 6.32 51.51 -40.98
N LYS B 213 6.87 51.26 -39.77
CA LYS B 213 7.26 49.94 -39.40
C LYS B 213 6.02 49.12 -39.02
N GLY B 214 5.96 47.93 -39.59
CA GLY B 214 5.03 46.90 -39.13
C GLY B 214 5.68 45.51 -38.86
N LEU B 215 5.01 44.69 -38.09
CA LEU B 215 5.43 43.34 -37.82
C LEU B 215 5.27 42.50 -39.06
N TYR B 216 6.22 41.63 -39.34
CA TYR B 216 6.12 40.78 -40.54
C TYR B 216 6.32 39.32 -40.24
N VAL B 217 5.28 38.69 -39.75
CA VAL B 217 5.37 37.32 -39.35
C VAL B 217 4.03 36.63 -39.56
N ASN B 218 4.04 35.42 -40.09
CA ASN B 218 2.79 34.67 -40.16
C ASN B 218 2.97 33.19 -39.98
N GLN B 219 1.96 32.63 -39.42
CA GLN B 219 1.92 31.26 -38.95
C GLN B 219 1.95 30.20 -40.02
N VAL B 220 1.66 30.51 -41.26
CA VAL B 220 1.58 29.51 -42.32
C VAL B 220 2.92 29.24 -42.96
N TYR B 221 3.67 30.31 -43.20
CA TYR B 221 4.92 30.27 -43.89
C TYR B 221 6.23 30.41 -43.04
N CYS B 222 6.13 31.04 -41.85
CA CYS B 222 7.27 31.30 -41.03
C CYS B 222 7.61 30.04 -40.31
N GLN B 223 8.85 29.60 -40.44
CA GLN B 223 9.28 28.30 -39.97
C GLN B 223 10.16 28.39 -38.67
N ARG B 224 11.15 29.27 -38.70
CA ARG B 224 11.93 29.62 -37.55
C ARG B 224 12.59 31.00 -37.78
N ILE B 225 13.18 31.50 -36.71
CA ILE B 225 13.99 32.68 -36.75
C ILE B 225 15.36 32.30 -37.28
N GLU B 226 15.91 33.18 -38.12
CA GLU B 226 17.14 32.87 -38.83
C GLU B 226 18.31 32.73 -37.85
N GLY B 227 19.07 31.66 -37.98
CA GLY B 227 20.15 31.38 -37.08
C GLY B 227 19.81 30.75 -35.72
N MET B 228 18.54 30.59 -35.42
CA MET B 228 18.09 29.92 -34.25
C MET B 228 17.56 28.53 -34.63
N SER B 229 17.38 27.68 -33.63
CA SER B 229 16.72 26.41 -33.85
C SER B 229 15.19 26.60 -33.79
N GLU B 230 14.48 25.60 -34.21
CA GLU B 230 13.02 25.61 -34.08
C GLU B 230 12.63 25.74 -32.63
N LYS B 231 13.32 25.04 -31.71
CA LYS B 231 12.88 25.06 -30.32
C LYS B 231 13.07 26.43 -29.66
N GLU B 232 14.14 27.12 -30.09
CA GLU B 232 14.43 28.47 -29.67
C GLU B 232 13.41 29.47 -30.21
N SER B 233 13.09 29.32 -31.51
CA SER B 233 12.16 30.19 -32.21
C SER B 233 10.70 30.07 -31.76
N GLU B 234 10.26 28.87 -31.42
CA GLU B 234 8.87 28.66 -31.12
C GLU B 234 8.23 29.62 -30.09
N PRO B 235 8.83 29.73 -28.88
CA PRO B 235 8.21 30.68 -27.96
C PRO B 235 7.98 32.05 -28.56
N LEU B 236 8.95 32.59 -29.25
CA LEU B 236 8.87 33.97 -29.70
C LEU B 236 7.84 34.15 -30.84
N LEU B 237 7.99 33.33 -31.88
CA LEU B 237 7.05 33.32 -32.92
C LEU B 237 5.60 33.12 -32.44
N SER B 238 5.38 32.20 -31.52
CA SER B 238 4.04 31.95 -31.04
C SER B 238 3.42 33.15 -30.39
N PHE B 239 4.27 33.87 -29.64
CA PHE B 239 3.79 35.02 -28.97
C PHE B 239 3.36 36.04 -30.06
N LEU B 240 4.27 36.24 -31.02
CA LEU B 240 4.02 37.19 -32.05
C LEU B 240 2.75 36.84 -32.89
N PHE B 241 2.53 35.55 -33.20
CA PHE B 241 1.34 35.18 -33.95
C PHE B 241 0.10 35.62 -33.21
N ALA B 242 0.02 35.29 -31.93
CA ALA B 242 -1.15 35.58 -31.09
C ALA B 242 -1.40 37.09 -30.91
N HIS B 243 -0.30 37.83 -30.75
CA HIS B 243 -0.37 39.24 -30.43
C HIS B 243 -0.92 40.01 -31.63
N ALA B 244 -0.38 39.66 -32.79
CA ALA B 244 -0.81 40.30 -34.01
C ALA B 244 -2.25 40.07 -34.39
N THR B 245 -2.92 39.07 -33.84
CA THR B 245 -4.32 38.81 -34.23
C THR B 245 -5.30 39.09 -33.14
N LYS B 246 -4.92 39.88 -32.18
CA LYS B 246 -5.89 40.34 -31.19
C LYS B 246 -7.09 41.05 -31.80
N PRO B 247 -8.31 40.73 -31.35
CA PRO B 247 -9.49 41.36 -32.03
C PRO B 247 -9.36 42.86 -32.18
N GLU B 248 -8.79 43.53 -31.17
CA GLU B 248 -8.64 45.02 -31.24
C GLU B 248 -7.81 45.58 -32.38
N PHE B 249 -7.01 44.75 -33.04
CA PHE B 249 -6.25 45.19 -34.23
C PHE B 249 -6.95 44.77 -35.55
N THR B 250 -8.11 44.14 -35.44
CA THR B 250 -8.76 43.56 -36.60
C THR B 250 -10.00 44.35 -37.10
N CYS B 251 -10.33 44.12 -38.37
CA CYS B 251 -11.68 44.41 -38.88
C CYS B 251 -12.25 43.25 -39.63
N ARG B 252 -13.54 43.30 -39.89
CA ARG B 252 -14.22 42.20 -40.56
C ARG B 252 -15.09 42.75 -41.71
N VAL B 253 -14.84 42.24 -42.89
CA VAL B 253 -15.50 42.63 -44.05
C VAL B 253 -16.53 41.58 -44.37
N ARG B 254 -17.78 42.01 -44.51
CA ARG B 254 -18.83 41.11 -44.87
C ARG B 254 -19.13 41.34 -46.34
N TRP B 255 -18.71 40.42 -47.20
CA TRP B 255 -18.73 40.62 -48.66
C TRP B 255 -20.10 40.82 -49.25
N GLN B 256 -20.17 41.67 -50.27
CA GLN B 256 -21.39 41.87 -51.08
C GLN B 256 -20.97 41.77 -52.53
N GLU B 257 -21.83 41.18 -53.35
CA GLU B 257 -21.64 41.13 -54.81
C GLU B 257 -21.38 42.56 -55.23
N GLY B 258 -20.33 42.73 -55.98
CA GLY B 258 -19.95 44.04 -56.48
C GLY B 258 -18.86 44.74 -55.67
N ASP B 259 -18.48 44.22 -54.49
CA ASP B 259 -17.40 44.81 -53.73
C ASP B 259 -16.10 44.59 -54.51
N VAL B 260 -15.36 45.67 -54.74
CA VAL B 260 -13.95 45.60 -55.15
C VAL B 260 -13.17 45.93 -53.90
N LEU B 261 -12.26 45.04 -53.50
CA LEU B 261 -11.48 45.21 -52.27
C LEU B 261 -9.98 45.12 -52.53
N VAL B 262 -9.26 46.04 -51.93
CA VAL B 262 -7.80 46.07 -52.01
C VAL B 262 -7.18 45.93 -50.61
N TRP B 263 -6.32 44.94 -50.42
CA TRP B 263 -5.52 44.86 -49.17
C TRP B 263 -4.03 45.04 -49.40
N ASP B 264 -3.37 45.75 -48.49
CA ASP B 264 -1.90 45.78 -48.46
C ASP B 264 -1.37 44.42 -48.01
N ASN B 265 -0.56 43.77 -48.84
CA ASN B 265 -0.04 42.45 -48.51
C ASN B 265 1.16 42.46 -47.55
N LEU B 266 1.68 43.64 -47.23
CA LEU B 266 2.84 43.79 -46.36
C LEU B 266 2.40 44.07 -44.94
N CYS B 267 1.48 45.02 -44.77
CA CYS B 267 1.13 45.50 -43.45
C CYS B 267 -0.18 44.97 -42.95
N THR B 268 -0.81 44.00 -43.64
CA THR B 268 -1.91 43.25 -43.06
C THR B 268 -1.73 41.74 -43.17
N GLN B 269 -2.54 41.03 -42.38
CA GLN B 269 -2.79 39.60 -42.56
C GLN B 269 -4.30 39.50 -42.66
N HIS B 270 -4.78 38.38 -43.17
CA HIS B 270 -6.20 38.16 -43.28
C HIS B 270 -6.53 36.75 -42.96
N TYR B 271 -7.83 36.51 -42.83
CA TYR B 271 -8.34 35.20 -42.47
C TYR B 271 -9.69 35.10 -43.10
N ALA B 272 -9.75 34.28 -44.14
CA ALA B 272 -10.99 34.04 -44.84
C ALA B 272 -11.73 32.97 -44.01
N VAL B 273 -12.85 33.38 -43.44
CA VAL B 273 -13.59 32.54 -42.54
C VAL B 273 -14.26 31.46 -43.33
N PRO B 274 -13.99 30.20 -43.01
CA PRO B 274 -14.86 29.19 -43.64
C PRO B 274 -16.09 29.00 -42.77
N ASP B 275 -17.31 29.30 -43.24
CA ASP B 275 -18.49 29.07 -42.44
C ASP B 275 -19.69 28.79 -43.33
N TYR B 276 -19.45 28.47 -44.61
CA TYR B 276 -20.50 28.37 -45.65
C TYR B 276 -20.73 26.98 -46.29
N ALA B 277 -19.72 26.10 -46.27
CA ALA B 277 -19.78 24.72 -46.76
C ALA B 277 -20.94 24.39 -47.68
N GLY B 278 -20.65 24.38 -48.97
CA GLY B 278 -21.69 24.07 -49.96
C GLY B 278 -22.32 25.26 -50.65
N LYS B 279 -22.36 26.43 -50.00
CA LYS B 279 -22.78 27.69 -50.67
C LYS B 279 -21.77 28.15 -51.71
N PHE B 280 -22.23 28.54 -52.90
CA PHE B 280 -21.31 28.85 -54.02
C PHE B 280 -20.81 30.26 -53.86
N ARG B 281 -19.50 30.45 -54.04
CA ARG B 281 -18.81 31.71 -53.77
C ARG B 281 -17.87 31.88 -54.96
N TYR B 282 -17.92 33.03 -55.63
CA TYR B 282 -17.02 33.28 -56.76
C TYR B 282 -16.45 34.68 -56.66
N LEU B 283 -15.12 34.76 -56.60
CA LEU B 283 -14.43 36.03 -56.61
C LEU B 283 -13.30 35.97 -57.61
N THR B 284 -12.96 37.09 -58.21
CA THR B 284 -11.74 37.14 -59.00
C THR B 284 -10.76 37.99 -58.25
N ARG B 285 -9.54 37.95 -58.71
CA ARG B 285 -8.44 38.47 -57.96
C ARG B 285 -7.27 38.81 -58.90
N THR B 286 -6.69 39.99 -58.72
CA THR B 286 -5.40 40.32 -59.34
C THR B 286 -4.37 40.52 -58.22
N THR B 287 -3.10 40.36 -58.61
CA THR B 287 -2.00 40.40 -57.68
C THR B 287 -1.06 41.51 -58.12
N VAL B 288 -0.81 42.49 -57.26
CA VAL B 288 0.15 43.51 -57.58
C VAL B 288 1.48 43.36 -56.87
N GLY B 289 2.54 43.51 -57.69
CA GLY B 289 3.91 43.46 -57.24
C GLY B 289 4.38 44.66 -56.49
N GLY B 290 5.52 44.44 -55.94
CA GLY B 290 6.15 45.38 -54.95
C GLY B 290 7.54 44.90 -54.81
N VAL B 291 8.17 45.38 -53.75
CA VAL B 291 9.59 45.22 -53.61
C VAL B 291 9.70 44.21 -52.52
N ARG B 292 10.88 43.62 -52.52
CA ARG B 292 11.37 42.73 -51.48
C ARG B 292 11.14 43.44 -50.13
N PRO B 293 10.65 42.74 -49.15
CA PRO B 293 10.53 43.37 -47.83
C PRO B 293 11.83 43.77 -47.21
N ALA B 294 11.91 45.01 -46.78
CA ALA B 294 13.12 45.62 -46.28
C ALA B 294 12.93 46.16 -44.87
N ARG B 295 14.03 46.18 -44.11
CA ARG B 295 14.06 46.74 -42.79
C ARG B 295 14.25 48.25 -43.06
N GLN C 10 -36.40 27.97 -40.48
CA GLN C 10 -37.88 28.03 -40.69
C GLN C 10 -38.42 29.48 -40.77
N ARG C 11 -39.57 29.63 -41.46
CA ARG C 11 -40.25 30.91 -41.74
C ARG C 11 -40.58 31.73 -40.46
N PHE C 12 -40.57 33.04 -40.57
CA PHE C 12 -40.88 34.03 -39.49
C PHE C 12 -41.83 34.82 -40.35
N GLU C 13 -43.10 34.95 -39.92
CA GLU C 13 -44.11 35.75 -40.59
C GLU C 13 -44.24 37.19 -40.03
N ARG C 14 -44.03 37.38 -38.74
CA ARG C 14 -44.18 38.66 -38.05
C ARG C 14 -42.94 39.54 -37.96
N ILE C 15 -41.77 38.99 -38.20
CA ILE C 15 -40.52 39.74 -38.08
C ILE C 15 -39.61 39.40 -39.26
N ALA C 16 -38.66 40.29 -39.53
CA ALA C 16 -37.61 40.01 -40.53
C ALA C 16 -36.26 39.67 -39.84
N VAL C 17 -35.76 38.46 -40.12
CA VAL C 17 -34.59 37.91 -39.49
C VAL C 17 -33.47 37.77 -40.50
N GLN C 18 -32.43 38.62 -40.38
CA GLN C 18 -31.26 38.49 -41.25
C GLN C 18 -30.07 37.92 -40.42
N PRO C 19 -29.73 36.65 -40.64
CA PRO C 19 -28.53 36.14 -39.96
C PRO C 19 -27.29 36.89 -40.36
N LEU C 20 -26.41 37.02 -39.40
CA LEU C 20 -25.20 37.81 -39.51
C LEU C 20 -24.09 36.96 -40.04
N THR C 21 -24.02 35.73 -39.56
CA THR C 21 -23.07 34.74 -40.06
C THR C 21 -23.79 33.42 -40.18
N GLY C 22 -23.10 32.43 -40.76
CA GLY C 22 -23.61 31.08 -40.83
C GLY C 22 -23.67 30.38 -39.49
N VAL C 23 -23.05 30.95 -38.44
CA VAL C 23 -23.01 30.30 -37.16
C VAL C 23 -23.81 30.96 -36.09
N LEU C 24 -23.79 32.28 -35.97
CA LEU C 24 -24.65 32.93 -34.97
C LEU C 24 -24.85 34.39 -35.28
N GLY C 25 -25.83 34.99 -34.61
CA GLY C 25 -26.15 36.39 -34.76
C GLY C 25 -27.23 36.68 -35.77
N ALA C 26 -28.17 37.54 -35.41
CA ALA C 26 -29.18 37.98 -36.40
C ALA C 26 -29.63 39.39 -36.15
N GLU C 27 -29.81 40.13 -37.24
CA GLU C 27 -30.51 41.41 -37.22
C GLU C 27 -31.99 41.14 -37.33
N ILE C 28 -32.76 41.82 -36.51
CA ILE C 28 -34.22 41.70 -36.53
C ILE C 28 -34.87 43.05 -36.75
N THR C 29 -35.64 43.17 -37.82
CA THR C 29 -36.37 44.38 -38.15
C THR C 29 -37.87 44.09 -38.24
N GLY C 30 -38.63 45.16 -38.48
CA GLY C 30 -40.07 45.07 -38.61
C GLY C 30 -40.72 44.94 -37.25
N VAL C 31 -40.12 45.58 -36.23
CA VAL C 31 -40.68 45.59 -34.87
C VAL C 31 -40.39 46.92 -34.20
N ASP C 32 -41.34 47.43 -33.45
CA ASP C 32 -41.17 48.65 -32.69
C ASP C 32 -41.28 48.26 -31.22
N LEU C 33 -40.14 48.31 -30.55
CA LEU C 33 -40.06 47.92 -29.13
C LEU C 33 -40.69 48.90 -28.13
N ARG C 34 -41.20 50.02 -28.63
CA ARG C 34 -42.07 50.89 -27.81
C ARG C 34 -43.43 50.25 -27.59
N GLU C 35 -43.92 49.55 -28.62
CA GLU C 35 -45.20 48.84 -28.54
C GLU C 35 -45.02 47.54 -27.81
N PRO C 36 -45.99 47.15 -26.93
CA PRO C 36 -45.92 45.79 -26.39
C PRO C 36 -46.27 44.81 -27.54
N LEU C 37 -45.95 43.55 -27.35
CA LEU C 37 -45.83 42.61 -28.44
C LEU C 37 -46.87 41.52 -28.32
N ASP C 38 -47.61 41.25 -29.41
CA ASP C 38 -48.53 40.11 -29.32
C ASP C 38 -47.79 38.79 -29.16
N ASP C 39 -48.47 37.84 -28.54
CA ASP C 39 -47.96 36.49 -28.35
C ASP C 39 -47.22 35.87 -29.56
N SER C 40 -47.73 36.02 -30.78
CA SER C 40 -47.12 35.29 -31.90
C SER C 40 -45.81 35.95 -32.34
N THR C 41 -45.77 37.29 -32.23
CA THR C 41 -44.55 38.06 -32.51
C THR C 41 -43.45 37.85 -31.50
N TRP C 42 -43.81 37.82 -30.23
CA TRP C 42 -42.84 37.61 -29.16
C TRP C 42 -42.22 36.22 -29.35
N ASN C 43 -43.08 35.23 -29.59
CA ASN C 43 -42.67 33.84 -29.83
C ASN C 43 -41.65 33.74 -30.95
N GLU C 44 -41.80 34.55 -31.99
CA GLU C 44 -40.82 34.56 -33.09
C GLU C 44 -39.50 35.21 -32.66
N ILE C 45 -39.57 36.30 -31.90
CA ILE C 45 -38.37 36.90 -31.34
C ILE C 45 -37.58 35.86 -30.52
N LEU C 46 -38.30 35.13 -29.69
CA LEU C 46 -37.72 34.21 -28.76
C LEU C 46 -37.17 32.99 -29.51
N ASP C 47 -37.92 32.57 -30.51
CA ASP C 47 -37.46 31.52 -31.44
C ASP C 47 -36.12 31.97 -32.07
N ALA C 48 -36.06 33.21 -32.55
CA ALA C 48 -34.83 33.75 -33.13
C ALA C 48 -33.68 33.89 -32.12
N PHE C 49 -33.99 34.34 -30.91
CA PHE C 49 -33.01 34.40 -29.85
C PHE C 49 -32.36 33.03 -29.58
N HIS C 50 -33.18 31.98 -29.54
CA HIS C 50 -32.71 30.63 -29.24
C HIS C 50 -31.87 29.97 -30.36
N THR C 51 -32.18 30.29 -31.61
CA THR C 51 -31.41 29.82 -32.75
C THR C 51 -30.13 30.62 -32.94
N TYR C 52 -30.27 31.94 -32.97
CA TYR C 52 -29.14 32.81 -33.34
C TYR C 52 -28.31 33.30 -32.15
N GLN C 53 -28.84 33.21 -30.95
CA GLN C 53 -28.08 33.39 -29.70
C GLN C 53 -27.67 34.78 -29.30
N VAL C 54 -27.39 35.61 -30.28
CA VAL C 54 -27.25 37.03 -30.04
C VAL C 54 -28.09 37.70 -31.14
N ILE C 55 -29.03 38.54 -30.75
CA ILE C 55 -29.88 39.25 -31.70
C ILE C 55 -29.90 40.74 -31.41
N TYR C 56 -30.03 41.51 -32.46
CA TYR C 56 -30.21 42.92 -32.26
C TYR C 56 -31.28 43.49 -33.19
N PHE C 57 -31.90 44.57 -32.70
CA PHE C 57 -33.00 45.28 -33.35
C PHE C 57 -32.56 46.72 -33.63
N PRO C 58 -32.22 47.06 -34.89
CA PRO C 58 -31.79 48.44 -35.15
C PRO C 58 -32.92 49.42 -35.15
N GLY C 59 -32.52 50.68 -35.09
CA GLY C 59 -33.40 51.82 -35.19
C GLY C 59 -34.41 51.98 -34.08
N GLN C 60 -34.20 51.43 -32.90
CA GLN C 60 -35.19 51.63 -31.84
C GLN C 60 -34.99 52.92 -31.11
N ALA C 61 -36.08 53.41 -30.56
CA ALA C 61 -36.12 54.65 -29.81
C ALA C 61 -36.97 54.40 -28.59
N ILE C 62 -36.38 53.84 -27.55
CA ILE C 62 -37.14 53.38 -26.38
C ILE C 62 -36.67 54.14 -25.15
N THR C 63 -37.51 54.15 -24.13
CA THR C 63 -37.24 54.77 -22.85
C THR C 63 -36.71 53.69 -21.90
N ASN C 64 -36.21 54.11 -20.75
CA ASN C 64 -35.83 53.19 -19.70
C ASN C 64 -36.95 52.23 -19.29
N GLU C 65 -38.22 52.66 -19.26
CA GLU C 65 -39.33 51.76 -18.83
C GLU C 65 -39.58 50.71 -19.91
N GLN C 66 -39.51 51.13 -21.16
CA GLN C 66 -39.74 50.21 -22.26
C GLN C 66 -38.67 49.16 -22.36
N HIS C 67 -37.41 49.59 -22.28
CA HIS C 67 -36.21 48.72 -22.13
C HIS C 67 -36.46 47.65 -21.06
N ILE C 68 -36.82 48.11 -19.88
CA ILE C 68 -37.07 47.20 -18.77
C ILE C 68 -38.12 46.17 -19.15
N ALA C 69 -39.20 46.67 -19.69
CA ALA C 69 -40.36 45.86 -20.00
C ALA C 69 -40.05 44.78 -21.01
N PHE C 70 -39.24 45.14 -22.00
CA PHE C 70 -38.85 44.22 -23.03
C PHE C 70 -37.95 43.12 -22.43
N SER C 71 -37.02 43.54 -21.59
CA SER C 71 -36.12 42.64 -20.90
C SER C 71 -36.89 41.63 -20.07
N ARG C 72 -38.01 42.08 -19.49
CA ARG C 72 -38.79 41.22 -18.63
C ARG C 72 -39.52 40.08 -19.32
N ARG C 73 -39.71 40.20 -20.62
CA ARG C 73 -40.26 39.10 -21.43
C ARG C 73 -39.29 37.92 -21.49
N PHE C 74 -37.98 38.15 -21.30
CA PHE C 74 -36.97 37.06 -21.29
C PHE C 74 -36.83 36.41 -19.96
N GLY C 75 -37.14 37.10 -18.88
CA GLY C 75 -36.99 36.54 -17.53
C GLY C 75 -36.98 37.66 -16.50
N PRO C 76 -36.87 37.31 -15.20
CA PRO C 76 -36.81 38.34 -14.17
C PRO C 76 -35.65 39.32 -14.41
N VAL C 77 -35.85 40.59 -14.13
CA VAL C 77 -34.76 41.54 -14.08
C VAL C 77 -34.69 42.26 -12.77
N ASP C 78 -33.48 42.58 -12.42
CA ASP C 78 -33.03 42.69 -11.06
C ASP C 78 -31.85 43.66 -11.10
N PRO C 79 -31.77 44.59 -10.14
CA PRO C 79 -30.57 45.45 -10.13
C PRO C 79 -29.32 44.62 -9.82
N VAL C 80 -28.30 44.72 -10.67
CA VAL C 80 -27.01 44.10 -10.48
C VAL C 80 -26.12 45.13 -9.78
N PRO C 81 -25.75 44.88 -8.51
CA PRO C 81 -24.71 45.70 -7.87
C PRO C 81 -23.32 45.25 -8.41
N LEU C 82 -22.35 46.12 -8.43
CA LEU C 82 -21.12 46.00 -9.20
C LEU C 82 -21.21 46.90 -10.37
N LEU C 83 -22.38 47.46 -10.72
CA LEU C 83 -22.46 48.54 -11.69
C LEU C 83 -23.27 49.72 -11.23
N LYS C 84 -22.93 50.86 -11.81
CA LYS C 84 -23.41 52.20 -11.52
C LYS C 84 -24.91 52.32 -11.38
N SER C 85 -25.69 51.96 -12.42
CA SER C 85 -27.15 52.06 -12.33
C SER C 85 -27.74 53.47 -12.42
N ILE C 86 -28.75 53.64 -13.30
CA ILE C 86 -29.31 54.95 -13.63
C ILE C 86 -30.18 55.55 -12.55
N GLU C 87 -30.18 56.88 -12.50
CA GLU C 87 -31.05 57.67 -11.60
C GLU C 87 -32.52 57.32 -11.83
N GLY C 88 -33.19 56.84 -10.78
CA GLY C 88 -34.62 56.50 -10.81
C GLY C 88 -35.02 55.16 -11.41
N TYR C 89 -34.04 54.38 -11.86
CA TYR C 89 -34.32 53.15 -12.59
C TYR C 89 -33.21 52.17 -12.24
N PRO C 90 -33.26 51.62 -11.00
CA PRO C 90 -32.20 50.77 -10.48
C PRO C 90 -31.82 49.52 -11.30
N GLU C 91 -32.73 49.04 -12.14
CA GLU C 91 -32.54 47.87 -13.02
C GLU C 91 -31.67 48.13 -14.26
N VAL C 92 -31.45 49.39 -14.58
CA VAL C 92 -30.78 49.74 -15.80
C VAL C 92 -29.40 50.19 -15.42
N GLN C 93 -28.40 49.42 -15.81
CA GLN C 93 -27.01 49.76 -15.53
C GLN C 93 -26.48 50.54 -16.72
N MET C 94 -25.47 51.37 -16.47
CA MET C 94 -24.84 52.13 -17.57
C MET C 94 -23.42 51.70 -17.90
N ILE C 95 -23.00 51.96 -19.13
CA ILE C 95 -21.71 51.57 -19.71
C ILE C 95 -21.20 52.78 -20.49
N ARG C 96 -20.01 53.33 -20.13
CA ARG C 96 -19.47 54.47 -20.88
C ARG C 96 -17.96 54.71 -20.82
N ARG C 97 -17.51 55.78 -21.51
CA ARG C 97 -16.23 56.47 -21.20
C ARG C 97 -16.25 57.98 -21.61
N GLU C 108 -9.19 43.89 -22.44
CA GLU C 108 -10.25 42.95 -22.33
C GLU C 108 -9.94 41.49 -22.67
N ASN C 109 -10.84 40.61 -22.23
CA ASN C 109 -10.79 39.18 -22.55
C ASN C 109 -12.14 38.59 -22.81
N TRP C 110 -12.13 37.53 -23.61
CA TRP C 110 -13.31 36.77 -23.85
C TRP C 110 -13.87 36.31 -22.54
N HIS C 111 -15.15 36.56 -22.30
CA HIS C 111 -15.86 36.03 -21.16
C HIS C 111 -17.37 36.03 -21.40
N THR C 112 -18.09 35.46 -20.45
CA THR C 112 -19.52 35.73 -20.32
C THR C 112 -19.74 36.27 -18.92
N ASP C 113 -20.91 36.80 -18.60
CA ASP C 113 -21.03 37.68 -17.44
C ASP C 113 -21.14 36.93 -16.15
N SER C 114 -20.32 37.29 -15.19
CA SER C 114 -20.47 36.89 -13.80
C SER C 114 -20.62 35.39 -13.48
N THR C 115 -19.78 34.55 -14.06
CA THR C 115 -19.92 33.10 -13.85
C THR C 115 -19.45 32.63 -12.48
N PHE C 116 -18.83 33.55 -11.75
CA PHE C 116 -18.57 33.34 -10.35
C PHE C 116 -19.81 33.27 -9.47
N LEU C 117 -20.98 33.64 -9.96
CA LEU C 117 -22.20 33.42 -9.19
C LEU C 117 -22.69 31.97 -9.32
N ASP C 118 -23.40 31.47 -8.31
CA ASP C 118 -24.12 30.19 -8.40
C ASP C 118 -25.09 30.26 -9.53
N ALA C 119 -25.70 31.43 -9.69
CA ALA C 119 -26.78 31.62 -10.71
C ALA C 119 -26.42 32.85 -11.51
N PRO C 120 -25.64 32.65 -12.58
CA PRO C 120 -25.28 33.80 -13.39
C PRO C 120 -26.48 34.30 -14.20
N PRO C 121 -26.39 35.52 -14.73
CA PRO C 121 -27.43 35.91 -15.60
C PRO C 121 -27.71 34.95 -16.76
N ALA C 122 -28.98 34.88 -17.15
CA ALA C 122 -29.45 34.13 -18.32
C ALA C 122 -29.23 34.87 -19.60
N ALA C 123 -29.26 36.20 -19.52
CA ALA C 123 -29.17 37.09 -20.69
C ALA C 123 -28.94 38.56 -20.35
N VAL C 124 -28.56 39.34 -21.35
CA VAL C 124 -28.47 40.77 -21.14
C VAL C 124 -28.97 41.54 -22.37
N VAL C 125 -29.67 42.64 -22.10
CA VAL C 125 -30.20 43.46 -23.13
C VAL C 125 -29.64 44.85 -22.96
N MET C 126 -28.94 45.22 -24.02
CA MET C 126 -28.06 46.37 -24.11
C MET C 126 -28.67 47.33 -25.13
N TYR C 127 -28.67 48.62 -24.83
CA TYR C 127 -29.23 49.66 -25.70
C TYR C 127 -28.18 50.68 -26.02
N ALA C 128 -27.91 50.87 -27.30
CA ALA C 128 -26.90 51.83 -27.75
C ALA C 128 -27.53 53.22 -27.86
N LYS C 129 -27.06 54.13 -27.04
CA LYS C 129 -27.61 55.48 -26.99
C LYS C 129 -26.74 56.48 -27.76
N GLU C 130 -25.44 56.45 -27.54
CA GLU C 130 -24.49 57.32 -28.22
C GLU C 130 -23.34 56.45 -28.74
N ILE C 131 -22.99 56.54 -30.01
CA ILE C 131 -21.86 55.80 -30.56
C ILE C 131 -20.94 56.70 -31.39
N PRO C 132 -19.65 56.38 -31.45
CA PRO C 132 -18.83 57.08 -32.43
C PRO C 132 -19.12 56.53 -33.83
N PRO C 133 -18.71 57.25 -34.89
CA PRO C 133 -19.01 56.79 -36.25
C PRO C 133 -18.48 55.38 -36.57
N TYR C 134 -17.34 55.03 -35.98
CA TYR C 134 -16.76 53.69 -36.06
C TYR C 134 -16.16 53.30 -34.72
N GLY C 135 -15.47 52.16 -34.67
CA GLY C 135 -14.94 51.69 -33.36
C GLY C 135 -15.90 51.28 -32.25
N GLY C 136 -15.38 50.39 -31.43
CA GLY C 136 -16.17 49.73 -30.37
C GLY C 136 -17.01 48.54 -30.76
N ASP C 137 -16.62 47.75 -31.73
CA ASP C 137 -17.40 46.57 -32.11
C ASP C 137 -17.43 45.59 -30.92
N THR C 138 -18.42 44.71 -30.87
CA THR C 138 -18.44 43.63 -29.87
C THR C 138 -18.50 42.30 -30.60
N LEU C 139 -17.59 41.39 -30.25
CA LEU C 139 -17.56 40.02 -30.80
C LEU C 139 -18.40 39.11 -29.92
N PHE C 140 -18.93 38.04 -30.51
CA PHE C 140 -19.63 36.98 -29.77
C PHE C 140 -19.20 35.63 -30.37
N THR C 141 -19.06 34.56 -29.55
CA THR C 141 -19.02 33.18 -30.08
C THR C 141 -20.10 32.33 -29.56
N SER C 142 -20.39 31.30 -30.36
CA SER C 142 -21.30 30.23 -29.95
C SER C 142 -20.58 29.10 -29.23
N MET C 143 -20.88 28.97 -27.95
CA MET C 143 -20.37 27.87 -27.18
C MET C 143 -21.06 26.57 -27.55
N TYR C 144 -22.20 26.61 -28.25
CA TYR C 144 -22.82 25.37 -28.72
C TYR C 144 -21.90 24.79 -29.79
N THR C 145 -21.47 25.65 -30.70
CA THR C 145 -20.67 25.25 -31.83
C THR C 145 -19.30 24.83 -31.34
N ALA C 146 -18.81 25.54 -30.34
CA ALA C 146 -17.56 25.19 -29.66
C ALA C 146 -17.58 23.76 -29.18
N TRP C 147 -18.66 23.40 -28.50
CA TRP C 147 -18.78 22.04 -28.01
C TRP C 147 -18.98 21.07 -29.15
N GLU C 148 -19.81 21.42 -30.11
CA GLU C 148 -20.16 20.46 -31.16
C GLU C 148 -19.00 20.15 -32.09
N THR C 149 -17.97 20.98 -32.11
CA THR C 149 -16.82 20.76 -32.98
C THR C 149 -15.70 19.97 -32.31
N LEU C 150 -15.85 19.61 -31.03
CA LEU C 150 -14.90 18.71 -30.37
C LEU C 150 -15.20 17.30 -30.83
N SER C 151 -14.18 16.46 -30.93
CA SER C 151 -14.37 15.05 -31.31
C SER C 151 -15.21 14.32 -30.30
N PRO C 152 -15.86 13.22 -30.71
CA PRO C 152 -16.58 12.44 -29.71
C PRO C 152 -15.70 11.98 -28.54
N THR C 153 -14.46 11.55 -28.80
CA THR C 153 -13.56 11.19 -27.71
C THR C 153 -13.29 12.36 -26.75
N MET C 154 -13.00 13.55 -27.30
CA MET C 154 -12.78 14.70 -26.39
C MET C 154 -14.05 14.99 -25.60
N GLN C 155 -15.21 14.93 -26.24
CA GLN C 155 -16.45 15.18 -25.49
C GLN C 155 -16.63 14.17 -24.39
N ALA C 156 -16.52 12.88 -24.70
CA ALA C 156 -16.66 11.86 -23.63
C ALA C 156 -15.67 12.07 -22.47
N THR C 157 -14.46 12.60 -22.79
CA THR C 157 -13.46 12.83 -21.79
C THR C 157 -13.81 13.98 -20.85
N ILE C 158 -14.40 15.06 -21.32
CA ILE C 158 -14.62 16.21 -20.43
C ILE C 158 -16.07 16.40 -19.97
N GLU C 159 -17.02 15.75 -20.64
CA GLU C 159 -18.45 15.68 -20.28
C GLU C 159 -18.73 15.74 -18.79
N GLY C 160 -17.99 14.92 -18.01
CA GLY C 160 -18.28 14.78 -16.61
C GLY C 160 -17.61 15.77 -15.68
N LEU C 161 -16.72 16.58 -16.20
CA LEU C 161 -15.94 17.49 -15.38
C LEU C 161 -16.73 18.70 -14.96
N ASN C 162 -16.50 19.14 -13.75
CA ASN C 162 -16.92 20.46 -13.29
C ASN C 162 -15.76 21.42 -13.25
N VAL C 163 -16.06 22.72 -13.24
CA VAL C 163 -15.03 23.75 -13.22
C VAL C 163 -15.27 24.70 -12.08
N VAL C 164 -14.21 25.15 -11.42
CA VAL C 164 -14.32 26.07 -10.31
C VAL C 164 -14.22 27.48 -10.86
N HIS C 165 -15.19 28.32 -10.55
CA HIS C 165 -15.21 29.73 -11.06
C HIS C 165 -15.03 30.63 -9.89
N SER C 166 -14.35 31.76 -10.08
CA SER C 166 -14.27 32.75 -9.02
C SER C 166 -13.80 34.05 -9.60
N ALA C 167 -14.05 35.13 -8.89
CA ALA C 167 -13.67 36.45 -9.37
C ALA C 167 -12.30 36.91 -8.90
N THR C 168 -11.46 35.98 -8.46
CA THR C 168 -10.22 36.35 -7.79
C THR C 168 -9.27 37.16 -8.68
N ARG C 169 -9.32 36.96 -9.99
CA ARG C 169 -8.45 37.72 -10.88
C ARG C 169 -9.01 39.07 -11.21
N VAL C 170 -10.30 39.27 -11.03
CA VAL C 170 -10.94 40.52 -11.39
C VAL C 170 -10.97 41.47 -10.21
N PHE C 171 -11.44 40.98 -9.05
CA PHE C 171 -11.45 41.85 -7.86
C PHE C 171 -11.19 41.14 -6.51
N GLY C 172 -10.59 39.95 -6.57
CA GLY C 172 -10.12 39.29 -5.37
C GLY C 172 -8.63 39.57 -5.14
N SER C 173 -8.01 38.63 -4.43
CA SER C 173 -6.65 38.74 -3.94
C SER C 173 -5.59 38.71 -5.03
N LEU C 174 -5.84 38.01 -6.12
CA LEU C 174 -4.90 37.98 -7.25
C LEU C 174 -4.85 39.31 -7.95
N TYR C 175 -6.01 39.91 -8.21
CA TYR C 175 -6.09 41.30 -8.67
C TYR C 175 -5.39 42.25 -7.73
N GLN C 176 -5.71 42.17 -6.44
CA GLN C 176 -5.03 42.93 -5.37
C GLN C 176 -3.46 42.83 -5.44
N ALA C 177 -2.91 41.67 -5.81
CA ALA C 177 -1.47 41.49 -5.97
C ALA C 177 -0.86 42.42 -7.09
N GLN C 178 -1.44 42.49 -8.27
CA GLN C 178 -1.10 43.41 -9.36
C GLN C 178 0.39 43.63 -9.81
N ASN C 179 1.22 44.09 -8.90
CA ASN C 179 2.50 44.89 -9.25
C ASN C 179 3.52 44.04 -9.98
N MET C 190 -15.11 41.82 2.68
CA MET C 190 -16.35 41.81 1.91
C MET C 190 -16.07 41.99 0.43
N ASP C 191 -15.23 42.96 0.03
CA ASP C 191 -14.93 43.23 -1.42
C ASP C 191 -14.05 42.10 -1.95
N VAL C 192 -12.90 41.90 -1.27
CA VAL C 192 -11.93 40.77 -1.52
C VAL C 192 -12.53 39.36 -1.33
N ASP C 193 -13.21 39.12 -0.21
CA ASP C 193 -13.77 37.79 0.11
C ASP C 193 -14.86 37.31 -0.87
N ALA C 194 -15.64 38.26 -1.42
CA ALA C 194 -16.59 37.98 -2.51
C ALA C 194 -15.89 37.72 -3.86
N GLY C 195 -14.78 38.41 -4.08
CA GLY C 195 -13.88 38.18 -5.23
C GLY C 195 -13.18 36.83 -5.20
N ASP C 196 -12.79 36.39 -4.01
CA ASP C 196 -12.20 35.08 -3.81
C ASP C 196 -13.18 33.93 -3.71
N ARG C 197 -14.43 34.21 -3.37
CA ARG C 197 -15.44 33.14 -3.22
C ARG C 197 -15.60 32.29 -4.50
N GLU C 198 -15.46 30.97 -4.33
CA GLU C 198 -15.56 30.02 -5.44
C GLU C 198 -16.97 29.45 -5.55
N THR C 199 -17.38 29.16 -6.77
CA THR C 199 -18.60 28.37 -7.07
C THR C 199 -18.18 27.29 -8.09
N VAL C 200 -19.01 26.30 -8.26
CA VAL C 200 -18.70 25.20 -9.18
C VAL C 200 -19.81 25.05 -10.23
N HIS C 201 -19.44 24.94 -11.49
CA HIS C 201 -20.39 24.77 -12.59
C HIS C 201 -19.95 23.63 -13.49
N PRO C 202 -20.89 22.98 -14.19
CA PRO C 202 -20.41 21.96 -15.13
C PRO C 202 -19.57 22.53 -16.27
N LEU C 203 -18.80 21.67 -16.88
CA LEU C 203 -17.91 22.09 -17.98
C LEU C 203 -18.77 22.19 -19.23
N VAL C 204 -19.83 21.36 -19.30
CA VAL C 204 -20.81 21.37 -20.37
C VAL C 204 -22.18 21.51 -19.77
N VAL C 205 -22.95 22.46 -20.26
CA VAL C 205 -24.30 22.76 -19.69
C VAL C 205 -25.37 22.58 -20.73
N THR C 206 -26.53 22.13 -20.30
CA THR C 206 -27.69 22.02 -21.18
C THR C 206 -28.52 23.30 -21.03
N HIS C 207 -28.71 24.02 -22.13
CA HIS C 207 -29.60 25.23 -22.14
C HIS C 207 -30.97 24.93 -21.54
N PRO C 208 -31.41 25.73 -20.58
CA PRO C 208 -32.68 25.44 -19.88
C PRO C 208 -33.95 25.53 -20.77
N GLU C 209 -33.90 26.24 -21.93
CA GLU C 209 -35.00 26.36 -22.87
C GLU C 209 -34.81 25.48 -24.09
N THR C 210 -33.61 25.48 -24.72
CA THR C 210 -33.47 24.72 -25.97
C THR C 210 -33.11 23.25 -25.74
N GLY C 211 -32.48 22.94 -24.62
CA GLY C 211 -32.01 21.59 -24.37
C GLY C 211 -30.69 21.27 -25.06
N ARG C 212 -30.03 22.26 -25.66
CA ARG C 212 -28.79 22.07 -26.37
C ARG C 212 -27.59 22.17 -25.48
N LYS C 213 -26.66 21.25 -25.68
CA LYS C 213 -25.43 21.27 -24.91
C LYS C 213 -24.50 22.31 -25.51
N GLY C 214 -23.96 23.14 -24.62
CA GLY C 214 -22.80 23.99 -24.96
C GLY C 214 -21.65 23.95 -23.95
N LEU C 215 -20.48 24.35 -24.40
CA LEU C 215 -19.29 24.44 -23.57
C LEU C 215 -19.47 25.59 -22.61
N TYR C 216 -19.08 25.40 -21.36
CA TYR C 216 -19.26 26.45 -20.36
C TYR C 216 -17.98 26.77 -19.62
N VAL C 217 -17.14 27.56 -20.26
CA VAL C 217 -15.84 27.79 -19.76
C VAL C 217 -15.39 29.17 -20.22
N ASN C 218 -14.79 29.95 -19.31
CA ASN C 218 -14.21 31.19 -19.71
C ASN C 218 -12.98 31.58 -18.95
N GLN C 219 -12.14 32.25 -19.66
CA GLN C 219 -10.81 32.58 -19.23
C GLN C 219 -10.71 33.58 -18.09
N VAL C 220 -11.73 34.33 -17.79
CA VAL C 220 -11.66 35.37 -16.75
C VAL C 220 -11.95 34.84 -15.37
N TYR C 221 -12.95 33.97 -15.30
CA TYR C 221 -13.46 33.40 -14.06
C TYR C 221 -13.08 31.94 -13.73
N CYS C 222 -12.77 31.14 -14.74
CA CYS C 222 -12.50 29.72 -14.55
C CYS C 222 -11.09 29.62 -14.08
N GLN C 223 -10.91 28.93 -12.96
CA GLN C 223 -9.64 28.88 -12.28
C GLN C 223 -8.92 27.50 -12.46
N ARG C 224 -9.65 26.44 -12.20
CA ARG C 224 -9.23 25.10 -12.41
C ARG C 224 -10.43 24.16 -12.55
N ILE C 225 -10.13 22.95 -12.97
CA ILE C 225 -11.08 21.88 -13.02
C ILE C 225 -11.23 21.32 -11.62
N GLU C 226 -12.45 20.99 -11.25
CA GLU C 226 -12.75 20.59 -9.89
C GLU C 226 -12.07 19.27 -9.56
N GLY C 227 -11.37 19.22 -8.43
CA GLY C 227 -10.62 18.02 -8.06
C GLY C 227 -9.25 17.82 -8.70
N MET C 228 -8.87 18.68 -9.63
CA MET C 228 -7.57 18.65 -10.21
C MET C 228 -6.73 19.82 -9.64
N SER C 229 -5.44 19.78 -9.85
CA SER C 229 -4.58 20.90 -9.52
C SER C 229 -4.59 21.90 -10.67
N GLU C 230 -4.05 23.10 -10.42
CA GLU C 230 -3.88 24.06 -11.48
C GLU C 230 -3.05 23.51 -12.60
N LYS C 231 -1.98 22.81 -12.29
CA LYS C 231 -1.05 22.36 -13.35
C LYS C 231 -1.69 21.32 -14.27
N GLU C 232 -2.55 20.48 -13.66
CA GLU C 232 -3.34 19.48 -14.38
C GLU C 232 -4.39 20.12 -15.24
N SER C 233 -5.09 21.12 -14.69
CA SER C 233 -6.15 21.86 -15.39
C SER C 233 -5.68 22.72 -16.55
N GLU C 234 -4.52 23.33 -16.41
CA GLU C 234 -4.10 24.32 -17.40
C GLU C 234 -4.08 23.84 -18.84
N PRO C 235 -3.43 22.70 -19.15
CA PRO C 235 -3.49 22.28 -20.56
C PRO C 235 -4.89 22.25 -21.10
N LEU C 236 -5.82 21.67 -20.37
CA LEU C 236 -7.13 21.41 -20.91
C LEU C 236 -7.97 22.70 -21.06
N LEU C 237 -8.04 23.47 -20.01
CA LEU C 237 -8.66 24.76 -20.05
C LEU C 237 -8.10 25.65 -21.15
N SER C 238 -6.79 25.70 -21.32
CA SER C 238 -6.21 26.56 -22.34
C SER C 238 -6.65 26.16 -23.71
N PHE C 239 -6.74 24.86 -23.92
CA PHE C 239 -7.17 24.37 -25.19
C PHE C 239 -8.61 24.82 -25.42
N LEU C 240 -9.43 24.61 -24.41
CA LEU C 240 -10.83 24.96 -24.51
C LEU C 240 -11.01 26.49 -24.74
N PHE C 241 -10.25 27.34 -24.06
CA PHE C 241 -10.35 28.79 -24.27
C PHE C 241 -10.10 29.12 -25.72
N ALA C 242 -9.00 28.61 -26.27
CA ALA C 242 -8.62 28.90 -27.66
C ALA C 242 -9.62 28.37 -28.71
N HIS C 243 -10.14 27.18 -28.45
CA HIS C 243 -10.98 26.47 -29.36
C HIS C 243 -12.32 27.19 -29.50
N ALA C 244 -12.85 27.58 -28.35
CA ALA C 244 -14.10 28.28 -28.33
C ALA C 244 -14.10 29.65 -28.97
N THR C 245 -12.94 30.25 -29.20
CA THR C 245 -12.90 31.60 -29.81
C THR C 245 -12.34 31.61 -31.18
N LYS C 246 -12.31 30.48 -31.84
CA LYS C 246 -11.91 30.46 -33.23
C LYS C 246 -12.79 31.40 -34.11
N PRO C 247 -12.17 32.19 -35.00
CA PRO C 247 -13.01 33.15 -35.75
C PRO C 247 -14.24 32.52 -36.37
N GLU C 248 -14.13 31.29 -36.88
CA GLU C 248 -15.29 30.63 -37.53
C GLU C 248 -16.51 30.38 -36.65
N PHE C 249 -16.38 30.47 -35.34
CA PHE C 249 -17.51 30.36 -34.41
C PHE C 249 -18.03 31.74 -33.95
N THR C 250 -17.43 32.81 -34.47
CA THR C 250 -17.74 34.14 -33.99
C THR C 250 -18.59 34.97 -34.96
N CYS C 251 -19.25 35.98 -34.41
CA CYS C 251 -19.75 37.10 -35.20
C CYS C 251 -19.32 38.43 -34.60
N ARG C 252 -19.47 39.49 -35.38
CA ARG C 252 -19.11 40.80 -34.91
C ARG C 252 -20.24 41.80 -35.18
N VAL C 253 -20.64 42.48 -34.13
CA VAL C 253 -21.64 43.43 -34.17
C VAL C 253 -21.00 44.79 -34.17
N ARG C 254 -21.35 45.59 -35.19
CA ARG C 254 -20.86 46.92 -35.30
C ARG C 254 -21.97 47.85 -34.85
N TRP C 255 -21.86 48.41 -33.66
CA TRP C 255 -22.97 49.12 -32.99
C TRP C 255 -23.44 50.36 -33.74
N GLN C 256 -24.74 50.61 -33.69
CA GLN C 256 -25.35 51.84 -34.22
C GLN C 256 -26.29 52.36 -33.16
N GLU C 257 -26.36 53.69 -33.05
CA GLU C 257 -27.30 54.37 -32.16
C GLU C 257 -28.64 53.78 -32.46
N GLY C 258 -29.32 53.36 -31.41
CA GLY C 258 -30.64 52.77 -31.54
C GLY C 258 -30.67 51.26 -31.55
N ASP C 259 -29.53 50.58 -31.65
CA ASP C 259 -29.52 49.13 -31.59
C ASP C 259 -29.93 48.69 -30.18
N VAL C 260 -30.93 47.82 -30.10
CA VAL C 260 -31.23 47.06 -28.88
C VAL C 260 -30.71 45.66 -29.15
N LEU C 261 -29.84 45.16 -28.28
CA LEU C 261 -29.20 43.86 -28.48
C LEU C 261 -29.37 42.96 -27.28
N VAL C 262 -29.69 41.70 -27.55
CA VAL C 262 -29.85 40.69 -26.53
C VAL C 262 -28.87 39.54 -26.77
N TRP C 263 -28.04 39.22 -25.78
CA TRP C 263 -27.23 37.98 -25.84
C TRP C 263 -27.60 36.95 -24.80
N ASP C 264 -27.57 35.67 -25.19
CA ASP C 264 -27.66 34.58 -24.21
C ASP C 264 -26.39 34.52 -23.38
N ASN C 265 -26.50 34.64 -22.07
CA ASN C 265 -25.30 34.62 -21.21
C ASN C 265 -24.77 33.21 -20.91
N LEU C 266 -25.50 32.17 -21.33
CA LEU C 266 -25.12 30.79 -21.07
C LEU C 266 -24.37 30.20 -22.24
N CYS C 267 -24.89 30.41 -23.45
CA CYS C 267 -24.36 29.77 -24.63
C CYS C 267 -23.52 30.68 -25.50
N THR C 268 -23.22 31.89 -25.05
CA THR C 268 -22.21 32.73 -25.75
C THR C 268 -21.15 33.29 -24.81
N GLN C 269 -20.08 33.75 -25.41
CA GLN C 269 -19.09 34.61 -24.75
C GLN C 269 -19.00 35.81 -25.69
N HIS C 270 -18.47 36.91 -25.15
CA HIS C 270 -18.32 38.11 -25.96
C HIS C 270 -17.02 38.76 -25.63
N TYR C 271 -16.69 39.76 -26.45
CA TYR C 271 -15.44 40.48 -26.33
C TYR C 271 -15.72 41.86 -26.85
N ALA C 272 -15.82 42.82 -25.96
CA ALA C 272 -16.02 44.19 -26.32
C ALA C 272 -14.65 44.75 -26.69
N VAL C 273 -14.51 45.09 -27.96
CA VAL C 273 -13.24 45.51 -28.49
C VAL C 273 -12.90 46.87 -27.95
N PRO C 274 -11.76 47.02 -27.30
CA PRO C 274 -11.37 48.41 -27.01
C PRO C 274 -10.56 48.94 -28.20
N ASP C 275 -10.99 49.98 -28.90
CA ASP C 275 -10.19 50.48 -30.01
C ASP C 275 -10.41 51.99 -30.16
N TYR C 276 -11.61 52.44 -30.06
CA TYR C 276 -12.00 53.84 -29.99
C TYR C 276 -11.15 54.88 -29.23
N ALA C 277 -10.38 54.43 -28.23
CA ALA C 277 -9.58 55.29 -27.32
C ALA C 277 -9.91 56.78 -27.37
N GLY C 278 -10.69 57.22 -26.40
CA GLY C 278 -11.03 58.64 -26.30
C GLY C 278 -12.38 59.04 -26.83
N LYS C 279 -12.93 58.31 -27.82
CA LYS C 279 -14.31 58.60 -28.33
C LYS C 279 -15.39 58.25 -27.33
N PHE C 280 -16.39 59.10 -27.15
CA PHE C 280 -17.43 58.88 -26.09
C PHE C 280 -18.46 57.90 -26.63
N ARG C 281 -18.82 56.92 -25.78
CA ARG C 281 -19.65 55.79 -26.10
C ARG C 281 -20.60 55.66 -24.90
N TYR C 282 -21.89 55.58 -25.14
CA TYR C 282 -22.85 55.45 -24.04
C TYR C 282 -23.88 54.39 -24.39
N LEU C 283 -23.98 53.37 -23.54
CA LEU C 283 -24.99 52.33 -23.69
C LEU C 283 -25.63 52.08 -22.35
N THR C 284 -26.88 51.66 -22.37
CA THR C 284 -27.48 51.18 -21.13
C THR C 284 -27.67 49.71 -21.27
N ARG C 285 -28.00 49.08 -20.16
CA ARG C 285 -27.96 47.66 -20.05
C ARG C 285 -28.87 47.17 -18.93
N THR C 286 -29.67 46.14 -19.20
CA THR C 286 -30.36 45.40 -18.14
C THR C 286 -29.87 43.98 -18.10
N THR C 287 -30.04 43.31 -16.97
CA THR C 287 -29.53 41.97 -16.75
C THR C 287 -30.68 41.06 -16.40
N VAL C 288 -30.89 39.99 -17.17
CA VAL C 288 -31.94 39.03 -16.83
C VAL C 288 -31.38 37.74 -16.20
N GLY C 289 -32.04 37.36 -15.10
CA GLY C 289 -31.64 36.30 -14.24
C GLY C 289 -31.96 34.91 -14.76
N GLY C 290 -31.20 33.98 -14.17
CA GLY C 290 -31.10 32.63 -14.66
C GLY C 290 -31.03 31.71 -13.44
N VAL C 291 -30.99 30.44 -13.74
CA VAL C 291 -30.98 29.44 -12.73
C VAL C 291 -29.60 28.92 -12.78
N ARG C 292 -29.25 28.18 -11.74
CA ARG C 292 -28.04 27.41 -11.66
C ARG C 292 -27.77 26.66 -12.93
N PRO C 293 -26.57 26.77 -13.50
CA PRO C 293 -26.30 25.95 -14.67
C PRO C 293 -26.30 24.48 -14.36
N ALA C 294 -27.05 23.72 -15.17
CA ALA C 294 -27.17 22.29 -15.03
C ALA C 294 -26.62 21.51 -16.23
N ARG C 295 -26.15 20.31 -15.90
CA ARG C 295 -25.68 19.37 -16.87
C ARG C 295 -26.97 18.75 -17.45
N GLN D 10 10.19 -6.53 4.22
CA GLN D 10 10.77 -6.96 2.91
C GLN D 10 12.24 -7.45 2.90
N ARG D 11 12.64 -8.28 3.85
CA ARG D 11 14.06 -8.80 3.97
C ARG D 11 14.45 -9.67 2.75
N PHE D 12 15.71 -9.73 2.41
CA PHE D 12 16.32 -10.44 1.24
C PHE D 12 17.37 -11.14 2.05
N GLU D 13 17.38 -12.48 2.02
CA GLU D 13 18.38 -13.32 2.70
C GLU D 13 19.56 -13.72 1.77
N ARG D 14 19.31 -13.93 0.49
CA ARG D 14 20.32 -14.35 -0.49
C ARG D 14 21.08 -13.26 -1.22
N ILE D 15 20.58 -12.03 -1.20
CA ILE D 15 21.21 -10.93 -1.95
C ILE D 15 21.24 -9.68 -1.09
N ALA D 16 22.13 -8.76 -1.44
CA ALA D 16 22.16 -7.43 -0.80
C ALA D 16 21.55 -6.34 -1.73
N VAL D 17 20.48 -5.69 -1.26
CA VAL D 17 19.71 -4.75 -2.04
C VAL D 17 19.86 -3.36 -1.46
N GLN D 18 20.58 -2.48 -2.16
CA GLN D 18 20.71 -1.08 -1.72
C GLN D 18 19.86 -0.17 -2.66
N PRO D 19 18.72 0.31 -2.17
CA PRO D 19 17.96 1.26 -3.00
C PRO D 19 18.77 2.49 -3.28
N LEU D 20 18.55 3.03 -4.47
CA LEU D 20 19.28 4.15 -5.01
C LEU D 20 18.61 5.43 -4.61
N THR D 21 17.29 5.42 -4.68
CA THR D 21 16.49 6.57 -4.22
C THR D 21 15.30 6.03 -3.46
N GLY D 22 14.54 6.95 -2.86
CA GLY D 22 13.30 6.60 -2.21
C GLY D 22 12.20 6.16 -3.16
N VAL D 23 12.38 6.37 -4.47
CA VAL D 23 11.36 6.02 -5.42
C VAL D 23 11.66 4.86 -6.31
N LEU D 24 12.88 4.76 -6.85
CA LEU D 24 13.19 3.60 -7.69
C LEU D 24 14.68 3.40 -7.81
N GLY D 25 15.05 2.21 -8.28
CA GLY D 25 16.45 1.85 -8.49
C GLY D 25 17.08 1.13 -7.33
N ALA D 26 17.82 0.08 -7.62
CA ALA D 26 18.59 -0.61 -6.55
C ALA D 26 19.85 -1.21 -7.08
N GLU D 27 20.91 -1.09 -6.28
CA GLU D 27 22.14 -1.86 -6.48
C GLU D 27 21.96 -3.21 -5.82
N ILE D 28 22.36 -4.25 -6.52
CA ILE D 28 22.32 -5.60 -5.99
C ILE D 28 23.68 -6.25 -6.02
N THR D 29 24.18 -6.63 -4.86
CA THR D 29 25.46 -7.32 -4.71
C THR D 29 25.27 -8.68 -4.06
N GLY D 30 26.38 -9.41 -3.95
CA GLY D 30 26.38 -10.72 -3.34
C GLY D 30 25.85 -11.75 -4.30
N VAL D 31 26.10 -11.56 -5.61
CA VAL D 31 25.70 -12.52 -6.64
C VAL D 31 26.73 -12.54 -7.76
N ASP D 32 27.01 -13.73 -8.27
CA ASP D 32 27.92 -13.89 -9.39
C ASP D 32 27.08 -14.42 -10.55
N LEU D 33 26.86 -13.56 -11.53
CA LEU D 33 26.04 -13.91 -12.70
C LEU D 33 26.67 -14.89 -13.69
N ARG D 34 27.91 -15.30 -13.44
CA ARG D 34 28.49 -16.45 -14.16
C ARG D 34 27.86 -17.75 -13.72
N GLU D 35 27.55 -17.84 -12.43
CA GLU D 35 26.88 -19.02 -11.87
C GLU D 35 25.40 -18.97 -12.19
N PRO D 36 24.79 -20.13 -12.57
CA PRO D 36 23.31 -20.13 -12.65
C PRO D 36 22.77 -20.06 -11.20
N LEU D 37 21.50 -19.71 -11.07
CA LEU D 37 20.96 -19.20 -9.82
C LEU D 37 19.93 -20.14 -9.26
N ASP D 38 20.06 -20.49 -7.98
CA ASP D 38 18.99 -21.33 -7.40
C ASP D 38 17.66 -20.57 -7.35
N ASP D 39 16.59 -21.33 -7.37
CA ASP D 39 15.24 -20.82 -7.27
C ASP D 39 15.03 -19.70 -6.22
N SER D 40 15.58 -19.82 -5.02
CA SER D 40 15.24 -18.85 -3.98
C SER D 40 15.96 -17.51 -4.22
N THR D 41 17.18 -17.59 -4.75
CA THR D 41 17.97 -16.42 -5.14
C THR D 41 17.39 -15.67 -6.32
N TRP D 42 16.97 -16.41 -7.33
CA TRP D 42 16.39 -15.80 -8.53
C TRP D 42 15.11 -15.04 -8.11
N ASN D 43 14.28 -15.72 -7.30
CA ASN D 43 13.04 -15.15 -6.78
C ASN D 43 13.27 -13.83 -6.07
N GLU D 44 14.39 -13.70 -5.35
CA GLU D 44 14.72 -12.44 -4.67
C GLU D 44 15.14 -11.37 -5.69
N ILE D 45 15.93 -11.75 -6.69
CA ILE D 45 16.27 -10.83 -7.76
C ILE D 45 15.00 -10.26 -8.43
N LEU D 46 14.07 -11.15 -8.70
CA LEU D 46 12.86 -10.84 -9.42
C LEU D 46 11.94 -10.01 -8.53
N ASP D 47 11.89 -10.35 -7.28
CA ASP D 47 11.20 -9.56 -6.26
C ASP D 47 11.77 -8.12 -6.27
N ALA D 48 13.09 -8.00 -6.26
CA ALA D 48 13.74 -6.70 -6.31
C ALA D 48 13.51 -5.93 -7.62
N PHE D 49 13.56 -6.65 -8.74
CA PHE D 49 13.23 -6.06 -10.04
C PHE D 49 11.82 -5.43 -10.05
N HIS D 50 10.85 -6.15 -9.49
CA HIS D 50 9.47 -5.71 -9.49
C HIS D 50 9.16 -4.51 -8.55
N THR D 51 9.87 -4.43 -7.44
CA THR D 51 9.76 -3.31 -6.53
C THR D 51 10.55 -2.09 -7.02
N TYR D 52 11.80 -2.30 -7.37
CA TYR D 52 12.70 -1.18 -7.67
C TYR D 52 12.75 -0.79 -9.15
N GLN D 53 12.30 -1.68 -10.02
CA GLN D 53 12.04 -1.37 -11.44
C GLN D 53 13.22 -1.21 -12.37
N VAL D 54 14.31 -0.68 -11.84
CA VAL D 54 15.56 -0.75 -12.55
C VAL D 54 16.58 -1.22 -11.49
N ILE D 55 17.29 -2.31 -11.81
CA ILE D 55 18.30 -2.85 -10.92
C ILE D 55 19.62 -3.07 -11.64
N TYR D 56 20.70 -2.90 -10.90
CA TYR D 56 21.96 -3.23 -11.47
C TYR D 56 22.86 -4.00 -10.49
N PHE D 57 23.73 -4.81 -11.07
CA PHE D 57 24.65 -5.70 -10.36
C PHE D 57 26.08 -5.29 -10.71
N PRO D 58 26.80 -4.60 -9.80
CA PRO D 58 28.17 -4.22 -10.13
C PRO D 58 29.14 -5.37 -10.07
N GLY D 59 30.30 -5.10 -10.65
CA GLY D 59 31.43 -5.99 -10.64
C GLY D 59 31.27 -7.30 -11.36
N GLN D 60 30.36 -7.43 -12.31
CA GLN D 60 30.25 -8.71 -13.00
C GLN D 60 31.24 -8.84 -14.14
N ALA D 61 31.57 -10.09 -14.42
CA ALA D 61 32.49 -10.44 -15.48
C ALA D 61 31.89 -11.61 -16.20
N ILE D 62 31.01 -11.34 -17.15
CA ILE D 62 30.23 -12.40 -17.80
C ILE D 62 30.53 -12.40 -19.28
N THR D 63 30.24 -13.52 -19.92
CA THR D 63 30.40 -13.71 -21.35
C THR D 63 29.05 -13.43 -22.02
N ASN D 64 29.06 -13.36 -23.35
CA ASN D 64 27.83 -13.25 -24.10
C ASN D 64 26.83 -14.37 -23.82
N GLU D 65 27.27 -15.61 -23.58
CA GLU D 65 26.32 -16.72 -23.32
C GLU D 65 25.68 -16.55 -21.95
N GLN D 66 26.48 -16.13 -20.98
CA GLN D 66 25.98 -15.94 -19.64
C GLN D 66 24.98 -14.82 -19.56
N HIS D 67 25.30 -13.68 -20.18
CA HIS D 67 24.40 -12.53 -20.40
C HIS D 67 23.06 -13.03 -20.94
N ILE D 68 23.11 -13.77 -22.04
CA ILE D 68 21.90 -14.28 -22.65
C ILE D 68 21.09 -15.08 -21.66
N ALA D 69 21.77 -15.98 -20.99
CA ALA D 69 21.16 -16.93 -20.09
C ALA D 69 20.44 -16.23 -18.94
N PHE D 70 21.07 -15.19 -18.43
CA PHE D 70 20.52 -14.44 -17.34
C PHE D 70 19.25 -13.68 -17.82
N SER D 71 19.35 -13.09 -19.00
CA SER D 71 18.25 -12.39 -19.62
C SER D 71 17.04 -13.31 -19.80
N ARG D 72 17.33 -14.57 -20.11
CA ARG D 72 16.25 -15.53 -20.36
C ARG D 72 15.43 -15.92 -19.15
N ARG D 73 15.97 -15.71 -17.96
CA ARG D 73 15.20 -15.88 -16.72
C ARG D 73 14.06 -14.86 -16.60
N PHE D 74 14.18 -13.70 -17.26
CA PHE D 74 13.11 -12.67 -17.25
C PHE D 74 12.06 -12.91 -18.30
N GLY D 75 12.38 -13.60 -19.37
CA GLY D 75 11.41 -13.85 -20.46
C GLY D 75 12.14 -14.25 -21.73
N PRO D 76 11.40 -14.53 -22.82
CA PRO D 76 12.06 -14.87 -24.08
C PRO D 76 13.02 -13.75 -24.54
N VAL D 77 14.14 -14.11 -25.13
CA VAL D 77 14.98 -13.16 -25.80
C VAL D 77 15.25 -13.55 -27.22
N ASP D 78 15.41 -12.54 -28.02
CA ASP D 78 15.09 -12.54 -29.42
C ASP D 78 16.00 -11.48 -30.04
N PRO D 79 16.59 -11.79 -31.21
CA PRO D 79 17.32 -10.73 -31.90
C PRO D 79 16.34 -9.60 -32.34
N VAL D 80 16.67 -8.36 -31.98
CA VAL D 80 15.94 -7.19 -32.39
C VAL D 80 16.53 -6.68 -33.71
N PRO D 81 15.77 -6.79 -34.83
CA PRO D 81 16.18 -6.24 -36.10
C PRO D 81 15.94 -4.70 -36.08
N LEU D 82 16.70 -3.94 -36.84
CA LEU D 82 17.00 -2.51 -36.57
C LEU D 82 18.09 -2.40 -35.48
N LEU D 83 19.00 -3.37 -35.61
CA LEU D 83 20.05 -3.70 -34.69
C LEU D 83 21.48 -3.59 -35.25
N LYS D 84 22.41 -3.54 -34.32
CA LYS D 84 23.86 -3.81 -34.63
C LYS D 84 24.09 -5.32 -34.58
N SER D 85 23.96 -5.90 -33.41
CA SER D 85 24.11 -7.33 -33.14
C SER D 85 25.53 -7.89 -33.26
N ILE D 86 25.98 -8.61 -32.23
CA ILE D 86 27.37 -9.11 -32.13
C ILE D 86 27.62 -10.30 -33.03
N GLU D 87 28.87 -10.43 -33.49
CA GLU D 87 29.36 -11.57 -34.26
C GLU D 87 29.15 -12.88 -33.47
N GLY D 88 28.39 -13.80 -34.06
CA GLY D 88 28.13 -15.13 -33.46
C GLY D 88 27.06 -15.23 -32.38
N TYR D 89 26.42 -14.11 -32.06
CA TYR D 89 25.50 -14.06 -30.93
C TYR D 89 24.41 -13.06 -31.30
N PRO D 90 23.51 -13.45 -32.22
CA PRO D 90 22.50 -12.55 -32.77
C PRO D 90 21.57 -11.83 -31.77
N GLU D 91 21.39 -12.41 -30.57
CA GLU D 91 20.54 -11.87 -29.50
C GLU D 91 21.16 -10.69 -28.73
N VAL D 92 22.46 -10.47 -28.89
CA VAL D 92 23.14 -9.49 -28.13
C VAL D 92 23.40 -8.33 -29.06
N GLN D 93 22.74 -7.20 -28.80
CA GLN D 93 22.93 -6.02 -29.58
C GLN D 93 24.01 -5.17 -28.96
N MET D 94 24.65 -4.29 -29.72
CA MET D 94 25.69 -3.40 -29.21
C MET D 94 25.23 -1.92 -29.15
N ILE D 95 25.95 -1.19 -28.31
CA ILE D 95 25.74 0.24 -28.05
C ILE D 95 27.14 0.85 -27.98
N ARG D 96 27.49 1.79 -28.86
CA ARG D 96 28.85 2.34 -28.95
C ARG D 96 28.91 3.83 -29.42
N ARG D 97 30.10 4.46 -29.30
CA ARG D 97 30.47 5.66 -30.10
C ARG D 97 31.97 5.95 -30.01
N GLU D 108 18.96 13.50 -27.35
CA GLU D 108 18.11 12.47 -26.74
C GLU D 108 16.83 12.99 -26.09
N ASN D 109 15.89 12.06 -25.90
CA ASN D 109 14.64 12.32 -25.21
C ASN D 109 14.21 11.16 -24.35
N TRP D 110 13.46 11.50 -23.31
CA TRP D 110 12.85 10.53 -22.48
C TRP D 110 12.02 9.62 -23.32
N HIS D 111 12.24 8.31 -23.19
CA HIS D 111 11.38 7.32 -23.82
C HIS D 111 11.51 5.98 -23.12
N THR D 112 10.68 5.03 -23.56
CA THR D 112 10.95 3.61 -23.29
C THR D 112 11.02 2.93 -24.65
N ASP D 113 11.46 1.68 -24.73
CA ASP D 113 11.92 1.13 -26.01
C ASP D 113 10.79 0.68 -26.89
N SER D 114 10.81 1.13 -28.12
CA SER D 114 9.98 0.57 -29.19
C SER D 114 8.47 0.44 -28.95
N THR D 115 7.82 1.48 -28.44
CA THR D 115 6.39 1.39 -28.12
C THR D 115 5.49 1.45 -29.36
N PHE D 116 6.10 1.73 -30.49
CA PHE D 116 5.45 1.55 -31.76
C PHE D 116 5.13 0.11 -32.13
N LEU D 117 5.68 -0.88 -31.42
CA LEU D 117 5.26 -2.25 -31.65
C LEU D 117 3.96 -2.56 -30.92
N ASP D 118 3.17 -3.53 -31.46
CA ASP D 118 2.00 -4.07 -30.74
C ASP D 118 2.47 -4.65 -29.44
N ALA D 119 3.65 -5.26 -29.46
CA ALA D 119 4.19 -5.98 -28.26
C ALA D 119 5.60 -5.48 -28.02
N PRO D 120 5.73 -4.40 -27.26
CA PRO D 120 7.07 -3.89 -27.05
C PRO D 120 7.85 -4.79 -26.09
N PRO D 121 9.17 -4.64 -26.03
CA PRO D 121 9.86 -5.38 -25.04
C PRO D 121 9.34 -5.20 -23.61
N ALA D 122 9.47 -6.25 -22.82
CA ALA D 122 9.14 -6.29 -21.40
C ALA D 122 10.25 -5.73 -20.56
N ALA D 123 11.49 -5.87 -21.04
CA ALA D 123 12.69 -5.49 -20.28
C ALA D 123 13.97 -5.49 -21.12
N VAL D 124 15.01 -4.88 -20.60
CA VAL D 124 16.30 -4.95 -21.26
C VAL D 124 17.44 -5.07 -20.25
N VAL D 125 18.42 -5.90 -20.62
CA VAL D 125 19.55 -6.16 -19.78
C VAL D 125 20.78 -5.78 -20.56
N MET D 126 21.46 -4.81 -19.96
CA MET D 126 22.53 -4.03 -20.52
C MET D 126 23.78 -4.34 -19.72
N TYR D 127 24.92 -4.52 -20.40
CA TYR D 127 26.20 -4.87 -19.76
C TYR D 127 27.24 -3.84 -20.15
N ALA D 128 27.82 -3.20 -19.16
CA ALA D 128 28.84 -2.19 -19.39
C ALA D 128 30.20 -2.84 -19.54
N LYS D 129 30.79 -2.72 -20.72
CA LYS D 129 32.07 -3.35 -21.03
C LYS D 129 33.23 -2.36 -20.93
N GLU D 130 33.08 -1.20 -21.53
CA GLU D 130 34.08 -0.14 -21.50
C GLU D 130 33.38 1.18 -21.14
N ILE D 131 33.87 1.90 -20.12
CA ILE D 131 33.30 3.20 -19.76
C ILE D 131 34.40 4.26 -19.60
N PRO D 132 34.06 5.53 -19.85
CA PRO D 132 35.02 6.56 -19.44
C PRO D 132 34.96 6.75 -17.92
N PRO D 133 35.95 7.41 -17.33
CA PRO D 133 35.95 7.57 -15.86
C PRO D 133 34.71 8.28 -15.31
N TYR D 134 34.16 9.21 -16.09
CA TYR D 134 32.90 9.89 -15.79
C TYR D 134 32.09 10.08 -17.05
N GLY D 135 30.98 10.78 -16.97
CA GLY D 135 30.09 10.89 -18.15
C GLY D 135 29.38 9.66 -18.70
N GLY D 136 28.27 9.96 -19.33
CA GLY D 136 27.33 8.94 -19.81
C GLY D 136 26.33 8.34 -18.84
N ASP D 137 25.89 9.09 -17.86
CA ASP D 137 24.92 8.56 -16.88
C ASP D 137 23.62 8.21 -17.63
N THR D 138 22.80 7.32 -17.08
CA THR D 138 21.45 7.07 -17.61
C THR D 138 20.43 7.35 -16.52
N LEU D 139 19.43 8.18 -16.83
CA LEU D 139 18.32 8.48 -15.94
C LEU D 139 17.19 7.47 -16.15
N PHE D 140 16.39 7.23 -15.12
CA PHE D 140 15.18 6.41 -15.21
C PHE D 140 14.08 7.10 -14.39
N THR D 141 12.80 7.06 -14.84
CA THR D 141 11.65 7.37 -13.96
C THR D 141 10.72 6.24 -13.80
N SER D 142 10.01 6.28 -12.67
CA SER D 142 8.91 5.37 -12.40
C SER D 142 7.56 5.90 -12.92
N MET D 143 7.05 5.23 -13.94
CA MET D 143 5.75 5.53 -14.42
C MET D 143 4.66 5.09 -13.47
N TYR D 144 4.96 4.23 -12.49
CA TYR D 144 3.96 3.88 -11.47
C TYR D 144 3.73 5.13 -10.63
N THR D 145 4.82 5.76 -10.23
CA THR D 145 4.78 6.90 -9.34
C THR D 145 4.18 8.08 -10.10
N ALA D 146 4.51 8.17 -11.38
CA ALA D 146 3.90 9.17 -12.26
C ALA D 146 2.39 9.10 -12.23
N TRP D 147 1.88 7.89 -12.39
CA TRP D 147 0.45 7.71 -12.34
C TRP D 147 -0.10 7.95 -10.96
N GLU D 148 0.56 7.45 -9.94
CA GLU D 148 0.01 7.51 -8.59
C GLU D 148 -0.03 8.93 -8.04
N THR D 149 0.74 9.85 -8.62
CA THR D 149 0.76 11.24 -8.16
C THR D 149 -0.24 12.13 -8.85
N LEU D 150 -1.00 11.62 -9.84
CA LEU D 150 -2.08 12.37 -10.44
C LEU D 150 -3.26 12.33 -9.48
N SER D 151 -4.06 13.40 -9.44
CA SER D 151 -5.24 13.44 -8.60
C SER D 151 -6.25 12.37 -9.03
N PRO D 152 -7.14 11.97 -8.11
CA PRO D 152 -8.17 11.03 -8.52
C PRO D 152 -9.02 11.53 -9.71
N THR D 153 -9.38 12.82 -9.74
CA THR D 153 -10.09 13.34 -10.91
C THR D 153 -9.30 13.22 -12.21
N MET D 154 -8.00 13.56 -12.19
CA MET D 154 -7.22 13.40 -13.43
C MET D 154 -7.15 11.93 -13.83
N GLN D 155 -6.97 11.03 -12.85
CA GLN D 155 -6.94 9.61 -13.19
C GLN D 155 -8.24 9.17 -13.80
N ALA D 156 -9.37 9.48 -13.17
CA ALA D 156 -10.66 9.10 -13.76
C ALA D 156 -10.86 9.65 -15.17
N THR D 157 -10.30 10.84 -15.46
CA THR D 157 -10.43 11.47 -16.73
C THR D 157 -9.65 10.75 -17.82
N ILE D 158 -8.45 10.26 -17.55
CA ILE D 158 -7.65 9.67 -18.64
C ILE D 158 -7.59 8.14 -18.64
N GLU D 159 -7.96 7.51 -17.54
CA GLU D 159 -8.09 6.04 -17.37
C GLU D 159 -8.50 5.29 -18.64
N GLY D 160 -9.55 5.79 -19.32
CA GLY D 160 -10.14 5.09 -20.43
C GLY D 160 -9.51 5.37 -21.79
N LEU D 161 -8.61 6.34 -21.86
CA LEU D 161 -8.04 6.75 -23.13
C LEU D 161 -7.00 5.79 -23.63
N ASN D 162 -6.96 5.60 -24.93
CA ASN D 162 -5.86 4.96 -25.62
C ASN D 162 -5.00 5.99 -26.33
N VAL D 163 -3.76 5.64 -26.66
CA VAL D 163 -2.84 6.53 -27.34
C VAL D 163 -2.30 5.86 -28.57
N VAL D 164 -2.11 6.63 -29.64
CA VAL D 164 -1.58 6.11 -30.90
C VAL D 164 -0.07 6.27 -30.87
N HIS D 165 0.66 5.19 -31.09
CA HIS D 165 2.14 5.22 -31.08
C HIS D 165 2.63 4.96 -32.47
N SER D 166 3.74 5.57 -32.86
CA SER D 166 4.33 5.23 -34.14
C SER D 166 5.74 5.78 -34.19
N ALA D 167 6.54 5.23 -35.09
CA ALA D 167 7.92 5.65 -35.19
C ALA D 167 8.16 6.77 -36.21
N THR D 168 7.10 7.48 -36.57
CA THR D 168 7.19 8.43 -37.70
C THR D 168 8.21 9.54 -37.46
N ARG D 169 8.44 9.93 -36.21
CA ARG D 169 9.42 10.98 -35.93
C ARG D 169 10.83 10.46 -35.90
N VAL D 170 11.01 9.17 -35.72
CA VAL D 170 12.32 8.58 -35.58
C VAL D 170 12.83 8.11 -36.92
N PHE D 171 12.04 7.34 -37.65
CA PHE D 171 12.46 6.89 -38.99
C PHE D 171 11.34 6.79 -40.06
N GLY D 172 10.22 7.45 -39.82
CA GLY D 172 9.19 7.56 -40.82
C GLY D 172 9.31 8.87 -41.59
N SER D 173 8.17 9.30 -42.13
CA SER D 173 8.07 10.42 -43.04
C SER D 173 8.36 11.78 -42.41
N LEU D 174 8.05 11.93 -41.11
CA LEU D 174 8.35 13.17 -40.39
C LEU D 174 9.84 13.35 -40.23
N TYR D 175 10.54 12.29 -39.81
CA TYR D 175 12.00 12.25 -39.81
C TYR D 175 12.57 12.56 -41.19
N GLN D 176 12.09 11.85 -42.20
CA GLN D 176 12.41 12.13 -43.63
C GLN D 176 12.30 13.63 -44.03
N ALA D 177 11.30 14.35 -43.49
CA ALA D 177 11.13 15.79 -43.73
C ALA D 177 12.31 16.64 -43.26
N GLN D 178 12.84 16.44 -42.04
CA GLN D 178 14.09 17.20 -41.58
C GLN D 178 15.39 17.33 -42.47
N ASN D 179 15.41 16.86 -43.73
CA ASN D 179 16.57 16.93 -44.67
C ASN D 179 18.03 17.37 -44.27
N ASP D 191 12.83 1.16 -42.89
CA ASP D 191 12.09 1.77 -44.05
C ASP D 191 10.96 2.69 -43.52
N VAL D 192 10.44 3.53 -44.42
CA VAL D 192 9.40 4.56 -44.16
C VAL D 192 8.06 4.00 -43.68
N ASP D 193 7.50 3.01 -44.39
CA ASP D 193 6.15 2.47 -44.05
C ASP D 193 6.06 1.80 -42.68
N ALA D 194 7.15 1.17 -42.26
CA ALA D 194 7.29 0.62 -40.88
C ALA D 194 7.44 1.72 -39.83
N GLY D 195 8.13 2.80 -40.20
CA GLY D 195 8.23 4.03 -39.40
C GLY D 195 6.93 4.78 -39.21
N ASP D 196 6.11 4.79 -40.26
CA ASP D 196 4.78 5.39 -40.20
C ASP D 196 3.70 4.50 -39.62
N ARG D 197 3.91 3.19 -39.61
CA ARG D 197 2.89 2.27 -39.06
C ARG D 197 2.51 2.58 -37.61
N GLU D 198 1.19 2.76 -37.40
CA GLU D 198 0.65 3.09 -36.08
C GLU D 198 0.17 1.84 -35.35
N THR D 199 0.31 1.86 -34.03
CA THR D 199 -0.31 0.87 -33.13
C THR D 199 -1.02 1.67 -32.02
N VAL D 200 -1.87 1.00 -31.28
CA VAL D 200 -2.63 1.66 -30.21
C VAL D 200 -2.41 0.96 -28.88
N HIS D 201 -2.10 1.73 -27.84
CA HIS D 201 -1.89 1.17 -26.50
C HIS D 201 -2.69 1.96 -25.47
N PRO D 202 -3.03 1.33 -24.33
CA PRO D 202 -3.71 2.15 -23.33
C PRO D 202 -2.85 3.26 -22.76
N LEU D 203 -3.48 4.25 -22.18
CA LEU D 203 -2.78 5.39 -21.62
C LEU D 203 -2.26 4.97 -20.26
N VAL D 204 -2.99 4.05 -19.60
CA VAL D 204 -2.58 3.46 -18.32
C VAL D 204 -2.61 1.97 -18.46
N VAL D 205 -1.54 1.31 -18.08
CA VAL D 205 -1.39 -0.15 -18.26
C VAL D 205 -1.19 -0.82 -16.91
N THR D 206 -1.71 -2.03 -16.78
CA THR D 206 -1.48 -2.85 -15.61
C THR D 206 -0.28 -3.77 -15.88
N HIS D 207 0.76 -3.66 -15.05
CA HIS D 207 1.94 -4.58 -15.13
C HIS D 207 1.50 -6.04 -15.12
N PRO D 208 1.97 -6.83 -16.10
CA PRO D 208 1.52 -8.22 -16.23
C PRO D 208 1.93 -9.16 -15.05
N GLU D 209 2.95 -8.79 -14.25
CA GLU D 209 3.38 -9.54 -13.08
C GLU D 209 2.91 -8.90 -11.78
N THR D 210 3.10 -7.60 -11.60
CA THR D 210 2.79 -6.99 -10.29
C THR D 210 1.32 -6.59 -10.17
N GLY D 211 0.62 -6.35 -11.28
CA GLY D 211 -0.74 -5.89 -11.23
C GLY D 211 -0.89 -4.40 -10.95
N ARG D 212 0.22 -3.66 -10.92
CA ARG D 212 0.23 -2.25 -10.62
C ARG D 212 0.03 -1.41 -11.84
N LYS D 213 -0.82 -0.39 -11.67
CA LYS D 213 -1.07 0.53 -12.75
C LYS D 213 0.07 1.51 -12.84
N GLY D 214 0.57 1.68 -14.06
CA GLY D 214 1.43 2.82 -14.41
C GLY D 214 1.04 3.59 -15.67
N LEU D 215 1.52 4.81 -15.76
CA LEU D 215 1.29 5.67 -16.92
C LEU D 215 2.08 5.11 -18.08
N TYR D 216 1.49 5.10 -19.27
CA TYR D 216 2.17 4.53 -20.43
C TYR D 216 2.19 5.48 -21.61
N VAL D 217 3.11 6.43 -21.56
CA VAL D 217 3.12 7.48 -22.51
C VAL D 217 4.57 7.96 -22.67
N ASN D 218 5.00 8.18 -23.92
CA ASN D 218 6.29 8.77 -24.12
C ASN D 218 6.36 9.66 -25.33
N GLN D 219 7.20 10.64 -25.18
CA GLN D 219 7.33 11.73 -26.09
C GLN D 219 7.92 11.40 -27.44
N VAL D 220 8.57 10.28 -27.62
CA VAL D 220 9.21 9.94 -28.90
C VAL D 220 8.27 9.27 -29.87
N TYR D 221 7.46 8.36 -29.34
CA TYR D 221 6.54 7.54 -30.11
C TYR D 221 5.03 7.92 -30.09
N CYS D 222 4.59 8.59 -29.03
CA CYS D 222 3.18 8.91 -28.84
C CYS D 222 2.88 10.09 -29.68
N GLN D 223 1.87 9.96 -30.52
CA GLN D 223 1.55 10.95 -31.53
C GLN D 223 0.28 11.78 -31.18
N ARG D 224 -0.78 11.08 -30.82
CA ARG D 224 -2.00 11.66 -30.35
C ARG D 224 -2.80 10.63 -29.53
N ILE D 225 -3.82 11.13 -28.87
CA ILE D 225 -4.78 10.32 -28.18
C ILE D 225 -5.75 9.78 -29.23
N GLU D 226 -6.15 8.53 -29.05
CA GLU D 226 -6.97 7.86 -30.03
C GLU D 226 -8.34 8.50 -30.14
N GLY D 227 -8.76 8.80 -31.37
CA GLY D 227 -10.01 9.48 -31.60
C GLY D 227 -10.05 10.99 -31.41
N MET D 228 -8.95 11.59 -30.97
CA MET D 228 -8.83 13.01 -30.85
C MET D 228 -7.94 13.53 -31.98
N SER D 229 -7.96 14.83 -32.19
CA SER D 229 -7.04 15.46 -33.10
C SER D 229 -5.73 15.75 -32.38
N GLU D 230 -4.69 16.11 -33.15
CA GLU D 230 -3.44 16.53 -32.56
C GLU D 230 -3.64 17.72 -31.66
N LYS D 231 -4.45 18.67 -32.05
CA LYS D 231 -4.58 19.91 -31.24
C LYS D 231 -5.25 19.67 -29.90
N GLU D 232 -6.19 18.71 -29.91
CA GLU D 232 -6.89 18.25 -28.72
C GLU D 232 -5.97 17.49 -27.80
N SER D 233 -5.17 16.59 -28.39
CA SER D 233 -4.21 15.74 -27.66
C SER D 233 -3.05 16.49 -27.04
N GLU D 234 -2.54 17.50 -27.72
CA GLU D 234 -1.32 18.14 -27.28
C GLU D 234 -1.30 18.63 -25.84
N PRO D 235 -2.30 19.43 -25.41
CA PRO D 235 -2.25 19.84 -24.01
C PRO D 235 -2.06 18.68 -23.06
N LEU D 236 -2.81 17.62 -23.24
CA LEU D 236 -2.84 16.56 -22.26
C LEU D 236 -1.55 15.72 -22.27
N LEU D 237 -1.15 15.27 -23.44
CA LEU D 237 0.11 14.60 -23.60
C LEU D 237 1.29 15.40 -23.06
N SER D 238 1.33 16.70 -23.36
CA SER D 238 2.46 17.51 -22.89
C SER D 238 2.54 17.55 -21.39
N PHE D 239 1.38 17.61 -20.77
CA PHE D 239 1.33 17.64 -19.35
C PHE D 239 1.88 16.32 -18.83
N LEU D 240 1.38 15.23 -19.41
CA LEU D 240 1.79 13.92 -18.97
C LEU D 240 3.32 13.71 -19.18
N PHE D 241 3.88 14.17 -20.31
CA PHE D 241 5.32 14.01 -20.52
C PHE D 241 6.09 14.69 -19.42
N ALA D 242 5.75 15.94 -19.13
CA ALA D 242 6.45 16.72 -18.10
C ALA D 242 6.32 16.14 -16.68
N HIS D 243 5.13 15.66 -16.37
CA HIS D 243 4.78 15.20 -15.05
C HIS D 243 5.56 13.93 -14.73
N ALA D 244 5.58 13.04 -15.72
CA ALA D 244 6.29 11.79 -15.55
C ALA D 244 7.77 11.90 -15.41
N THR D 245 8.37 13.03 -15.77
CA THR D 245 9.85 13.16 -15.67
C THR D 245 10.29 14.11 -14.61
N LYS D 246 9.42 14.42 -13.68
CA LYS D 246 9.85 15.24 -12.54
C LYS D 246 11.04 14.64 -11.79
N PRO D 247 12.06 15.47 -11.46
CA PRO D 247 13.26 14.85 -10.81
C PRO D 247 12.90 13.92 -9.67
N GLU D 248 11.90 14.28 -8.86
CA GLU D 248 11.52 13.42 -7.70
C GLU D 248 11.05 12.01 -8.00
N PHE D 249 10.70 11.71 -9.25
CA PHE D 249 10.35 10.36 -9.68
C PHE D 249 11.52 9.62 -10.35
N THR D 250 12.68 10.28 -10.43
CA THR D 250 13.79 9.74 -11.17
C THR D 250 14.92 9.19 -10.30
N CYS D 251 15.73 8.31 -10.89
CA CYS D 251 17.06 8.01 -10.38
C CYS D 251 18.11 8.12 -11.46
N ARG D 252 19.36 8.13 -11.06
CA ARG D 252 20.45 8.25 -12.00
C ARG D 252 21.51 7.20 -11.71
N VAL D 253 21.84 6.44 -12.75
CA VAL D 253 22.78 5.42 -12.69
C VAL D 253 24.04 5.92 -13.32
N ARG D 254 25.14 5.86 -12.56
CA ARG D 254 26.41 6.27 -13.02
C ARG D 254 27.20 5.03 -13.36
N TRP D 255 27.35 4.74 -14.65
CA TRP D 255 27.84 3.40 -15.10
C TRP D 255 29.26 3.09 -14.68
N GLN D 256 29.52 1.83 -14.38
CA GLN D 256 30.88 1.33 -14.10
C GLN D 256 31.06 0.07 -14.93
N GLU D 257 32.28 -0.12 -15.43
CA GLU D 257 32.65 -1.34 -16.15
C GLU D 257 32.25 -2.47 -15.25
N GLY D 258 31.53 -3.41 -15.83
CA GLY D 258 31.07 -4.58 -15.09
C GLY D 258 29.65 -4.50 -14.59
N ASP D 259 28.99 -3.34 -14.65
CA ASP D 259 27.60 -3.24 -14.24
C ASP D 259 26.75 -4.04 -15.24
N VAL D 260 25.93 -4.95 -14.72
CA VAL D 260 24.83 -5.55 -15.47
C VAL D 260 23.59 -4.87 -14.96
N LEU D 261 22.79 -4.28 -15.84
CA LEU D 261 21.60 -3.53 -15.46
C LEU D 261 20.36 -4.03 -16.20
N VAL D 262 19.28 -4.15 -15.45
CA VAL D 262 18.00 -4.54 -16.00
C VAL D 262 16.95 -3.47 -15.74
N TRP D 263 16.29 -2.97 -16.79
CA TRP D 263 15.11 -2.09 -16.60
C TRP D 263 13.82 -2.70 -17.08
N ASP D 264 12.73 -2.45 -16.34
CA ASP D 264 11.37 -2.78 -16.84
C ASP D 264 11.01 -1.83 -17.97
N ASN D 265 10.71 -2.35 -19.15
CA ASN D 265 10.39 -1.49 -20.30
C ASN D 265 8.94 -0.97 -20.30
N LEU D 266 8.12 -1.45 -19.35
CA LEU D 266 6.70 -1.08 -19.29
C LEU D 266 6.51 0.04 -18.28
N CYS D 267 7.09 -0.09 -17.11
CA CYS D 267 6.86 0.81 -16.01
C CYS D 267 7.98 1.82 -15.80
N THR D 268 8.97 1.88 -16.67
CA THR D 268 9.94 2.99 -16.64
C THR D 268 10.13 3.66 -18.00
N GLN D 269 10.72 4.83 -17.96
CA GLN D 269 11.30 5.51 -19.13
C GLN D 269 12.73 5.81 -18.70
N HIS D 270 13.58 6.06 -19.68
CA HIS D 270 14.97 6.37 -19.39
C HIS D 270 15.44 7.44 -20.32
N TYR D 271 16.63 7.95 -20.01
CA TYR D 271 17.25 9.04 -20.74
C TYR D 271 18.72 8.84 -20.62
N ALA D 272 19.32 8.40 -21.70
CA ALA D 272 20.75 8.22 -21.75
C ALA D 272 21.39 9.57 -22.02
N VAL D 273 22.11 10.07 -21.05
CA VAL D 273 22.63 11.42 -21.10
C VAL D 273 23.75 11.47 -22.12
N PRO D 274 23.64 12.32 -23.13
CA PRO D 274 24.85 12.50 -23.93
C PRO D 274 25.70 13.61 -23.32
N ASP D 275 26.92 13.34 -22.87
CA ASP D 275 27.74 14.41 -22.30
C ASP D 275 29.21 14.15 -22.57
N TYR D 276 29.66 12.94 -22.41
CA TYR D 276 30.98 12.45 -22.79
C TYR D 276 31.67 12.93 -24.08
N ALA D 277 30.91 13.37 -25.08
CA ALA D 277 31.41 13.82 -26.41
C ALA D 277 32.84 13.43 -26.73
N GLY D 278 32.98 12.37 -27.51
CA GLY D 278 34.29 11.91 -27.94
C GLY D 278 34.86 10.74 -27.20
N LYS D 279 34.49 10.56 -25.92
CA LYS D 279 34.97 9.39 -25.13
C LYS D 279 34.36 8.07 -25.60
N PHE D 280 35.14 7.02 -25.69
CA PHE D 280 34.65 5.70 -26.16
C PHE D 280 33.89 5.00 -25.03
N ARG D 281 32.73 4.45 -25.37
CA ARG D 281 31.77 3.86 -24.46
C ARG D 281 31.31 2.60 -25.19
N TYR D 282 31.34 1.45 -24.55
CA TYR D 282 30.90 0.21 -25.16
C TYR D 282 30.05 -0.58 -24.17
N LEU D 283 28.82 -0.86 -24.57
CA LEU D 283 27.91 -1.69 -23.79
C LEU D 283 27.26 -2.71 -24.68
N THR D 284 26.92 -3.85 -24.14
CA THR D 284 26.09 -4.77 -24.90
C THR D 284 24.76 -4.81 -24.25
N ARG D 285 23.81 -5.43 -24.93
CA ARG D 285 22.43 -5.31 -24.60
C ARG D 285 21.64 -6.49 -25.14
N THR D 286 20.78 -7.08 -24.32
CA THR D 286 19.76 -8.03 -24.80
C THR D 286 18.39 -7.46 -24.54
N THR D 287 17.40 -7.93 -25.29
CA THR D 287 16.04 -7.41 -25.23
C THR D 287 15.12 -8.55 -24.89
N VAL D 288 14.36 -8.42 -23.81
CA VAL D 288 13.37 -9.46 -23.46
C VAL D 288 11.93 -9.03 -23.81
N GLY D 289 11.25 -9.96 -24.47
CA GLY D 289 9.94 -9.80 -25.02
C GLY D 289 8.82 -9.82 -24.00
N GLY D 290 7.72 -9.22 -24.47
CA GLY D 290 6.61 -8.88 -23.63
C GLY D 290 5.34 -9.10 -24.44
N VAL D 291 4.23 -8.89 -23.75
CA VAL D 291 2.95 -9.13 -24.37
C VAL D 291 2.42 -7.77 -24.62
N ARG D 292 1.39 -7.75 -25.43
CA ARG D 292 0.59 -6.57 -25.67
C ARG D 292 0.25 -5.85 -24.40
N PRO D 293 0.47 -4.54 -24.32
CA PRO D 293 0.06 -3.86 -23.11
C PRO D 293 -1.43 -3.85 -22.91
N ALA D 294 -1.84 -4.24 -21.71
CA ALA D 294 -3.23 -4.29 -21.33
C ALA D 294 -3.60 -3.35 -20.20
N ARG D 295 -4.87 -2.92 -20.25
CA ARG D 295 -5.47 -2.11 -19.24
C ARG D 295 -5.81 -3.10 -18.11
N ARG E 11 -12.37 -17.05 -22.09
CA ARG E 11 -12.32 -16.48 -20.68
C ARG E 11 -13.66 -15.96 -20.21
N PHE E 12 -14.76 -16.75 -20.20
CA PHE E 12 -16.14 -16.32 -19.87
C PHE E 12 -16.87 -15.34 -20.78
N GLU E 13 -17.45 -15.87 -21.85
CA GLU E 13 -18.29 -15.09 -22.78
C GLU E 13 -19.81 -15.07 -22.43
N ARG E 14 -20.33 -16.17 -21.90
CA ARG E 14 -21.75 -16.35 -21.61
C ARG E 14 -22.22 -15.92 -20.22
N ILE E 15 -21.30 -15.75 -19.27
CA ILE E 15 -21.66 -15.38 -17.89
C ILE E 15 -20.70 -14.31 -17.38
N ALA E 16 -21.12 -13.56 -16.38
CA ALA E 16 -20.23 -12.60 -15.71
C ALA E 16 -19.76 -13.15 -14.30
N VAL E 17 -18.46 -13.30 -14.16
CA VAL E 17 -17.83 -13.95 -13.01
C VAL E 17 -17.02 -12.94 -12.21
N GLN E 18 -17.51 -12.55 -11.05
CA GLN E 18 -16.77 -11.62 -10.18
C GLN E 18 -16.18 -12.42 -8.95
N PRO E 19 -14.88 -12.68 -8.96
CA PRO E 19 -14.31 -13.33 -7.78
C PRO E 19 -14.46 -12.46 -6.55
N LEU E 20 -14.67 -13.14 -5.44
CA LEU E 20 -15.00 -12.55 -4.18
C LEU E 20 -13.72 -12.24 -3.41
N THR E 21 -12.77 -13.16 -3.49
CA THR E 21 -11.44 -12.96 -2.94
C THR E 21 -10.41 -13.47 -3.92
N GLY E 22 -9.14 -13.22 -3.58
CA GLY E 22 -8.04 -13.75 -4.38
C GLY E 22 -7.87 -15.23 -4.24
N VAL E 23 -8.56 -15.86 -3.30
CA VAL E 23 -8.40 -17.28 -3.03
C VAL E 23 -9.61 -18.09 -3.46
N LEU E 24 -10.82 -17.69 -3.12
CA LEU E 24 -11.98 -18.47 -3.55
C LEU E 24 -13.25 -17.66 -3.54
N GLY E 25 -14.29 -18.18 -4.17
CA GLY E 25 -15.60 -17.54 -4.21
C GLY E 25 -15.83 -16.68 -5.42
N ALA E 26 -16.98 -16.80 -6.05
CA ALA E 26 -17.38 -15.91 -7.14
C ALA E 26 -18.84 -15.64 -7.21
N GLU E 27 -19.17 -14.38 -7.46
CA GLU E 27 -20.53 -13.99 -7.84
C GLU E 27 -20.70 -14.20 -9.34
N ILE E 28 -21.79 -14.80 -9.72
CA ILE E 28 -22.08 -15.05 -11.14
C ILE E 28 -23.41 -14.44 -11.52
N THR E 29 -23.38 -13.51 -12.48
CA THR E 29 -24.57 -12.83 -12.99
C THR E 29 -24.70 -13.08 -14.48
N GLY E 30 -25.79 -12.56 -15.04
CA GLY E 30 -26.04 -12.66 -16.48
C GLY E 30 -26.57 -14.04 -16.82
N VAL E 31 -27.32 -14.66 -15.89
CA VAL E 31 -27.94 -15.97 -16.13
C VAL E 31 -29.25 -16.04 -15.38
N ASP E 32 -30.23 -16.66 -16.04
CA ASP E 32 -31.52 -16.89 -15.42
C ASP E 32 -31.67 -18.39 -15.25
N LEU E 33 -31.64 -18.82 -14.01
CA LEU E 33 -31.75 -20.27 -13.68
C LEU E 33 -33.15 -20.88 -13.89
N ARG E 34 -34.11 -20.07 -14.25
CA ARG E 34 -35.42 -20.58 -14.74
C ARG E 34 -35.30 -21.18 -16.11
N GLU E 35 -34.44 -20.58 -16.96
CA GLU E 35 -34.16 -21.13 -18.28
C GLU E 35 -33.20 -22.32 -18.15
N PRO E 36 -33.44 -23.41 -18.94
CA PRO E 36 -32.40 -24.44 -18.99
C PRO E 36 -31.22 -23.87 -19.83
N LEU E 37 -30.06 -24.48 -19.71
CA LEU E 37 -28.82 -23.86 -20.09
C LEU E 37 -28.18 -24.56 -21.27
N ASP E 38 -27.78 -23.81 -22.28
CA ASP E 38 -27.06 -24.46 -23.39
C ASP E 38 -25.69 -24.99 -22.89
N ASP E 39 -25.22 -26.02 -23.58
CA ASP E 39 -23.93 -26.59 -23.41
C ASP E 39 -22.78 -25.62 -23.10
N SER E 40 -22.67 -24.52 -23.85
CA SER E 40 -21.48 -23.66 -23.70
C SER E 40 -21.55 -22.84 -22.40
N THR E 41 -22.79 -22.44 -22.05
CA THR E 41 -23.06 -21.70 -20.81
C THR E 41 -22.85 -22.56 -19.55
N TRP E 42 -23.35 -23.78 -19.59
CA TRP E 42 -23.22 -24.69 -18.48
C TRP E 42 -21.72 -24.94 -18.22
N ASN E 43 -20.99 -25.21 -19.30
CA ASN E 43 -19.56 -25.45 -19.26
C ASN E 43 -18.81 -24.33 -18.58
N GLU E 44 -19.25 -23.08 -18.79
CA GLU E 44 -18.62 -21.93 -18.13
C GLU E 44 -18.95 -21.90 -16.63
N ILE E 45 -20.20 -22.20 -16.28
CA ILE E 45 -20.61 -22.31 -14.88
C ILE E 45 -19.72 -23.36 -14.15
N LEU E 46 -19.53 -24.49 -14.80
CA LEU E 46 -18.85 -25.61 -14.23
C LEU E 46 -17.36 -25.31 -14.14
N ASP E 47 -16.84 -24.66 -15.18
CA ASP E 47 -15.47 -24.15 -15.17
C ASP E 47 -15.31 -23.21 -13.94
N ALA E 48 -16.24 -22.30 -13.74
CA ALA E 48 -16.21 -21.39 -12.60
C ALA E 48 -16.35 -22.08 -11.24
N PHE E 49 -17.24 -23.04 -11.16
CA PHE E 49 -17.37 -23.86 -9.95
C PHE E 49 -16.02 -24.52 -9.54
N HIS E 50 -15.33 -25.08 -10.52
CA HIS E 50 -14.09 -25.78 -10.30
C HIS E 50 -12.89 -24.88 -9.92
N THR E 51 -12.85 -23.68 -10.43
CA THR E 51 -11.85 -22.69 -10.08
C THR E 51 -12.18 -22.03 -8.77
N TYR E 52 -13.38 -21.53 -8.60
CA TYR E 52 -13.72 -20.67 -7.47
C TYR E 52 -14.31 -21.43 -6.28
N GLN E 53 -14.77 -22.65 -6.51
CA GLN E 53 -15.15 -23.59 -5.43
C GLN E 53 -16.42 -23.34 -4.67
N VAL E 54 -16.73 -22.09 -4.44
CA VAL E 54 -18.06 -21.72 -3.96
C VAL E 54 -18.53 -20.57 -4.88
N ILE E 55 -19.67 -20.76 -5.51
CA ILE E 55 -20.24 -19.77 -6.43
C ILE E 55 -21.69 -19.47 -6.08
N TYR E 56 -22.06 -18.22 -6.27
CA TYR E 56 -23.45 -17.89 -6.07
C TYR E 56 -23.97 -16.98 -7.17
N PHE E 57 -25.27 -17.11 -7.41
CA PHE E 57 -26.02 -16.39 -8.46
C PHE E 57 -27.09 -15.54 -7.80
N PRO E 58 -26.89 -14.22 -7.72
CA PRO E 58 -27.94 -13.38 -7.11
C PRO E 58 -29.11 -13.17 -7.98
N GLY E 59 -30.17 -12.70 -7.33
CA GLY E 59 -31.38 -12.28 -8.03
C GLY E 59 -32.18 -13.39 -8.63
N GLN E 60 -32.01 -14.65 -8.27
CA GLN E 60 -32.82 -15.68 -8.92
C GLN E 60 -34.19 -15.81 -8.29
N ALA E 61 -35.11 -16.28 -9.11
CA ALA E 61 -36.49 -16.49 -8.69
C ALA E 61 -36.90 -17.82 -9.28
N ILE E 62 -36.59 -18.91 -8.61
CA ILE E 62 -36.77 -20.25 -9.16
C ILE E 62 -37.73 -21.03 -8.27
N THR E 63 -38.28 -22.09 -8.84
CA THR E 63 -39.17 -22.99 -8.15
C THR E 63 -38.35 -24.19 -7.64
N ASN E 64 -38.97 -25.03 -6.82
CA ASN E 64 -38.38 -26.28 -6.43
C ASN E 64 -37.96 -27.16 -7.59
N GLU E 65 -38.68 -27.21 -8.68
CA GLU E 65 -38.33 -28.08 -9.84
C GLU E 65 -37.11 -27.53 -10.54
N GLN E 66 -37.06 -26.21 -10.68
CA GLN E 66 -35.94 -25.59 -11.35
C GLN E 66 -34.66 -25.73 -10.60
N HIS E 67 -34.73 -25.48 -9.28
CA HIS E 67 -33.66 -25.76 -8.28
C HIS E 67 -33.13 -27.17 -8.51
N ILE E 68 -34.02 -28.14 -8.48
CA ILE E 68 -33.63 -29.54 -8.65
C ILE E 68 -32.88 -29.72 -9.93
N ALA E 69 -33.43 -29.20 -10.98
CA ALA E 69 -32.92 -29.39 -12.33
C ALA E 69 -31.52 -28.82 -12.49
N PHE E 70 -31.31 -27.67 -11.87
CA PHE E 70 -30.04 -27.01 -11.93
C PHE E 70 -28.99 -27.86 -11.16
N SER E 71 -29.40 -28.33 -9.97
CA SER E 71 -28.58 -29.15 -9.14
C SER E 71 -28.17 -30.41 -9.88
N ARG E 72 -29.06 -30.95 -10.71
CA ARG E 72 -28.79 -32.18 -11.42
C ARG E 72 -27.74 -32.10 -12.48
N ARG E 73 -27.47 -30.90 -12.96
CA ARG E 73 -26.34 -30.69 -13.88
C ARG E 73 -24.99 -30.91 -13.21
N PHE E 74 -24.90 -30.80 -11.88
CA PHE E 74 -23.63 -31.06 -11.13
C PHE E 74 -23.44 -32.49 -10.80
N GLY E 75 -24.51 -33.28 -10.72
CA GLY E 75 -24.40 -34.69 -10.38
C GLY E 75 -25.73 -35.22 -9.91
N PRO E 76 -25.84 -36.52 -9.57
CA PRO E 76 -27.09 -37.05 -9.07
C PRO E 76 -27.61 -36.29 -7.85
N VAL E 77 -28.92 -36.08 -7.78
CA VAL E 77 -29.49 -35.59 -6.53
C VAL E 77 -30.57 -36.55 -6.10
N ASP E 78 -30.52 -36.76 -4.78
CA ASP E 78 -31.22 -37.71 -4.11
C ASP E 78 -31.68 -37.25 -2.79
N PRO E 79 -32.80 -37.77 -2.32
CA PRO E 79 -33.26 -37.36 -0.97
C PRO E 79 -32.27 -37.82 0.09
N VAL E 80 -31.85 -36.89 0.94
CA VAL E 80 -31.01 -37.18 2.10
C VAL E 80 -31.96 -37.41 3.27
N PRO E 81 -32.09 -38.66 3.77
CA PRO E 81 -32.93 -38.91 4.94
C PRO E 81 -32.14 -38.52 6.19
N LEU E 82 -32.86 -38.08 7.25
CA LEU E 82 -32.22 -37.48 8.43
C LEU E 82 -32.04 -35.97 8.20
N LEU E 83 -32.77 -35.44 7.23
CA LEU E 83 -33.11 -34.02 7.16
C LEU E 83 -34.55 -33.79 6.72
N LYS E 84 -35.16 -32.75 7.29
CA LYS E 84 -36.51 -32.27 7.03
C LYS E 84 -37.24 -32.62 5.74
N SER E 85 -36.80 -32.12 4.61
CA SER E 85 -37.39 -32.38 3.30
C SER E 85 -38.77 -31.77 3.04
N ILE E 86 -38.94 -31.06 1.93
CA ILE E 86 -40.15 -30.28 1.60
C ILE E 86 -41.30 -31.18 1.17
N GLU E 87 -42.52 -30.71 1.45
CA GLU E 87 -43.76 -31.33 1.02
C GLU E 87 -43.79 -31.47 -0.52
N GLY E 88 -43.89 -32.73 -0.99
CA GLY E 88 -43.96 -33.04 -2.41
C GLY E 88 -42.69 -32.99 -3.27
N TYR E 89 -41.57 -32.77 -2.60
CA TYR E 89 -40.30 -32.60 -3.29
C TYR E 89 -39.22 -33.17 -2.38
N PRO E 90 -39.17 -34.50 -2.27
CA PRO E 90 -38.28 -35.19 -1.34
C PRO E 90 -36.77 -34.85 -1.42
N GLU E 91 -36.31 -34.39 -2.58
CA GLU E 91 -34.91 -34.01 -2.85
C GLU E 91 -34.49 -32.66 -2.26
N VAL E 92 -35.46 -31.86 -1.86
CA VAL E 92 -35.19 -30.52 -1.43
C VAL E 92 -35.33 -30.51 0.06
N GLN E 93 -34.23 -30.29 0.76
CA GLN E 93 -34.23 -30.21 2.21
C GLN E 93 -34.45 -28.76 2.60
N MET E 94 -35.02 -28.53 3.78
CA MET E 94 -35.23 -27.17 4.27
C MET E 94 -34.38 -26.83 5.49
N ILE E 95 -34.11 -25.53 5.66
CA ILE E 95 -33.20 -25.01 6.69
C ILE E 95 -33.90 -23.76 7.23
N ARG E 96 -34.19 -23.68 8.53
CA ARG E 96 -35.23 -22.79 9.10
C ARG E 96 -34.74 -22.04 10.43
N ARG E 97 -35.65 -21.28 11.05
CA ARG E 97 -35.61 -20.86 12.47
C ARG E 97 -36.72 -19.87 12.80
N ILE E 106 -24.88 -18.95 20.22
CA ILE E 106 -23.51 -19.41 19.83
C ILE E 106 -23.45 -20.92 19.28
N GLY E 107 -24.07 -21.12 18.12
CA GLY E 107 -24.02 -22.41 17.42
C GLY E 107 -22.78 -23.31 17.15
N GLU E 108 -21.67 -22.92 16.48
CA GLU E 108 -21.19 -23.67 15.30
C GLU E 108 -19.69 -23.94 15.22
N ASN E 109 -19.31 -24.83 14.31
CA ASN E 109 -17.94 -25.09 13.96
C ASN E 109 -17.72 -25.30 12.48
N TRP E 110 -16.51 -24.97 12.07
CA TRP E 110 -16.08 -25.23 10.72
C TRP E 110 -16.26 -26.69 10.44
N HIS E 111 -16.93 -26.99 9.33
CA HIS E 111 -17.03 -28.35 8.82
C HIS E 111 -17.34 -28.36 7.33
N THR E 112 -17.35 -29.54 6.74
CA THR E 112 -18.02 -29.79 5.47
C THR E 112 -19.03 -30.90 5.72
N ASP E 113 -19.93 -31.18 4.77
CA ASP E 113 -21.14 -31.91 5.11
C ASP E 113 -20.90 -33.39 5.18
N SER E 114 -21.35 -33.99 6.27
CA SER E 114 -21.47 -35.45 6.35
C SER E 114 -20.28 -36.32 5.99
N THR E 115 -19.11 -36.01 6.52
CA THR E 115 -17.88 -36.76 6.15
C THR E 115 -17.80 -38.11 6.84
N PHE E 116 -18.72 -38.33 7.76
CA PHE E 116 -18.93 -39.65 8.31
C PHE E 116 -19.48 -40.66 7.32
N LEU E 117 -19.93 -40.26 6.13
CA LEU E 117 -20.27 -41.21 5.11
C LEU E 117 -19.06 -41.72 4.35
N ASP E 118 -19.11 -42.95 3.83
CA ASP E 118 -18.07 -43.45 2.90
C ASP E 118 -18.04 -42.54 1.69
N ALA E 119 -19.20 -42.08 1.30
CA ALA E 119 -19.35 -41.23 0.06
C ALA E 119 -20.13 -40.00 0.43
N PRO E 120 -19.40 -38.96 0.89
CA PRO E 120 -20.13 -37.77 1.29
C PRO E 120 -20.66 -37.03 0.06
N PRO E 121 -21.55 -36.08 0.24
CA PRO E 121 -21.93 -35.31 -0.89
C PRO E 121 -20.73 -34.65 -1.63
N ALA E 122 -20.88 -34.53 -2.96
CA ALA E 122 -19.94 -33.81 -3.82
C ALA E 122 -20.12 -32.31 -3.75
N ALA E 123 -21.36 -31.89 -3.49
CA ALA E 123 -21.74 -30.47 -3.54
C ALA E 123 -23.12 -30.21 -2.95
N VAL E 124 -23.39 -28.94 -2.67
CA VAL E 124 -24.71 -28.55 -2.25
C VAL E 124 -25.13 -27.24 -2.84
N VAL E 125 -26.42 -27.20 -3.23
CA VAL E 125 -26.99 -26.02 -3.83
C VAL E 125 -28.13 -25.58 -2.96
N MET E 126 -27.92 -24.37 -2.45
CA MET E 126 -28.69 -23.73 -1.44
C MET E 126 -29.36 -22.52 -2.01
N TYR E 127 -30.65 -22.32 -1.70
CA TYR E 127 -31.46 -21.22 -2.24
C TYR E 127 -32.00 -20.39 -1.10
N ALA E 128 -31.69 -19.11 -1.10
CA ALA E 128 -32.15 -18.20 -0.06
C ALA E 128 -33.53 -17.70 -0.35
N LYS E 129 -34.48 -18.06 0.47
CA LYS E 129 -35.90 -17.67 0.24
C LYS E 129 -36.33 -16.49 1.09
N GLU E 130 -36.03 -16.51 2.38
CA GLU E 130 -36.33 -15.42 3.30
C GLU E 130 -35.07 -15.11 4.13
N ILE E 131 -34.62 -13.87 4.16
CA ILE E 131 -33.44 -13.48 4.97
C ILE E 131 -33.68 -12.22 5.77
N PRO E 132 -33.00 -12.04 6.89
CA PRO E 132 -33.04 -10.70 7.50
C PRO E 132 -32.14 -9.74 6.71
N PRO E 133 -32.31 -8.43 6.88
CA PRO E 133 -31.55 -7.49 6.01
C PRO E 133 -30.02 -7.64 6.11
N TYR E 134 -29.54 -8.01 7.30
CA TYR E 134 -28.14 -8.33 7.58
C TYR E 134 -28.09 -9.47 8.60
N GLY E 135 -26.91 -9.81 9.11
CA GLY E 135 -26.75 -11.07 9.88
C GLY E 135 -26.97 -12.41 9.17
N GLY E 136 -26.29 -13.41 9.70
CA GLY E 136 -26.28 -14.75 9.13
C GLY E 136 -25.32 -15.03 7.96
N ASP E 137 -24.16 -14.39 7.95
CA ASP E 137 -23.19 -14.62 6.89
C ASP E 137 -22.74 -16.07 6.90
N THR E 138 -22.23 -16.62 5.81
CA THR E 138 -21.60 -17.91 5.79
C THR E 138 -20.17 -17.78 5.28
N LEU E 139 -19.21 -18.31 6.06
CA LEU E 139 -17.80 -18.37 5.67
C LEU E 139 -17.49 -19.63 4.91
N PHE E 140 -16.49 -19.61 4.04
CA PHE E 140 -15.98 -20.78 3.33
C PHE E 140 -14.46 -20.69 3.29
N THR E 141 -13.72 -21.83 3.42
CA THR E 141 -12.29 -21.89 3.04
C THR E 141 -11.99 -22.83 1.97
N SER E 142 -10.87 -22.54 1.29
CA SER E 142 -10.30 -23.45 0.31
C SER E 142 -9.32 -24.44 0.97
N MET E 143 -9.71 -25.71 0.99
CA MET E 143 -8.83 -26.73 1.44
C MET E 143 -7.73 -26.99 0.43
N TYR E 144 -7.84 -26.55 -0.80
CA TYR E 144 -6.72 -26.68 -1.75
C TYR E 144 -5.59 -25.79 -1.27
N THR E 145 -5.97 -24.55 -0.91
CA THR E 145 -5.01 -23.53 -0.53
C THR E 145 -4.42 -23.93 0.83
N ALA E 146 -5.27 -24.48 1.69
CA ALA E 146 -4.85 -25.02 2.96
C ALA E 146 -3.69 -26.04 2.78
N TRP E 147 -3.90 -26.95 1.86
CA TRP E 147 -2.87 -27.92 1.59
C TRP E 147 -1.66 -27.30 0.94
N GLU E 148 -1.87 -26.41 -0.01
CA GLU E 148 -0.75 -25.89 -0.79
C GLU E 148 0.18 -24.98 0.06
N THR E 149 -0.32 -24.49 1.20
CA THR E 149 0.47 -23.63 2.03
C THR E 149 1.25 -24.37 3.12
N LEU E 150 1.11 -25.69 3.22
CA LEU E 150 1.95 -26.50 4.12
C LEU E 150 3.31 -26.65 3.44
N SER E 151 4.38 -26.73 4.19
CA SER E 151 5.71 -26.96 3.62
C SER E 151 5.79 -28.33 2.92
N PRO E 152 6.72 -28.47 1.98
CA PRO E 152 6.91 -29.77 1.39
C PRO E 152 7.15 -30.90 2.41
N THR E 153 7.99 -30.64 3.42
CA THR E 153 8.22 -31.65 4.45
C THR E 153 6.93 -32.01 5.21
N MET E 154 6.13 -31.01 5.61
CA MET E 154 4.86 -31.36 6.29
C MET E 154 3.95 -32.15 5.35
N GLN E 155 3.90 -31.78 4.08
CA GLN E 155 3.07 -32.55 3.13
C GLN E 155 3.56 -33.98 3.06
N ALA E 156 4.83 -34.19 2.82
CA ALA E 156 5.37 -35.59 2.78
C ALA E 156 5.06 -36.38 4.07
N THR E 157 5.03 -35.69 5.22
CA THR E 157 4.76 -36.31 6.47
C THR E 157 3.32 -36.77 6.63
N ILE E 158 2.34 -36.02 6.17
CA ILE E 158 0.93 -36.44 6.38
C ILE E 158 0.23 -37.04 5.18
N GLU E 159 0.78 -36.84 3.98
CA GLU E 159 0.28 -37.43 2.72
C GLU E 159 -0.32 -38.81 2.83
N GLY E 160 0.36 -39.69 3.51
CA GLY E 160 0.00 -41.11 3.64
C GLY E 160 -1.03 -41.44 4.72
N LEU E 161 -1.33 -40.50 5.59
CA LEU E 161 -2.23 -40.75 6.70
C LEU E 161 -3.66 -40.80 6.31
N ASN E 162 -4.41 -41.72 6.92
CA ASN E 162 -5.87 -41.69 6.90
C ASN E 162 -6.44 -41.14 8.18
N VAL E 163 -7.70 -40.69 8.15
CA VAL E 163 -8.36 -40.13 9.33
C VAL E 163 -9.68 -40.85 9.55
N VAL E 164 -10.02 -41.10 10.80
CA VAL E 164 -11.27 -41.77 11.14
C VAL E 164 -12.33 -40.69 11.33
N HIS E 165 -13.46 -40.81 10.63
CA HIS E 165 -14.56 -39.82 10.74
C HIS E 165 -15.73 -40.53 11.39
N SER E 166 -16.50 -39.81 12.18
CA SER E 166 -17.74 -40.35 12.64
C SER E 166 -18.64 -39.27 13.17
N ALA E 167 -19.94 -39.58 13.26
CA ALA E 167 -20.86 -38.56 13.72
C ALA E 167 -21.13 -38.59 15.21
N THR E 168 -20.23 -39.19 15.99
CA THR E 168 -20.51 -39.43 17.39
C THR E 168 -20.73 -38.14 18.19
N ARG E 169 -20.11 -37.04 17.78
CA ARG E 169 -20.29 -35.78 18.51
C ARG E 169 -21.55 -35.06 18.10
N VAL E 170 -22.07 -35.38 16.92
CA VAL E 170 -23.25 -34.70 16.42
C VAL E 170 -24.52 -35.40 16.83
N PHE E 171 -24.59 -36.71 16.60
CA PHE E 171 -25.80 -37.47 17.02
C PHE E 171 -25.55 -38.91 17.50
N GLY E 172 -24.31 -39.21 17.87
CA GLY E 172 -24.00 -40.47 18.51
C GLY E 172 -23.98 -40.30 20.03
N SER E 173 -23.24 -41.21 20.66
CA SER E 173 -23.20 -41.37 22.11
C SER E 173 -22.56 -40.22 22.85
N LEU E 174 -21.59 -39.54 22.24
CA LEU E 174 -20.96 -38.36 22.85
C LEU E 174 -21.93 -37.20 22.94
N TYR E 175 -22.65 -36.94 21.85
CA TYR E 175 -23.77 -35.99 21.86
C TYR E 175 -24.79 -36.36 22.90
N GLN E 176 -25.24 -37.62 22.90
CA GLN E 176 -26.14 -38.17 23.94
C GLN E 176 -25.67 -37.87 25.40
N ALA E 177 -24.36 -37.91 25.65
CA ALA E 177 -23.79 -37.59 26.97
C ALA E 177 -24.09 -36.15 27.44
N GLN E 178 -23.89 -35.13 26.60
CA GLN E 178 -24.06 -33.69 26.92
C GLN E 178 -25.46 -33.23 27.45
N ASN E 179 -25.86 -33.74 28.60
CA ASN E 179 -27.00 -33.20 29.47
C ASN E 179 -26.44 -32.37 30.60
N ASP E 191 -30.34 -41.93 14.63
CA ASP E 191 -30.08 -42.73 15.79
C ASP E 191 -28.62 -43.03 16.14
N VAL E 192 -28.39 -43.62 17.33
CA VAL E 192 -27.05 -43.72 17.98
C VAL E 192 -26.01 -44.55 17.20
N ASP E 193 -26.36 -45.75 16.76
CA ASP E 193 -25.39 -46.67 16.10
C ASP E 193 -24.85 -46.12 14.76
N ALA E 194 -25.71 -45.38 14.02
CA ALA E 194 -25.31 -44.68 12.81
C ALA E 194 -24.44 -43.42 13.12
N GLY E 195 -24.74 -42.77 14.24
CA GLY E 195 -23.92 -41.68 14.80
C GLY E 195 -22.53 -42.11 15.26
N ASP E 196 -22.44 -43.29 15.84
CA ASP E 196 -21.18 -43.87 16.26
C ASP E 196 -20.41 -44.58 15.14
N ARG E 197 -21.07 -44.98 14.05
CA ARG E 197 -20.38 -45.65 12.95
C ARG E 197 -19.20 -44.83 12.38
N GLU E 198 -18.05 -45.46 12.32
CA GLU E 198 -16.82 -44.86 11.83
C GLU E 198 -16.60 -45.23 10.37
N THR E 199 -16.05 -44.28 9.59
CA THR E 199 -15.54 -44.53 8.26
C THR E 199 -14.12 -43.93 8.21
N VAL E 200 -13.38 -44.30 7.18
CA VAL E 200 -11.99 -43.83 7.07
C VAL E 200 -11.80 -43.11 5.72
N HIS E 201 -11.18 -41.94 5.76
CA HIS E 201 -10.88 -41.19 4.56
C HIS E 201 -9.45 -40.72 4.54
N PRO E 202 -8.89 -40.49 3.33
CA PRO E 202 -7.52 -39.94 3.37
C PRO E 202 -7.44 -38.56 3.96
N LEU E 203 -6.23 -38.20 4.38
CA LEU E 203 -6.00 -36.92 5.02
C LEU E 203 -5.92 -35.88 3.92
N VAL E 204 -5.43 -36.30 2.74
CA VAL E 204 -5.31 -35.46 1.55
C VAL E 204 -5.99 -36.19 0.43
N VAL E 205 -6.91 -35.51 -0.24
CA VAL E 205 -7.72 -36.11 -1.34
C VAL E 205 -7.46 -35.40 -2.64
N THR E 206 -7.46 -36.17 -3.73
CA THR E 206 -7.37 -35.60 -5.06
C THR E 206 -8.80 -35.39 -5.60
N HIS E 207 -9.16 -34.16 -5.88
CA HIS E 207 -10.54 -33.84 -6.44
C HIS E 207 -10.78 -34.69 -7.72
N PRO E 208 -11.93 -35.38 -7.75
CA PRO E 208 -12.19 -36.30 -8.88
C PRO E 208 -12.40 -35.59 -10.25
N GLU E 209 -12.69 -34.28 -10.28
CA GLU E 209 -12.82 -33.49 -11.52
C GLU E 209 -11.60 -32.64 -11.78
N THR E 210 -11.09 -31.90 -10.80
CA THR E 210 -9.96 -30.98 -11.06
C THR E 210 -8.60 -31.63 -11.01
N GLY E 211 -8.47 -32.74 -10.27
CA GLY E 211 -7.19 -33.41 -10.10
C GLY E 211 -6.28 -32.73 -9.09
N ARG E 212 -6.81 -31.77 -8.34
CA ARG E 212 -6.02 -30.98 -7.40
C ARG E 212 -6.11 -31.60 -6.05
N LYS E 213 -4.95 -31.68 -5.37
CA LYS E 213 -4.90 -32.12 -4.02
C LYS E 213 -5.40 -31.03 -3.10
N GLY E 214 -6.30 -31.43 -2.20
CA GLY E 214 -6.70 -30.62 -1.04
C GLY E 214 -6.69 -31.36 0.31
N LEU E 215 -6.60 -30.60 1.38
CA LEU E 215 -6.66 -31.15 2.73
C LEU E 215 -8.02 -31.61 3.04
N TYR E 216 -8.16 -32.75 3.70
CA TYR E 216 -9.50 -33.29 3.97
C TYR E 216 -9.72 -33.63 5.43
N VAL E 217 -9.99 -32.62 6.23
CA VAL E 217 -10.10 -32.81 7.63
C VAL E 217 -11.01 -31.78 8.23
N ASN E 218 -11.86 -32.20 9.17
CA ASN E 218 -12.71 -31.23 9.85
C ASN E 218 -13.00 -31.60 11.27
N GLN E 219 -13.16 -30.58 12.05
CA GLN E 219 -13.25 -30.62 13.48
C GLN E 219 -14.53 -31.24 14.01
N VAL E 220 -15.58 -31.37 13.22
CA VAL E 220 -16.86 -31.90 13.74
C VAL E 220 -16.91 -33.42 13.71
N TYR E 221 -16.42 -33.98 12.62
CA TYR E 221 -16.45 -35.40 12.34
C TYR E 221 -15.14 -36.20 12.52
N CYS E 222 -13.99 -35.53 12.44
CA CYS E 222 -12.70 -36.21 12.49
C CYS E 222 -12.41 -36.47 13.94
N GLN E 223 -12.14 -37.71 14.26
CA GLN E 223 -12.02 -38.15 15.61
C GLN E 223 -10.50 -38.40 16.03
N ARG E 224 -9.81 -39.15 15.19
CA ARG E 224 -8.39 -39.34 15.29
C ARG E 224 -7.80 -39.76 13.94
N ILE E 225 -6.49 -39.78 13.89
CA ILE E 225 -5.75 -40.34 12.77
C ILE E 225 -5.75 -41.84 12.90
N GLU E 226 -5.91 -42.52 11.77
CA GLU E 226 -6.05 -43.97 11.76
C GLU E 226 -4.77 -44.63 12.24
N GLY E 227 -4.90 -45.57 13.18
CA GLY E 227 -3.76 -46.23 13.76
C GLY E 227 -3.02 -45.49 14.88
N MET E 228 -3.41 -44.27 15.17
CA MET E 228 -2.87 -43.52 16.27
C MET E 228 -3.89 -43.44 17.39
N SER E 229 -3.46 -43.05 18.56
CA SER E 229 -4.36 -42.75 19.65
C SER E 229 -4.90 -41.35 19.55
N GLU E 230 -5.90 -41.01 20.34
CA GLU E 230 -6.37 -39.65 20.42
C GLU E 230 -5.28 -38.72 20.84
N LYS E 231 -4.47 -39.11 21.81
CA LYS E 231 -3.47 -38.15 22.34
C LYS E 231 -2.37 -37.85 21.32
N GLU E 232 -2.05 -38.85 20.52
CA GLU E 232 -1.12 -38.72 19.39
C GLU E 232 -1.66 -37.87 18.29
N SER E 233 -2.93 -38.09 17.94
CA SER E 233 -3.64 -37.35 16.88
C SER E 233 -3.91 -35.90 17.20
N GLU E 234 -4.20 -35.59 18.44
CA GLU E 234 -4.63 -34.25 18.78
C GLU E 234 -3.70 -33.11 18.32
N PRO E 235 -2.40 -33.15 18.66
CA PRO E 235 -1.55 -32.07 18.15
C PRO E 235 -1.71 -31.84 16.67
N LEU E 236 -1.69 -32.90 15.87
CA LEU E 236 -1.61 -32.77 14.44
C LEU E 236 -2.94 -32.27 13.84
N LEU E 237 -4.02 -32.92 14.20
CA LEU E 237 -5.32 -32.48 13.82
C LEU E 237 -5.60 -31.04 14.22
N SER E 238 -5.25 -30.66 15.43
CA SER E 238 -5.53 -29.29 15.88
C SER E 238 -4.82 -28.27 15.03
N PHE E 239 -3.59 -28.63 14.65
CA PHE E 239 -2.83 -27.73 13.85
C PHE E 239 -3.55 -27.61 12.51
N LEU E 240 -3.91 -28.75 11.94
CA LEU E 240 -4.54 -28.73 10.64
C LEU E 240 -5.92 -27.98 10.69
N PHE E 241 -6.71 -28.14 11.74
CA PHE E 241 -7.96 -27.42 11.86
C PHE E 241 -7.71 -25.95 11.82
N ALA E 242 -6.80 -25.46 12.60
CA ALA E 242 -6.48 -24.00 12.69
C ALA E 242 -5.92 -23.42 11.39
N HIS E 243 -5.06 -24.21 10.75
CA HIS E 243 -4.34 -23.78 9.55
C HIS E 243 -5.30 -23.61 8.42
N ALA E 244 -6.19 -24.59 8.27
CA ALA E 244 -7.14 -24.57 7.20
C ALA E 244 -8.17 -23.46 7.31
N THR E 245 -8.33 -22.83 8.48
CA THR E 245 -9.34 -21.80 8.64
C THR E 245 -8.77 -20.44 8.86
N LYS E 246 -7.49 -20.25 8.51
CA LYS E 246 -6.92 -18.93 8.61
C LYS E 246 -7.71 -17.93 7.69
N PRO E 247 -7.98 -16.71 8.21
CA PRO E 247 -8.78 -15.80 7.41
C PRO E 247 -8.33 -15.67 5.96
N GLU E 248 -7.01 -15.68 5.74
CA GLU E 248 -6.44 -15.59 4.37
C GLU E 248 -6.89 -16.61 3.33
N PHE E 249 -7.40 -17.74 3.79
CA PHE E 249 -7.92 -18.80 2.90
C PHE E 249 -9.45 -18.76 2.78
N THR E 250 -10.08 -17.80 3.45
CA THR E 250 -11.52 -17.76 3.53
C THR E 250 -12.17 -16.68 2.66
N CYS E 251 -13.45 -16.90 2.35
CA CYS E 251 -14.34 -15.83 1.91
C CYS E 251 -15.63 -15.79 2.70
N ARG E 252 -16.33 -14.69 2.60
CA ARG E 252 -17.55 -14.54 3.40
C ARG E 252 -18.70 -14.06 2.46
N VAL E 253 -19.76 -14.82 2.48
CA VAL E 253 -20.90 -14.57 1.70
C VAL E 253 -21.95 -13.95 2.57
N ARG E 254 -22.43 -12.79 2.15
CA ARG E 254 -23.50 -12.13 2.86
C ARG E 254 -24.77 -12.38 2.07
N TRP E 255 -25.63 -13.26 2.58
CA TRP E 255 -26.82 -13.74 1.86
C TRP E 255 -27.82 -12.65 1.48
N GLN E 256 -28.43 -12.82 0.32
CA GLN E 256 -29.55 -11.99 -0.14
C GLN E 256 -30.62 -12.93 -0.64
N GLU E 257 -31.88 -12.56 -0.39
CA GLU E 257 -33.05 -13.31 -0.91
C GLU E 257 -32.81 -13.45 -2.37
N GLY E 258 -32.92 -14.68 -2.85
CA GLY E 258 -32.70 -14.95 -4.26
C GLY E 258 -31.36 -15.48 -4.64
N ASP E 259 -30.39 -15.48 -3.70
CA ASP E 259 -29.09 -16.09 -3.96
C ASP E 259 -29.28 -17.59 -4.12
N VAL E 260 -28.80 -18.13 -5.22
CA VAL E 260 -28.59 -19.59 -5.38
C VAL E 260 -27.10 -19.77 -5.22
N LEU E 261 -26.68 -20.62 -4.29
CA LEU E 261 -25.27 -20.83 -3.99
C LEU E 261 -24.90 -22.31 -4.05
N VAL E 262 -23.77 -22.57 -4.70
CA VAL E 262 -23.24 -23.91 -4.81
C VAL E 262 -21.84 -23.98 -4.18
N TRP E 263 -21.66 -24.90 -3.22
CA TRP E 263 -20.29 -25.18 -2.71
C TRP E 263 -19.80 -26.56 -3.01
N ASP E 264 -18.51 -26.69 -3.34
CA ASP E 264 -17.86 -28.00 -3.41
C ASP E 264 -17.74 -28.59 -2.02
N ASN E 265 -18.33 -29.77 -1.79
CA ASN E 265 -18.30 -30.35 -0.46
C ASN E 265 -16.96 -31.08 -0.13
N LEU E 266 -16.06 -31.21 -1.12
CA LEU E 266 -14.81 -31.94 -0.97
C LEU E 266 -13.69 -30.95 -0.64
N CYS E 267 -13.60 -29.85 -1.42
CA CYS E 267 -12.49 -28.96 -1.33
C CYS E 267 -12.78 -27.68 -0.57
N THR E 268 -13.96 -27.56 0.07
CA THR E 268 -14.20 -26.49 1.03
C THR E 268 -14.73 -26.94 2.35
N GLN E 269 -14.69 -26.05 3.32
CA GLN E 269 -15.42 -26.15 4.58
C GLN E 269 -16.14 -24.83 4.70
N HIS E 270 -17.16 -24.79 5.53
CA HIS E 270 -17.92 -23.58 5.76
C HIS E 270 -18.28 -23.43 7.19
N TYR E 271 -18.80 -22.25 7.52
CA TYR E 271 -19.14 -21.90 8.88
C TYR E 271 -20.27 -20.91 8.78
N ALA E 272 -21.46 -21.37 9.15
CA ALA E 272 -22.63 -20.54 9.15
C ALA E 272 -22.60 -19.75 10.45
N VAL E 273 -22.45 -18.45 10.32
CA VAL E 273 -22.26 -17.59 11.45
C VAL E 273 -23.56 -17.48 12.21
N PRO E 274 -23.57 -17.81 13.48
CA PRO E 274 -24.77 -17.43 14.23
C PRO E 274 -24.60 -16.03 14.78
N ASP E 275 -25.38 -15.03 14.40
CA ASP E 275 -25.25 -13.69 14.97
C ASP E 275 -26.58 -12.98 15.05
N TYR E 276 -27.71 -13.71 14.93
CA TYR E 276 -29.07 -13.20 14.76
C TYR E 276 -30.11 -13.60 15.87
N ALA E 277 -29.78 -14.60 16.70
CA ALA E 277 -30.60 -15.12 17.79
C ALA E 277 -32.08 -14.75 17.72
N GLY E 278 -32.88 -15.67 17.21
CA GLY E 278 -34.31 -15.49 17.10
C GLY E 278 -34.85 -15.02 15.76
N LYS E 279 -34.00 -14.43 14.91
CA LYS E 279 -34.47 -13.91 13.60
C LYS E 279 -34.79 -15.02 12.61
N PHE E 280 -35.90 -14.86 11.88
CA PHE E 280 -36.39 -15.88 10.94
C PHE E 280 -35.55 -15.88 9.66
N ARG E 281 -35.20 -17.06 9.22
CA ARG E 281 -34.26 -17.32 8.10
C ARG E 281 -34.86 -18.55 7.44
N TYR E 282 -35.06 -18.54 6.13
CA TYR E 282 -35.52 -19.74 5.42
C TYR E 282 -34.71 -19.94 4.15
N LEU E 283 -34.09 -21.10 4.03
CA LEU E 283 -33.36 -21.49 2.83
C LEU E 283 -33.74 -22.90 2.45
N THR E 284 -33.71 -23.21 1.16
CA THR E 284 -33.86 -24.59 0.77
C THR E 284 -32.53 -25.05 0.26
N ARG E 285 -32.41 -26.35 0.07
CA ARG E 285 -31.16 -26.98 -0.14
C ARG E 285 -31.34 -28.32 -0.86
N THR E 286 -30.52 -28.56 -1.89
CA THR E 286 -30.39 -29.90 -2.47
C THR E 286 -28.96 -30.39 -2.24
N THR E 287 -28.78 -31.71 -2.27
CA THR E 287 -27.54 -32.35 -2.00
C THR E 287 -27.15 -33.17 -3.20
N VAL E 288 -25.98 -32.89 -3.78
CA VAL E 288 -25.51 -33.67 -4.90
C VAL E 288 -24.40 -34.66 -4.51
N GLY E 289 -24.57 -35.89 -4.97
CA GLY E 289 -23.77 -37.01 -4.70
C GLY E 289 -22.42 -37.06 -5.40
N GLY E 290 -21.56 -37.86 -4.76
CA GLY E 290 -20.17 -37.86 -5.01
C GLY E 290 -19.58 -39.20 -4.89
N VAL E 291 -18.26 -39.22 -5.05
CA VAL E 291 -17.57 -40.49 -5.04
C VAL E 291 -16.89 -40.50 -3.74
N ARG E 292 -16.52 -41.69 -3.35
CA ARG E 292 -15.62 -41.95 -2.21
C ARG E 292 -14.40 -41.05 -2.35
N PRO E 293 -14.01 -40.34 -1.30
CA PRO E 293 -12.77 -39.60 -1.38
C PRO E 293 -11.56 -40.47 -1.58
N ALA E 294 -10.76 -40.15 -2.57
CA ALA E 294 -9.61 -40.90 -2.97
C ALA E 294 -8.30 -40.10 -2.86
N ARG E 295 -7.20 -40.81 -2.59
CA ARG E 295 -5.90 -40.25 -2.57
C ARG E 295 -5.49 -40.14 -4.05
N ARG F 11 23.92 -63.76 34.77
CA ARG F 11 23.65 -62.34 34.98
C ARG F 11 23.99 -61.86 36.49
N PHE F 12 25.10 -61.17 36.46
CA PHE F 12 25.76 -60.41 37.58
C PHE F 12 26.32 -61.19 38.76
N GLU F 13 27.54 -61.70 38.58
CA GLU F 13 28.30 -62.37 39.65
C GLU F 13 29.26 -61.45 40.44
N ARG F 14 29.83 -60.46 39.77
CA ARG F 14 30.84 -59.54 40.36
C ARG F 14 30.29 -58.28 41.00
N ILE F 15 29.05 -57.90 40.71
CA ILE F 15 28.46 -56.66 41.23
C ILE F 15 27.03 -56.94 41.69
N ALA F 16 26.52 -56.08 42.57
CA ALA F 16 25.11 -56.14 42.98
C ALA F 16 24.29 -54.98 42.30
N VAL F 17 23.30 -55.36 41.53
CA VAL F 17 22.51 -54.45 40.68
C VAL F 17 21.08 -54.38 41.16
N GLN F 18 20.69 -53.27 41.79
CA GLN F 18 19.30 -53.09 42.24
C GLN F 18 18.58 -52.06 41.30
N PRO F 19 17.71 -52.55 40.43
CA PRO F 19 16.96 -51.60 39.61
C PRO F 19 16.10 -50.69 40.47
N LEU F 20 15.98 -49.47 40.01
CA LEU F 20 15.33 -48.40 40.72
C LEU F 20 13.87 -48.36 40.37
N THR F 21 13.57 -48.58 39.11
CA THR F 21 12.19 -48.70 38.62
C THR F 21 12.14 -49.87 37.64
N GLY F 22 10.89 -50.17 37.23
CA GLY F 22 10.69 -51.17 36.20
C GLY F 22 11.14 -50.73 34.82
N VAL F 23 11.46 -49.47 34.65
CA VAL F 23 11.82 -48.92 33.36
C VAL F 23 13.27 -48.55 33.25
N LEU F 24 13.85 -47.85 34.22
CA LEU F 24 15.27 -47.52 34.10
C LEU F 24 15.87 -47.19 35.46
N GLY F 25 17.19 -47.16 35.51
CA GLY F 25 17.93 -46.80 36.71
C GLY F 25 18.35 -48.00 37.54
N ALA F 26 19.58 -48.00 37.99
CA ALA F 26 20.06 -49.04 38.93
C ALA F 26 21.07 -48.54 39.90
N GLU F 27 20.93 -48.96 41.15
CA GLU F 27 21.98 -48.82 42.14
C GLU F 27 22.95 -50.00 42.00
N ILE F 28 24.22 -49.70 42.02
CA ILE F 28 25.26 -50.73 41.91
C ILE F 28 26.20 -50.67 43.09
N THR F 29 26.25 -51.76 43.85
CA THR F 29 27.11 -51.89 45.02
C THR F 29 28.07 -53.05 44.83
N GLY F 30 28.96 -53.22 45.82
CA GLY F 30 29.91 -54.32 45.81
C GLY F 30 31.07 -54.01 44.87
N VAL F 31 31.43 -52.72 44.74
CA VAL F 31 32.55 -52.30 43.90
C VAL F 31 33.21 -51.09 44.54
N ASP F 32 34.54 -51.08 44.47
CA ASP F 32 35.30 -49.95 44.97
C ASP F 32 35.97 -49.33 43.72
N LEU F 33 35.50 -48.14 43.38
CA LEU F 33 36.03 -47.42 42.20
C LEU F 33 37.45 -46.83 42.37
N ARG F 34 38.02 -46.97 43.55
CA ARG F 34 39.46 -46.69 43.75
C ARG F 34 40.31 -47.76 43.13
N GLU F 35 39.84 -49.02 43.19
CA GLU F 35 40.53 -50.15 42.57
C GLU F 35 40.26 -50.14 41.05
N PRO F 36 41.31 -50.41 40.22
CA PRO F 36 40.99 -50.63 38.81
C PRO F 36 40.28 -51.98 38.67
N LEU F 37 39.59 -52.19 37.54
CA LEU F 37 38.59 -53.20 37.42
C LEU F 37 39.00 -54.30 36.47
N ASP F 38 38.87 -55.54 36.88
CA ASP F 38 39.15 -56.62 35.91
C ASP F 38 38.09 -56.61 34.79
N ASP F 39 38.50 -57.13 33.65
CA ASP F 39 37.69 -57.36 32.50
C ASP F 39 36.26 -57.87 32.78
N SER F 40 36.10 -58.87 33.67
CA SER F 40 34.78 -59.47 33.82
C SER F 40 33.82 -58.54 34.60
N THR F 41 34.41 -57.82 35.57
CA THR F 41 33.69 -56.85 36.38
C THR F 41 33.25 -55.60 35.56
N TRP F 42 34.16 -55.10 34.75
CA TRP F 42 33.89 -53.95 33.93
C TRP F 42 32.72 -54.28 32.98
N ASN F 43 32.83 -55.46 32.34
CA ASN F 43 31.83 -55.97 31.43
C ASN F 43 30.45 -56.00 32.05
N GLU F 44 30.36 -56.33 33.33
CA GLU F 44 29.07 -56.34 34.03
C GLU F 44 28.57 -54.90 34.28
N ILE F 45 29.46 -54.00 34.64
CA ILE F 45 29.11 -52.59 34.79
C ILE F 45 28.51 -52.05 33.46
N LEU F 46 29.17 -52.38 32.37
CA LEU F 46 28.84 -51.86 31.07
C LEU F 46 27.54 -52.51 30.60
N ASP F 47 27.40 -53.80 30.87
CA ASP F 47 26.16 -54.50 30.63
C ASP F 47 25.00 -53.77 31.39
N ALA F 48 25.23 -53.45 32.66
CA ALA F 48 24.27 -52.73 33.46
C ALA F 48 23.97 -51.31 32.97
N PHE F 49 25.01 -50.60 32.58
CA PHE F 49 24.85 -49.28 31.96
C PHE F 49 23.89 -49.32 30.75
N HIS F 50 24.09 -50.31 29.88
CA HIS F 50 23.34 -50.44 28.66
C HIS F 50 21.86 -50.86 28.84
N THR F 51 21.58 -51.65 29.85
CA THR F 51 20.23 -52.03 30.21
C THR F 51 19.54 -50.94 30.99
N TYR F 52 20.15 -50.43 32.03
CA TYR F 52 19.48 -49.53 32.97
C TYR F 52 19.65 -48.06 32.64
N GLN F 53 20.63 -47.72 31.82
CA GLN F 53 20.78 -46.38 31.23
C GLN F 53 21.24 -45.25 32.11
N VAL F 54 20.83 -45.27 33.34
CA VAL F 54 21.43 -44.40 34.34
C VAL F 54 21.76 -45.30 35.55
N ILE F 55 23.02 -45.30 35.93
CA ILE F 55 23.50 -46.15 37.05
C ILE F 55 24.28 -45.32 38.05
N TYR F 56 24.13 -45.65 39.30
CA TYR F 56 24.94 -44.99 40.29
C TYR F 56 25.50 -45.98 41.32
N PHE F 57 26.65 -45.61 41.85
CA PHE F 57 27.44 -46.40 42.80
C PHE F 57 27.56 -45.61 44.11
N PRO F 58 26.81 -45.99 45.15
CA PRO F 58 26.94 -45.24 46.42
C PRO F 58 28.16 -45.55 47.16
N GLY F 59 28.44 -44.66 48.12
CA GLY F 59 29.53 -44.87 49.09
C GLY F 59 30.91 -44.76 48.51
N GLN F 60 31.13 -44.17 47.35
CA GLN F 60 32.51 -44.11 46.86
C GLN F 60 33.27 -42.95 47.45
N ALA F 61 34.58 -43.15 47.48
CA ALA F 61 35.50 -42.14 48.01
C ALA F 61 36.67 -42.12 47.07
N ILE F 62 36.55 -41.37 45.97
CA ILE F 62 37.53 -41.41 44.90
C ILE F 62 38.13 -40.02 44.72
N THR F 63 39.29 -39.97 44.08
CA THR F 63 39.99 -38.76 43.77
C THR F 63 39.61 -38.34 42.34
N ASN F 64 40.02 -37.14 41.95
CA ASN F 64 39.90 -36.71 40.57
C ASN F 64 40.54 -37.65 39.57
N GLU F 65 41.66 -38.27 39.86
CA GLU F 65 42.35 -39.17 38.89
C GLU F 65 41.55 -40.45 38.74
N GLN F 66 41.03 -40.95 39.84
CA GLN F 66 40.25 -42.18 39.81
C GLN F 66 38.97 -42.02 39.05
N HIS F 67 38.25 -40.92 39.34
CA HIS F 67 37.06 -40.44 38.60
C HIS F 67 37.36 -40.47 37.11
N ILE F 68 38.43 -39.79 36.71
CA ILE F 68 38.83 -39.72 35.32
C ILE F 68 38.98 -41.09 34.74
N ALA F 69 39.69 -41.91 35.43
CA ALA F 69 40.08 -43.25 34.98
C ALA F 69 38.86 -44.11 34.74
N PHE F 70 37.90 -44.00 35.64
CA PHE F 70 36.69 -44.77 35.58
C PHE F 70 35.87 -44.30 34.33
N SER F 71 35.79 -42.98 34.17
CA SER F 71 35.11 -42.37 33.05
C SER F 71 35.71 -42.83 31.75
N ARG F 72 37.03 -43.03 31.72
CA ARG F 72 37.70 -43.40 30.49
C ARG F 72 37.41 -44.78 30.01
N ARG F 73 36.93 -45.67 30.90
CA ARG F 73 36.47 -46.98 30.48
C ARG F 73 35.20 -46.91 29.61
N PHE F 74 34.41 -45.82 29.71
CA PHE F 74 33.20 -45.65 28.87
C PHE F 74 33.49 -45.03 27.54
N GLY F 75 34.59 -44.30 27.42
CA GLY F 75 34.92 -43.67 26.13
C GLY F 75 35.93 -42.54 26.37
N PRO F 76 36.39 -41.86 25.31
CA PRO F 76 37.30 -40.76 25.50
C PRO F 76 36.75 -39.69 26.46
N VAL F 77 37.61 -39.12 27.29
CA VAL F 77 37.20 -37.93 28.03
C VAL F 77 38.20 -36.83 27.74
N ASP F 78 37.58 -35.65 27.56
CA ASP F 78 38.17 -34.51 27.12
C ASP F 78 37.65 -33.32 27.81
N PRO F 79 38.49 -32.30 27.98
CA PRO F 79 37.99 -31.07 28.60
C PRO F 79 36.89 -30.43 27.73
N VAL F 80 35.75 -30.14 28.36
CA VAL F 80 34.67 -29.40 27.73
C VAL F 80 34.90 -27.91 28.05
N PRO F 81 35.27 -27.09 27.05
CA PRO F 81 35.43 -25.66 27.27
C PRO F 81 34.02 -25.02 27.28
N LEU F 82 33.84 -23.93 28.05
CA LEU F 82 32.56 -23.34 28.34
C LEU F 82 31.88 -24.03 29.52
N LEU F 83 32.69 -24.71 30.31
CA LEU F 83 32.37 -25.04 31.69
C LEU F 83 33.60 -24.89 32.60
N LYS F 84 33.34 -24.44 33.83
CA LYS F 84 34.27 -24.26 34.92
C LYS F 84 35.65 -24.92 34.92
N SER F 85 35.72 -26.24 35.05
CA SER F 85 36.92 -27.04 35.12
C SER F 85 37.77 -26.82 36.39
N ILE F 86 38.15 -27.93 37.03
CA ILE F 86 38.91 -27.92 38.30
C ILE F 86 40.37 -27.55 38.08
N GLU F 87 40.95 -26.93 39.11
CA GLU F 87 42.38 -26.60 39.17
C GLU F 87 43.23 -27.87 39.01
N GLY F 88 44.07 -27.90 37.97
CA GLY F 88 44.98 -29.04 37.73
C GLY F 88 44.42 -30.29 37.08
N TYR F 89 43.14 -30.25 36.73
CA TYR F 89 42.45 -31.43 36.21
C TYR F 89 41.42 -30.94 35.20
N PRO F 90 41.90 -30.49 34.02
CA PRO F 90 41.04 -29.87 33.01
C PRO F 90 39.81 -30.67 32.54
N GLU F 91 39.85 -31.99 32.65
CA GLU F 91 38.77 -32.91 32.27
C GLU F 91 37.58 -32.97 33.25
N VAL F 92 37.77 -32.43 34.44
CA VAL F 92 36.79 -32.55 35.48
C VAL F 92 36.15 -31.19 35.59
N GLN F 93 34.88 -31.12 35.24
CA GLN F 93 34.12 -29.88 35.36
C GLN F 93 33.47 -29.86 36.73
N MET F 94 33.23 -28.65 37.26
CA MET F 94 32.55 -28.54 38.56
C MET F 94 31.15 -27.95 38.46
N ILE F 95 30.32 -28.28 39.45
CA ILE F 95 28.90 -27.89 39.50
C ILE F 95 28.68 -27.44 40.95
N ARG F 96 28.47 -26.16 41.17
CA ARG F 96 28.16 -25.59 42.50
C ARG F 96 26.67 -25.22 42.66
N ARG F 97 26.26 -24.46 43.66
CA ARG F 97 25.09 -23.44 43.58
C ARG F 97 24.12 -23.45 44.78
N GLU F 108 14.43 -24.75 35.60
CA GLU F 108 14.96 -25.88 34.80
C GLU F 108 13.96 -26.53 33.84
N ASN F 109 14.50 -27.23 32.84
CA ASN F 109 13.75 -28.04 31.93
C ASN F 109 14.40 -29.34 31.58
N TRP F 110 13.55 -30.30 31.24
CA TRP F 110 14.02 -31.58 30.77
C TRP F 110 14.93 -31.35 29.58
N HIS F 111 16.11 -31.94 29.62
CA HIS F 111 17.02 -31.96 28.49
C HIS F 111 18.00 -33.11 28.58
N THR F 112 18.80 -33.28 27.56
CA THR F 112 20.06 -34.01 27.64
C THR F 112 21.17 -33.06 27.20
N ASP F 113 22.43 -33.43 27.38
CA ASP F 113 23.49 -32.42 27.39
C ASP F 113 23.92 -32.06 25.98
N SER F 114 23.96 -30.76 25.72
CA SER F 114 24.62 -30.24 24.55
C SER F 114 24.26 -30.81 23.16
N THR F 115 22.97 -30.95 22.87
CA THR F 115 22.57 -31.57 21.59
C THR F 115 22.73 -30.64 20.41
N PHE F 116 23.03 -29.40 20.70
CA PHE F 116 23.49 -28.46 19.68
C PHE F 116 24.84 -28.81 19.05
N LEU F 117 25.60 -29.76 19.60
CA LEU F 117 26.79 -30.23 18.92
C LEU F 117 26.44 -31.25 17.84
N ASP F 118 27.27 -31.35 16.79
CA ASP F 118 27.17 -32.45 15.80
C ASP F 118 27.37 -33.75 16.54
N ALA F 119 28.25 -33.73 17.52
CA ALA F 119 28.61 -34.99 18.28
C ALA F 119 28.49 -34.67 19.74
N PRO F 120 27.28 -34.87 20.30
CA PRO F 120 27.11 -34.54 21.70
C PRO F 120 27.83 -35.59 22.58
N PRO F 121 28.02 -35.32 23.85
CA PRO F 121 28.53 -36.36 24.66
C PRO F 121 27.72 -37.67 24.60
N ALA F 122 28.45 -38.80 24.74
CA ALA F 122 27.87 -40.13 24.86
C ALA F 122 27.35 -40.41 26.24
N ALA F 123 27.97 -39.77 27.24
CA ALA F 123 27.68 -40.04 28.65
C ALA F 123 28.33 -39.03 29.59
N VAL F 124 27.86 -39.02 30.82
CA VAL F 124 28.49 -38.21 31.83
C VAL F 124 28.54 -38.93 33.17
N VAL F 125 29.68 -38.73 33.85
CA VAL F 125 29.90 -39.33 35.13
C VAL F 125 30.14 -38.22 36.11
N MET F 126 29.21 -38.19 37.07
CA MET F 126 29.02 -37.17 38.04
C MET F 126 29.30 -37.71 39.41
N TYR F 127 30.01 -36.95 40.24
CA TYR F 127 30.44 -37.38 41.59
C TYR F 127 29.94 -36.41 42.61
N ALA F 128 29.15 -36.88 43.56
CA ALA F 128 28.57 -36.04 44.59
C ALA F 128 29.55 -35.85 45.73
N LYS F 129 30.02 -34.65 45.94
CA LYS F 129 31.03 -34.37 46.96
C LYS F 129 30.43 -33.79 48.23
N GLU F 130 29.58 -32.79 48.11
CA GLU F 130 28.88 -32.18 49.23
C GLU F 130 27.41 -32.04 48.92
N ILE F 131 26.52 -32.55 49.75
CA ILE F 131 25.06 -32.46 49.49
C ILE F 131 24.29 -32.03 50.73
N PRO F 132 23.14 -31.41 50.58
CA PRO F 132 22.29 -31.26 51.78
C PRO F 132 21.61 -32.59 52.12
N PRO F 133 21.09 -32.74 53.33
CA PRO F 133 20.58 -34.09 53.71
C PRO F 133 19.47 -34.63 52.81
N TYR F 134 18.64 -33.71 52.29
CA TYR F 134 17.58 -33.97 51.31
C TYR F 134 17.50 -32.78 50.36
N GLY F 135 16.49 -32.74 49.48
CA GLY F 135 16.50 -31.79 48.34
C GLY F 135 17.60 -31.94 47.27
N GLY F 136 17.25 -31.50 46.09
CA GLY F 136 18.09 -31.62 44.90
C GLY F 136 18.07 -32.93 44.14
N ASP F 137 16.93 -33.60 44.10
CA ASP F 137 16.82 -34.85 43.38
C ASP F 137 17.07 -34.60 41.90
N THR F 138 17.47 -35.62 41.14
CA THR F 138 17.56 -35.54 39.70
C THR F 138 16.68 -36.61 39.08
N LEU F 139 15.79 -36.20 38.16
CA LEU F 139 14.94 -37.11 37.39
C LEU F 139 15.64 -37.55 36.12
N PHE F 140 15.31 -38.73 35.63
CA PHE F 140 15.78 -39.24 34.34
C PHE F 140 14.62 -39.93 33.65
N THR F 141 14.48 -39.83 32.28
CA THR F 141 13.62 -40.73 31.52
C THR F 141 14.32 -41.52 30.51
N SER F 142 13.68 -42.67 30.18
CA SER F 142 14.15 -43.49 29.06
C SER F 142 13.50 -43.08 27.74
N MET F 143 14.31 -42.54 26.85
CA MET F 143 13.86 -42.23 25.54
C MET F 143 13.66 -43.49 24.71
N TYR F 144 14.18 -44.65 25.13
CA TYR F 144 13.88 -45.89 24.42
C TYR F 144 12.41 -46.21 24.63
N THR F 145 11.99 -46.09 25.89
CA THR F 145 10.65 -46.45 26.31
C THR F 145 9.67 -45.43 25.71
N ALA F 146 10.11 -44.17 25.68
CA ALA F 146 9.38 -43.09 25.03
C ALA F 146 9.03 -43.45 23.58
N TRP F 147 10.04 -43.90 22.87
CA TRP F 147 9.80 -44.30 21.50
C TRP F 147 8.96 -45.55 21.41
N GLU F 148 9.23 -46.53 22.24
CA GLU F 148 8.56 -47.82 22.12
C GLU F 148 7.06 -47.73 22.45
N THR F 149 6.64 -46.69 23.17
CA THR F 149 5.27 -46.55 23.55
C THR F 149 4.43 -45.72 22.56
N LEU F 150 5.04 -45.21 21.48
CA LEU F 150 4.30 -44.57 20.40
C LEU F 150 3.69 -45.68 19.57
N SER F 151 2.51 -45.46 18.98
CA SER F 151 1.91 -46.45 18.10
C SER F 151 2.77 -46.70 16.86
N PRO F 152 2.62 -47.88 16.24
CA PRO F 152 3.34 -48.09 14.99
C PRO F 152 3.09 -47.01 13.93
N THR F 153 1.84 -46.57 13.75
CA THR F 153 1.57 -45.49 12.83
C THR F 153 2.30 -44.18 13.17
N MET F 154 2.28 -43.79 14.46
CA MET F 154 3.04 -42.57 14.81
C MET F 154 4.52 -42.78 14.56
N GLN F 155 5.07 -43.95 14.87
CA GLN F 155 6.48 -44.19 14.59
C GLN F 155 6.76 -44.06 13.09
N ALA F 156 6.00 -44.74 12.27
CA ALA F 156 6.21 -44.63 10.81
C ALA F 156 6.13 -43.18 10.30
N THR F 157 5.27 -42.36 10.95
CA THR F 157 5.11 -40.98 10.59
C THR F 157 6.32 -40.12 10.91
N ILE F 158 6.98 -40.32 12.02
CA ILE F 158 8.10 -39.41 12.39
C ILE F 158 9.49 -39.99 12.18
N GLU F 159 9.61 -41.31 12.04
CA GLU F 159 10.84 -42.06 11.69
C GLU F 159 11.83 -41.30 10.84
N GLY F 160 11.36 -40.70 9.77
CA GLY F 160 12.19 -40.08 8.76
C GLY F 160 12.57 -38.63 9.03
N LEU F 161 11.97 -38.00 10.04
CA LEU F 161 12.17 -36.61 10.29
C LEU F 161 13.48 -36.34 10.97
N ASN F 162 14.13 -35.25 10.59
CA ASN F 162 15.22 -34.65 11.31
C ASN F 162 14.77 -33.44 12.11
N VAL F 163 15.54 -33.06 13.13
CA VAL F 163 15.21 -31.92 13.98
C VAL F 163 16.40 -30.98 14.02
N VAL F 164 16.13 -29.68 14.02
CA VAL F 164 17.18 -28.68 14.09
C VAL F 164 17.43 -28.35 15.55
N HIS F 165 18.69 -28.45 16.00
CA HIS F 165 19.04 -28.17 17.41
C HIS F 165 19.89 -26.92 17.42
N SER F 166 19.78 -26.11 18.45
CA SER F 166 20.71 -25.03 18.63
C SER F 166 20.65 -24.49 20.03
N ALA F 167 21.70 -23.79 20.43
CA ALA F 167 21.74 -23.28 21.79
C ALA F 167 21.20 -21.87 21.95
N THR F 168 20.39 -21.43 20.99
CA THR F 168 19.99 -20.02 20.96
C THR F 168 19.19 -19.59 22.20
N ARG F 169 18.46 -20.51 22.82
CA ARG F 169 17.71 -20.15 24.02
C ARG F 169 18.56 -20.15 25.28
N VAL F 170 19.68 -20.86 25.23
CA VAL F 170 20.53 -20.99 26.39
C VAL F 170 21.58 -19.90 26.45
N PHE F 171 22.29 -19.71 25.35
CA PHE F 171 23.31 -18.63 25.31
C PHE F 171 23.50 -17.93 23.94
N GLY F 172 22.51 -18.06 23.08
CA GLY F 172 22.48 -17.29 21.84
C GLY F 172 21.64 -16.03 22.01
N SER F 173 21.14 -15.56 20.87
CA SER F 173 20.45 -14.28 20.74
C SER F 173 19.10 -14.22 21.44
N LEU F 174 18.39 -15.35 21.53
CA LEU F 174 17.12 -15.40 22.26
C LEU F 174 17.31 -15.23 23.73
N TYR F 175 18.29 -15.94 24.30
CA TYR F 175 18.73 -15.71 25.68
C TYR F 175 19.13 -14.27 25.90
N GLN F 176 20.00 -13.75 25.04
CA GLN F 176 20.39 -12.32 25.03
C GLN F 176 19.18 -11.33 25.08
N ALA F 177 18.07 -11.66 24.41
CA ALA F 177 16.85 -10.85 24.43
C ALA F 177 16.24 -10.71 25.83
N GLN F 178 16.07 -11.79 26.60
CA GLN F 178 15.50 -11.74 27.99
C GLN F 178 14.19 -11.00 28.32
N VAL F 192 27.66 -15.48 21.33
CA VAL F 192 26.39 -15.49 20.57
C VAL F 192 26.38 -16.41 19.32
N ASP F 193 27.41 -16.33 18.46
CA ASP F 193 27.38 -17.07 17.17
C ASP F 193 27.42 -18.60 17.33
N ALA F 194 28.13 -19.06 18.37
CA ALA F 194 28.15 -20.48 18.76
C ALA F 194 26.80 -20.92 19.41
N GLY F 195 26.18 -20.00 20.14
CA GLY F 195 24.83 -20.18 20.68
C GLY F 195 23.73 -20.26 19.63
N ASP F 196 23.87 -19.46 18.57
CA ASP F 196 22.96 -19.50 17.44
C ASP F 196 23.25 -20.58 16.41
N ARG F 197 24.46 -21.13 16.38
CA ARG F 197 24.80 -22.19 15.43
C ARG F 197 23.84 -23.42 15.51
N GLU F 198 23.26 -23.77 14.39
CA GLU F 198 22.34 -24.88 14.26
C GLU F 198 23.05 -26.14 13.78
N THR F 199 22.61 -27.30 14.29
CA THR F 199 23.00 -28.59 13.78
C THR F 199 21.72 -29.41 13.57
N VAL F 200 21.83 -30.51 12.84
CA VAL F 200 20.66 -31.32 12.54
C VAL F 200 20.87 -32.77 13.02
N HIS F 201 19.90 -33.33 13.72
CA HIS F 201 19.97 -34.69 14.19
C HIS F 201 18.69 -35.44 13.86
N PRO F 202 18.78 -36.79 13.75
CA PRO F 202 17.51 -37.48 13.53
C PRO F 202 16.56 -37.38 14.71
N LEU F 203 15.28 -37.63 14.42
CA LEU F 203 14.25 -37.53 15.44
C LEU F 203 14.29 -38.82 16.23
N VAL F 204 14.67 -39.92 15.57
CA VAL F 204 14.85 -41.24 16.20
C VAL F 204 16.23 -41.72 15.88
N VAL F 205 16.96 -42.08 16.92
CA VAL F 205 18.39 -42.50 16.81
C VAL F 205 18.55 -43.94 17.25
N THR F 206 19.42 -44.67 16.55
CA THR F 206 19.78 -46.02 16.94
C THR F 206 21.05 -45.92 17.82
N HIS F 207 20.95 -46.37 19.08
CA HIS F 207 22.12 -46.34 20.01
C HIS F 207 23.31 -47.09 19.37
N PRO F 208 24.48 -46.43 19.36
CA PRO F 208 25.64 -47.03 18.67
C PRO F 208 26.19 -48.34 19.36
N GLU F 209 25.87 -48.61 20.62
CA GLU F 209 26.25 -49.84 21.33
C GLU F 209 25.11 -50.83 21.44
N THR F 210 23.92 -50.40 21.83
CA THR F 210 22.82 -51.37 22.05
C THR F 210 22.06 -51.71 20.81
N GLY F 211 22.05 -50.82 19.81
CA GLY F 211 21.27 -51.03 18.59
C GLY F 211 19.81 -50.74 18.74
N ARG F 212 19.41 -50.15 19.86
CA ARG F 212 18.00 -49.91 20.19
C ARG F 212 17.64 -48.52 19.74
N LYS F 213 16.46 -48.41 19.10
CA LYS F 213 15.95 -47.13 18.74
C LYS F 213 15.39 -46.42 19.96
N GLY F 214 15.78 -45.16 20.11
CA GLY F 214 15.16 -44.22 21.03
C GLY F 214 14.77 -42.85 20.41
N LEU F 215 13.85 -42.17 21.06
CA LEU F 215 13.45 -40.84 20.67
C LEU F 215 14.52 -39.86 20.95
N TYR F 216 14.76 -38.91 20.06
CA TYR F 216 15.84 -37.94 20.28
C TYR F 216 15.40 -36.51 20.14
N VAL F 217 14.79 -36.00 21.18
CA VAL F 217 14.24 -34.69 21.11
C VAL F 217 14.23 -34.08 22.49
N ASN F 218 14.58 -32.79 22.58
CA ASN F 218 14.46 -32.11 23.86
C ASN F 218 14.12 -30.66 23.73
N GLN F 219 13.41 -30.21 24.72
CA GLN F 219 12.79 -28.92 24.77
C GLN F 219 13.72 -27.75 24.88
N VAL F 220 14.97 -27.95 25.29
CA VAL F 220 15.90 -26.80 25.48
C VAL F 220 16.60 -26.39 24.20
N TYR F 221 17.01 -27.40 23.43
CA TYR F 221 17.78 -27.22 22.23
C TYR F 221 17.06 -27.39 20.88
N CYS F 222 15.95 -28.15 20.86
CA CYS F 222 15.23 -28.45 19.63
C CYS F 222 14.41 -27.25 19.33
N GLN F 223 14.55 -26.74 18.11
CA GLN F 223 13.96 -25.50 17.72
C GLN F 223 12.72 -25.72 16.75
N ARG F 224 12.92 -26.53 15.73
CA ARG F 224 11.89 -26.97 14.85
C ARG F 224 12.31 -28.27 14.14
N ILE F 225 11.37 -28.87 13.45
CA ILE F 225 11.61 -29.98 12.58
C ILE F 225 12.17 -29.46 11.28
N GLU F 226 13.13 -30.20 10.74
CA GLU F 226 13.85 -29.75 9.56
C GLU F 226 12.92 -29.69 8.36
N GLY F 227 12.95 -28.57 7.63
CA GLY F 227 12.06 -28.39 6.50
C GLY F 227 10.65 -27.91 6.81
N MET F 228 10.27 -27.83 8.07
CA MET F 228 9.00 -27.32 8.47
C MET F 228 9.18 -25.93 9.08
N SER F 229 8.11 -25.22 9.26
CA SER F 229 8.10 -23.98 9.99
C SER F 229 7.96 -24.24 11.48
N GLU F 230 8.19 -23.22 12.29
CA GLU F 230 7.96 -23.34 13.73
C GLU F 230 6.50 -23.69 13.97
N LYS F 231 5.56 -23.08 13.26
CA LYS F 231 4.15 -23.30 13.60
C LYS F 231 3.70 -24.74 13.28
N GLU F 232 4.29 -25.30 12.21
CA GLU F 232 4.09 -26.69 11.83
C GLU F 232 4.70 -27.65 12.81
N SER F 233 5.92 -27.35 13.25
CA SER F 233 6.67 -28.18 14.21
C SER F 233 6.11 -28.20 15.60
N GLU F 234 5.57 -27.10 16.07
CA GLU F 234 5.15 -27.00 17.45
C GLU F 234 4.21 -28.09 17.93
N PRO F 235 3.08 -28.33 17.26
CA PRO F 235 2.23 -29.43 17.77
C PRO F 235 3.01 -30.71 17.98
N LEU F 236 3.83 -31.10 17.04
CA LEU F 236 4.43 -32.41 17.06
C LEU F 236 5.54 -32.51 18.16
N LEU F 237 6.45 -31.56 18.15
CA LEU F 237 7.42 -31.46 19.18
C LEU F 237 6.81 -31.39 20.56
N SER F 238 5.77 -30.60 20.75
CA SER F 238 5.17 -30.49 22.08
C SER F 238 4.64 -31.80 22.58
N PHE F 239 4.06 -32.55 21.64
CA PHE F 239 3.51 -33.82 22.01
C PHE F 239 4.67 -34.69 22.44
N LEU F 240 5.73 -34.72 21.63
CA LEU F 240 6.85 -35.57 21.92
C LEU F 240 7.53 -35.16 23.27
N PHE F 241 7.67 -33.86 23.56
CA PHE F 241 8.25 -33.44 24.82
C PHE F 241 7.45 -33.99 25.96
N ALA F 242 6.17 -33.84 25.94
CA ALA F 242 5.27 -34.29 27.04
C ALA F 242 5.25 -35.82 27.21
N HIS F 243 5.27 -36.52 26.09
CA HIS F 243 5.15 -37.97 26.05
C HIS F 243 6.37 -38.59 26.65
N ALA F 244 7.52 -38.07 26.25
CA ALA F 244 8.78 -38.59 26.72
C ALA F 244 9.02 -38.37 28.21
N THR F 245 8.29 -37.46 28.86
CA THR F 245 8.53 -37.20 30.27
C THR F 245 7.41 -37.62 31.15
N LYS F 246 6.56 -38.51 30.66
CA LYS F 246 5.52 -39.05 31.52
C LYS F 246 6.16 -39.77 32.74
N PRO F 247 5.57 -39.54 33.95
CA PRO F 247 6.22 -40.15 35.12
C PRO F 247 6.54 -41.63 34.96
N GLU F 248 5.67 -42.36 34.27
CA GLU F 248 5.90 -43.82 34.04
C GLU F 248 7.17 -44.24 33.36
N PHE F 249 7.82 -43.32 32.64
CA PHE F 249 9.09 -43.59 31.97
C PHE F 249 10.29 -43.05 32.78
N THR F 250 10.02 -42.47 33.94
CA THR F 250 11.05 -41.79 34.70
C THR F 250 11.53 -42.58 35.94
N CYS F 251 12.74 -42.24 36.37
CA CYS F 251 13.20 -42.54 37.74
C CYS F 251 13.74 -41.32 38.44
N ARG F 252 13.84 -41.40 39.73
CA ARG F 252 14.31 -40.25 40.51
C ARG F 252 15.44 -40.69 41.48
N VAL F 253 16.56 -40.02 41.35
CA VAL F 253 17.71 -40.29 42.11
C VAL F 253 17.80 -39.26 43.18
N ARG F 254 17.90 -39.75 44.43
CA ARG F 254 18.04 -38.88 45.58
C ARG F 254 19.50 -38.93 45.97
N TRP F 255 20.25 -37.88 45.68
CA TRP F 255 21.74 -37.89 45.80
C TRP F 255 22.22 -38.08 47.24
N GLN F 256 23.33 -38.78 47.37
CA GLN F 256 24.07 -38.91 48.63
C GLN F 256 25.52 -38.66 48.36
N GLU F 257 26.18 -38.01 49.34
CA GLU F 257 27.64 -37.77 49.27
C GLU F 257 28.25 -39.10 48.97
N GLY F 258 29.09 -39.11 47.96
CA GLY F 258 29.76 -40.36 47.58
C GLY F 258 29.15 -41.08 46.41
N ASP F 259 27.96 -40.68 45.96
CA ASP F 259 27.38 -41.29 44.77
C ASP F 259 28.24 -40.93 43.56
N VAL F 260 28.65 -41.94 42.81
CA VAL F 260 29.19 -41.75 41.46
C VAL F 260 28.05 -42.21 40.55
N LEU F 261 27.63 -41.34 39.63
CA LEU F 261 26.51 -41.63 38.75
C LEU F 261 26.89 -41.43 37.28
N VAL F 262 26.47 -42.39 36.46
CA VAL F 262 26.70 -42.34 35.03
C VAL F 262 25.36 -42.36 34.28
N TRP F 263 25.13 -41.36 33.44
CA TRP F 263 23.95 -41.41 32.52
C TRP F 263 24.30 -41.49 31.07
N ASP F 264 23.54 -42.28 30.30
CA ASP F 264 23.65 -42.24 28.84
C ASP F 264 23.11 -40.94 28.33
N ASN F 265 23.94 -40.16 27.62
CA ASN F 265 23.49 -38.87 27.14
C ASN F 265 22.64 -38.94 25.83
N LEU F 266 22.52 -40.14 25.23
CA LEU F 266 21.79 -40.32 23.99
C LEU F 266 20.36 -40.78 24.29
N CYS F 267 20.22 -41.80 25.17
CA CYS F 267 18.97 -42.46 25.37
C CYS F 267 18.27 -42.04 26.65
N THR F 268 18.78 -41.04 27.37
CA THR F 268 18.02 -40.40 28.45
C THR F 268 17.95 -38.91 28.35
N GLN F 269 17.06 -38.32 29.13
CA GLN F 269 17.02 -36.90 29.45
C GLN F 269 16.93 -36.87 30.96
N HIS F 270 17.25 -35.72 31.52
CA HIS F 270 17.20 -35.55 32.96
C HIS F 270 16.68 -34.20 33.30
N TYR F 271 16.42 -34.01 34.59
CA TYR F 271 15.85 -32.79 35.11
C TYR F 271 16.34 -32.68 36.53
N ALA F 272 17.24 -31.74 36.75
CA ALA F 272 17.77 -31.48 38.05
C ALA F 272 16.78 -30.59 38.77
N VAL F 273 16.16 -31.12 39.81
CA VAL F 273 15.09 -30.45 40.49
C VAL F 273 15.67 -29.29 41.27
N PRO F 274 15.21 -28.08 41.02
CA PRO F 274 15.62 -27.04 41.98
C PRO F 274 14.61 -27.01 43.12
N ASP F 275 14.98 -27.28 44.37
CA ASP F 275 14.00 -27.22 45.45
C ASP F 275 14.66 -26.76 46.74
N TYR F 276 15.84 -27.24 47.04
CA TYR F 276 16.76 -26.61 48.02
C TYR F 276 16.92 -25.06 48.01
N ALA F 277 16.62 -24.41 46.87
CA ALA F 277 16.81 -22.98 46.63
C ALA F 277 17.73 -22.27 47.63
N GLY F 278 18.97 -22.07 47.21
CA GLY F 278 19.97 -21.43 48.01
C GLY F 278 20.91 -22.30 48.83
N LYS F 279 20.59 -23.58 48.97
CA LYS F 279 21.44 -24.51 49.80
C LYS F 279 22.69 -24.98 49.01
N PHE F 280 23.82 -25.10 49.69
CA PHE F 280 25.10 -25.36 49.08
C PHE F 280 25.25 -26.82 48.63
N ARG F 281 25.77 -27.00 47.44
CA ARG F 281 25.80 -28.30 46.74
C ARG F 281 27.07 -28.29 45.96
N TYR F 282 27.88 -29.35 46.04
CA TYR F 282 29.07 -29.47 45.19
C TYR F 282 29.17 -30.84 44.56
N LEU F 283 29.26 -30.88 43.24
CA LEU F 283 29.47 -32.13 42.49
C LEU F 283 30.54 -31.91 41.47
N THR F 284 31.29 -32.94 41.12
CA THR F 284 32.17 -32.84 39.98
C THR F 284 31.63 -33.71 38.91
N ARG F 285 32.19 -33.57 37.72
CA ARG F 285 31.61 -34.11 36.54
C ARG F 285 32.67 -34.29 35.44
N THR F 286 32.67 -35.45 34.79
CA THR F 286 33.43 -35.64 33.55
C THR F 286 32.47 -35.92 32.42
N THR F 287 32.89 -35.64 31.19
CA THR F 287 32.09 -35.76 30.01
C THR F 287 32.73 -36.73 29.07
N VAL F 288 32.03 -37.80 28.71
CA VAL F 288 32.57 -38.75 27.76
C VAL F 288 31.95 -38.61 26.34
N GLY F 289 32.85 -38.58 25.35
CA GLY F 289 32.56 -38.39 23.99
C GLY F 289 31.92 -39.52 23.25
N GLY F 290 31.31 -39.15 22.15
CA GLY F 290 30.37 -39.92 21.43
C GLY F 290 30.44 -39.68 19.98
N VAL F 291 29.55 -40.38 19.29
CA VAL F 291 29.55 -40.31 17.84
C VAL F 291 28.36 -39.50 17.54
N ARG F 292 28.37 -38.99 16.33
CA ARG F 292 27.23 -38.33 15.72
C ARG F 292 26.02 -39.21 15.89
N PRO F 293 24.89 -38.67 16.35
CA PRO F 293 23.68 -39.45 16.36
C PRO F 293 23.22 -39.88 14.98
N ALA F 294 22.97 -41.15 14.81
CA ALA F 294 22.63 -41.77 13.57
C ALA F 294 21.25 -42.47 13.61
N ARG F 295 20.61 -42.51 12.44
CA ARG F 295 19.38 -43.19 12.25
C ARG F 295 19.80 -44.67 12.10
N ARG G 11 10.44 -30.96 67.84
CA ARG G 11 11.47 -31.79 68.50
C ARG G 11 11.62 -33.18 67.89
N PHE G 12 10.65 -34.08 68.08
CA PHE G 12 10.71 -35.57 67.86
C PHE G 12 11.65 -36.38 68.71
N GLU G 13 11.18 -36.77 69.87
CA GLU G 13 11.90 -37.64 70.81
C GLU G 13 11.53 -39.12 70.71
N ARG G 14 10.27 -39.43 70.38
CA ARG G 14 9.75 -40.80 70.30
C ARG G 14 9.84 -41.48 68.95
N ILE G 15 10.07 -40.72 67.88
CA ILE G 15 10.13 -41.29 66.52
C ILE G 15 11.30 -40.65 65.76
N ALA G 16 11.75 -41.34 64.72
CA ALA G 16 12.75 -40.77 63.80
C ALA G 16 12.09 -40.31 62.45
N VAL G 17 12.23 -39.04 62.16
CA VAL G 17 11.53 -38.40 61.03
C VAL G 17 12.56 -37.95 60.01
N GLN G 18 12.63 -38.63 58.87
CA GLN G 18 13.54 -38.20 57.81
C GLN G 18 12.72 -37.58 56.63
N PRO G 19 12.76 -36.25 56.51
CA PRO G 19 12.08 -35.66 55.36
C PRO G 19 12.67 -36.16 54.07
N LEU G 20 11.77 -36.29 53.09
CA LEU G 20 12.07 -36.88 51.82
C LEU G 20 12.54 -35.80 50.89
N THR G 21 11.89 -34.65 50.95
CA THR G 21 12.29 -33.47 50.17
C THR G 21 12.18 -32.26 51.06
N GLY G 22 12.65 -31.13 50.54
CA GLY G 22 12.49 -29.84 51.18
C GLY G 22 11.07 -29.34 51.23
N VAL G 23 10.18 -29.96 50.49
CA VAL G 23 8.80 -29.50 50.36
C VAL G 23 7.79 -30.39 51.05
N LEU G 24 7.87 -31.71 50.90
CA LEU G 24 6.93 -32.58 51.61
C LEU G 24 7.43 -34.00 51.66
N GLY G 25 6.80 -34.82 52.50
CA GLY G 25 7.12 -36.24 52.62
C GLY G 25 8.10 -36.56 53.72
N ALA G 26 7.83 -37.58 54.52
CA ALA G 26 8.80 -38.05 55.50
C ALA G 26 8.73 -39.55 55.68
N GLU G 27 9.90 -40.16 55.83
CA GLU G 27 10.03 -41.52 56.31
C GLU G 27 10.03 -41.47 57.84
N ILE G 28 9.28 -42.36 58.45
CA ILE G 28 9.22 -42.45 59.91
C ILE G 28 9.59 -43.85 60.37
N THR G 29 10.67 -43.92 61.17
CA THR G 29 11.13 -45.18 61.72
C THR G 29 11.11 -45.11 63.25
N GLY G 30 11.46 -46.24 63.86
CA GLY G 30 11.51 -46.35 65.29
C GLY G 30 10.12 -46.51 65.88
N VAL G 31 9.22 -47.17 65.13
CA VAL G 31 7.87 -47.46 65.60
C VAL G 31 7.43 -48.80 65.03
N ASP G 32 6.74 -49.58 65.85
CA ASP G 32 6.14 -50.81 65.43
C ASP G 32 4.63 -50.65 65.53
N LEU G 33 3.99 -50.58 64.37
CA LEU G 33 2.53 -50.38 64.28
C LEU G 33 1.67 -51.58 64.74
N ARG G 34 2.30 -52.69 65.09
CA ARG G 34 1.60 -53.78 65.78
C ARG G 34 1.32 -53.41 67.23
N GLU G 35 2.24 -52.68 67.85
CA GLU G 35 2.07 -52.18 69.21
C GLU G 35 1.15 -50.99 69.23
N PRO G 36 0.25 -50.90 70.25
CA PRO G 36 -0.50 -49.64 70.37
C PRO G 36 0.45 -48.54 70.85
N LEU G 37 0.01 -47.30 70.68
CA LEU G 37 0.91 -46.15 70.74
C LEU G 37 0.50 -45.27 71.91
N ASP G 38 1.44 -44.94 72.77
CA ASP G 38 1.11 -43.97 73.82
C ASP G 38 0.80 -42.59 73.23
N ASP G 39 -0.01 -41.85 73.97
CA ASP G 39 -0.30 -40.46 73.68
C ASP G 39 0.83 -39.59 73.14
N SER G 40 2.02 -39.67 73.72
CA SER G 40 3.07 -38.71 73.30
C SER G 40 3.66 -39.11 71.93
N THR G 41 3.73 -40.41 71.69
CA THR G 41 4.18 -40.96 70.40
C THR G 41 3.21 -40.70 69.26
N TRP G 42 1.93 -40.90 69.53
CA TRP G 42 0.89 -40.67 68.53
C TRP G 42 0.92 -39.19 68.13
N ASN G 43 0.98 -38.31 69.15
CA ASN G 43 1.06 -36.87 68.96
C ASN G 43 2.20 -36.48 68.04
N GLU G 44 3.33 -37.16 68.14
CA GLU G 44 4.46 -36.88 67.26
C GLU G 44 4.20 -37.36 65.83
N ILE G 45 3.58 -38.54 65.68
CA ILE G 45 3.18 -39.02 64.38
C ILE G 45 2.26 -37.99 63.69
N LEU G 46 1.30 -37.49 64.45
CA LEU G 46 0.29 -36.63 63.95
C LEU G 46 0.88 -35.26 63.63
N ASP G 47 1.79 -34.81 64.50
CA ASP G 47 2.57 -33.61 64.26
C ASP G 47 3.32 -33.77 62.90
N ALA G 48 3.97 -34.91 62.70
CA ALA G 48 4.69 -35.18 61.45
C ALA G 48 3.78 -35.27 60.24
N PHE G 49 2.62 -35.92 60.40
CA PHE G 49 1.62 -35.97 59.34
C PHE G 49 1.21 -34.55 58.87
N HIS G 50 0.97 -33.66 59.83
CA HIS G 50 0.51 -32.32 59.53
C HIS G 50 1.57 -31.39 58.88
N THR G 51 2.84 -31.58 59.22
CA THR G 51 3.93 -30.85 58.61
C THR G 51 4.30 -31.42 57.26
N TYR G 52 4.51 -32.74 57.20
CA TYR G 52 5.06 -33.35 55.99
C TYR G 52 4.01 -33.86 55.01
N GLN G 53 2.76 -33.99 55.46
CA GLN G 53 1.60 -34.22 54.58
C GLN G 53 1.43 -35.59 53.98
N VAL G 54 2.54 -36.25 53.68
CA VAL G 54 2.51 -37.64 53.34
C VAL G 54 3.65 -38.28 54.12
N ILE G 55 3.33 -39.31 54.90
CA ILE G 55 4.31 -40.03 55.70
C ILE G 55 4.23 -41.52 55.45
N TYR G 56 5.37 -42.18 55.55
CA TYR G 56 5.36 -43.60 55.49
C TYR G 56 6.31 -44.22 56.51
N PHE G 57 5.94 -45.43 56.94
CA PHE G 57 6.64 -46.21 57.95
C PHE G 57 7.12 -47.52 57.33
N PRO G 58 8.42 -47.64 56.99
CA PRO G 58 8.90 -48.89 56.39
C PRO G 58 8.98 -50.02 57.37
N GLY G 59 9.11 -51.20 56.78
CA GLY G 59 9.33 -52.45 57.50
C GLY G 59 8.23 -52.90 58.39
N GLN G 60 7.00 -52.48 58.22
CA GLN G 60 5.94 -52.96 59.11
C GLN G 60 5.41 -54.31 58.65
N ALA G 61 4.89 -55.03 59.64
CA ALA G 61 4.26 -56.31 59.44
C ALA G 61 2.98 -56.30 60.24
N ILE G 62 1.91 -55.77 59.66
CA ILE G 62 0.66 -55.59 60.38
C ILE G 62 -0.43 -56.41 59.73
N THR G 63 -1.46 -56.68 60.51
CA THR G 63 -2.63 -57.44 60.07
C THR G 63 -3.69 -56.42 59.63
N ASN G 64 -4.74 -56.92 59.02
CA ASN G 64 -5.89 -56.10 58.68
C ASN G 64 -6.49 -55.40 59.90
N GLU G 65 -6.52 -56.03 61.10
CA GLU G 65 -7.11 -55.38 62.28
C GLU G 65 -6.22 -54.22 62.75
N GLN G 66 -4.92 -54.45 62.70
CA GLN G 66 -3.98 -53.43 63.14
C GLN G 66 -3.99 -52.23 62.23
N HIS G 67 -3.95 -52.47 60.93
CA HIS G 67 -4.15 -51.47 59.85
C HIS G 67 -5.37 -50.61 60.18
N ILE G 68 -6.50 -51.27 60.39
CA ILE G 68 -7.73 -50.56 60.70
C ILE G 68 -7.56 -49.66 61.89
N ALA G 69 -7.00 -50.24 62.93
CA ALA G 69 -6.86 -49.58 64.22
C ALA G 69 -6.01 -48.34 64.13
N PHE G 70 -4.94 -48.44 63.35
CA PHE G 70 -4.03 -47.35 63.17
C PHE G 70 -4.73 -46.22 62.40
N SER G 71 -5.45 -46.61 61.35
CA SER G 71 -6.21 -45.67 60.55
C SER G 71 -7.21 -44.90 61.39
N ARG G 72 -7.78 -45.58 62.38
CA ARG G 72 -8.80 -44.96 63.22
C ARG G 72 -8.31 -43.87 64.14
N ARG G 73 -6.99 -43.87 64.43
CA ARG G 73 -6.38 -42.76 65.18
C ARG G 73 -6.43 -41.45 64.39
N PHE G 74 -6.52 -41.49 63.05
CA PHE G 74 -6.61 -40.28 62.22
C PHE G 74 -8.02 -39.78 62.06
N GLY G 75 -9.01 -40.64 62.19
CA GLY G 75 -10.42 -40.22 62.03
C GLY G 75 -11.29 -41.46 61.77
N PRO G 76 -12.60 -41.24 61.58
CA PRO G 76 -13.48 -42.38 61.31
C PRO G 76 -13.04 -43.15 60.07
N VAL G 77 -13.16 -44.47 60.09
CA VAL G 77 -12.98 -45.23 58.86
C VAL G 77 -14.19 -46.10 58.61
N ASP G 78 -14.46 -46.23 57.35
CA ASP G 78 -15.75 -46.49 56.82
C ASP G 78 -15.52 -47.29 55.53
N PRO G 79 -16.35 -48.32 55.30
CA PRO G 79 -16.23 -49.00 54.02
C PRO G 79 -16.57 -48.10 52.85
N VAL G 80 -15.71 -47.98 51.86
CA VAL G 80 -16.02 -47.22 50.64
C VAL G 80 -16.54 -48.21 49.63
N PRO G 81 -17.83 -48.13 49.28
CA PRO G 81 -18.30 -48.77 47.98
C PRO G 81 -17.84 -47.80 46.84
N LEU G 82 -17.54 -48.23 45.66
CA LEU G 82 -16.42 -47.64 44.83
C LEU G 82 -15.19 -48.53 45.14
N LEU G 83 -15.39 -49.80 45.53
CA LEU G 83 -14.64 -50.96 44.97
C LEU G 83 -13.99 -51.87 46.03
N LYS G 84 -13.71 -53.07 45.51
CA LYS G 84 -13.06 -54.22 46.15
C LYS G 84 -12.52 -54.12 47.56
N SER G 85 -13.41 -54.32 48.52
CA SER G 85 -13.09 -54.65 49.93
C SER G 85 -12.50 -56.09 50.03
N ILE G 86 -11.69 -56.29 51.07
CA ILE G 86 -11.16 -57.61 51.47
C ILE G 86 -12.24 -58.46 52.15
N GLU G 87 -12.10 -59.78 51.98
CA GLU G 87 -12.92 -60.76 52.65
C GLU G 87 -12.88 -60.64 54.15
N GLY G 88 -14.04 -60.39 54.79
CA GLY G 88 -14.15 -60.29 56.26
C GLY G 88 -13.74 -58.98 56.89
N TYR G 89 -13.36 -58.00 56.09
CA TYR G 89 -12.83 -56.73 56.60
C TYR G 89 -13.27 -55.65 55.62
N PRO G 90 -14.57 -55.29 55.66
CA PRO G 90 -15.15 -54.36 54.70
C PRO G 90 -14.49 -52.97 54.56
N GLU G 91 -13.79 -52.53 55.59
CA GLU G 91 -13.07 -51.23 55.65
C GLU G 91 -11.75 -51.20 54.86
N VAL G 92 -11.24 -52.36 54.50
CA VAL G 92 -9.96 -52.45 53.86
C VAL G 92 -10.21 -52.73 52.42
N GLN G 93 -9.90 -51.78 51.56
CA GLN G 93 -10.09 -51.94 50.12
C GLN G 93 -8.75 -52.48 49.56
N MET G 94 -8.83 -53.19 48.44
CA MET G 94 -7.63 -53.71 47.79
C MET G 94 -7.29 -53.06 46.46
N ILE G 95 -6.02 -53.14 46.08
CA ILE G 95 -5.45 -52.54 44.88
C ILE G 95 -4.50 -53.62 44.30
N ARG G 96 -4.91 -54.35 43.26
CA ARG G 96 -4.11 -55.45 42.67
C ARG G 96 -3.88 -55.08 41.22
N ARG G 97 -2.81 -55.56 40.58
CA ARG G 97 -2.36 -54.88 39.33
C ARG G 97 -1.42 -55.81 38.56
N GLU G 98 -1.65 -55.97 37.25
CA GLU G 98 -0.92 -56.97 36.47
C GLU G 98 -0.63 -56.37 35.17
N ALA G 99 0.20 -57.03 34.38
CA ALA G 99 0.51 -56.57 33.02
C ALA G 99 -0.51 -57.13 32.16
N ASN G 100 -0.75 -56.42 31.08
CA ASN G 100 -1.49 -56.95 29.97
C ASN G 100 -0.45 -57.58 29.10
N GLU G 101 -0.77 -58.74 28.54
CA GLU G 101 0.05 -59.30 27.52
C GLU G 101 0.08 -58.36 26.36
N SER G 102 -1.09 -57.82 25.98
CA SER G 102 -1.14 -56.71 25.01
C SER G 102 -0.46 -55.49 25.65
N GLY G 103 0.90 -55.48 25.65
CA GLY G 103 1.81 -54.56 26.42
C GLY G 103 1.56 -53.05 26.55
N ARG G 104 0.31 -52.68 26.75
CA ARG G 104 -0.11 -51.30 27.09
C ARG G 104 -0.74 -51.40 28.46
N VAL G 105 -0.81 -50.25 29.13
CA VAL G 105 -0.99 -50.21 30.57
C VAL G 105 -2.05 -49.19 30.96
N ILE G 106 -2.57 -49.40 32.17
CA ILE G 106 -3.72 -48.70 32.73
C ILE G 106 -3.91 -47.18 32.57
N GLY G 107 -2.90 -46.32 32.67
CA GLY G 107 -3.13 -44.87 32.54
C GLY G 107 -3.46 -44.24 33.88
N GLU G 108 -3.01 -42.99 34.04
CA GLU G 108 -3.21 -42.23 35.27
C GLU G 108 -3.19 -40.72 35.10
N ASN G 109 -3.82 -40.03 36.07
CA ASN G 109 -3.70 -38.58 36.21
C ASN G 109 -3.62 -38.13 37.63
N TRP G 110 -2.95 -37.01 37.81
CA TRP G 110 -2.88 -36.36 39.10
C TRP G 110 -4.26 -36.13 39.61
N HIS G 111 -4.55 -36.58 40.81
CA HIS G 111 -5.78 -36.29 41.51
C HIS G 111 -5.60 -36.44 43.02
N THR G 112 -6.64 -36.08 43.76
CA THR G 112 -6.82 -36.55 45.12
C THR G 112 -8.17 -37.27 45.16
N ASP G 113 -8.47 -37.99 46.24
CA ASP G 113 -9.51 -39.01 46.15
C ASP G 113 -10.90 -38.45 46.28
N SER G 114 -11.76 -38.82 45.35
CA SER G 114 -13.20 -38.62 45.50
C SER G 114 -13.72 -37.22 45.81
N THR G 115 -13.23 -36.20 45.10
CA THR G 115 -13.62 -34.82 45.38
C THR G 115 -15.03 -34.49 44.88
N PHE G 116 -15.60 -35.42 44.14
CA PHE G 116 -17.00 -35.36 43.81
C PHE G 116 -17.93 -35.53 45.00
N LEU G 117 -17.44 -35.96 46.17
CA LEU G 117 -18.29 -35.98 47.34
C LEU G 117 -18.39 -34.58 47.98
N ASP G 118 -19.49 -34.31 48.69
CA ASP G 118 -19.59 -33.10 49.53
C ASP G 118 -18.51 -33.15 50.57
N ALA G 119 -18.21 -34.35 51.06
CA ALA G 119 -17.24 -34.54 52.16
C ALA G 119 -16.27 -35.62 51.74
N PRO G 120 -15.19 -35.20 51.05
CA PRO G 120 -14.26 -36.22 50.59
C PRO G 120 -13.45 -36.79 51.73
N PRO G 121 -12.79 -37.93 51.53
CA PRO G 121 -11.95 -38.39 52.58
C PRO G 121 -10.90 -37.34 53.06
N ALA G 122 -10.56 -37.43 54.32
CA ALA G 122 -9.55 -36.62 54.99
C ALA G 122 -8.17 -37.15 54.77
N ALA G 123 -8.07 -38.48 54.59
CA ALA G 123 -6.79 -39.17 54.49
C ALA G 123 -6.92 -40.62 54.02
N VAL G 124 -5.80 -41.23 53.63
CA VAL G 124 -5.82 -42.64 53.34
C VAL G 124 -4.53 -43.32 53.78
N VAL G 125 -4.68 -44.55 54.28
CA VAL G 125 -3.58 -45.31 54.75
C VAL G 125 -3.53 -46.59 53.97
N MET G 126 -2.40 -46.71 53.28
CA MET G 126 -2.12 -47.67 52.24
C MET G 126 -1.00 -48.57 52.76
N TYR G 127 -1.10 -49.89 52.54
CA TYR G 127 -0.13 -50.87 53.01
C TYR G 127 0.37 -51.69 51.86
N ALA G 128 1.69 -51.67 51.66
CA ALA G 128 2.29 -52.41 50.56
C ALA G 128 2.54 -53.87 50.99
N LYS G 129 1.85 -54.80 50.35
CA LYS G 129 1.89 -56.20 50.70
C LYS G 129 2.86 -56.99 49.78
N GLU G 130 2.74 -56.82 48.48
CA GLU G 130 3.56 -57.49 47.50
C GLU G 130 4.07 -56.40 46.51
N ILE G 131 5.38 -56.35 46.26
CA ILE G 131 5.96 -55.51 45.22
C ILE G 131 6.93 -56.30 44.35
N PRO G 132 7.11 -55.90 43.09
CA PRO G 132 8.17 -56.54 42.33
C PRO G 132 9.55 -56.04 42.81
N PRO G 133 10.63 -56.74 42.43
CA PRO G 133 11.93 -56.36 42.96
C PRO G 133 12.37 -54.94 42.58
N TYR G 134 11.93 -54.48 41.38
CA TYR G 134 12.15 -53.08 41.00
C TYR G 134 11.23 -52.20 41.84
N GLY G 135 11.18 -50.92 41.56
CA GLY G 135 10.22 -50.02 42.27
C GLY G 135 8.67 -50.29 42.25
N GLY G 136 7.89 -49.29 41.82
CA GLY G 136 6.55 -49.18 42.25
C GLY G 136 6.62 -47.77 42.74
N ASP G 137 6.27 -46.77 41.89
CA ASP G 137 6.37 -45.38 42.42
C ASP G 137 5.01 -44.75 42.63
N THR G 138 4.82 -43.97 43.68
CA THR G 138 3.71 -43.05 43.80
C THR G 138 4.29 -41.65 44.06
N LEU G 139 3.86 -40.67 43.26
CA LEU G 139 4.21 -39.28 43.44
C LEU G 139 3.20 -38.58 44.30
N PHE G 140 3.60 -37.50 44.99
CA PHE G 140 2.70 -36.64 45.76
C PHE G 140 3.13 -35.20 45.54
N THR G 141 2.19 -34.22 45.47
CA THR G 141 2.53 -32.79 45.64
C THR G 141 1.86 -32.14 46.76
N SER G 142 2.49 -31.05 47.23
CA SER G 142 1.86 -30.18 48.22
C SER G 142 1.03 -29.06 47.61
N MET G 143 -0.26 -29.14 47.81
CA MET G 143 -1.15 -28.10 47.40
C MET G 143 -0.99 -26.85 48.24
N TYR G 144 -0.36 -26.93 49.40
CA TYR G 144 -0.08 -25.72 50.18
C TYR G 144 0.95 -24.90 49.41
N THR G 145 1.98 -25.60 48.95
CA THR G 145 3.10 -24.97 48.28
C THR G 145 2.62 -24.47 46.93
N ALA G 146 1.74 -25.23 46.29
CA ALA G 146 1.12 -24.84 45.04
C ALA G 146 0.44 -23.47 45.17
N TRP G 147 -0.35 -23.32 46.23
CA TRP G 147 -1.00 -22.07 46.45
C TRP G 147 -0.01 -20.98 46.82
N GLU G 148 0.93 -21.30 47.68
CA GLU G 148 1.83 -20.27 48.20
C GLU G 148 2.78 -19.72 47.13
N THR G 149 2.97 -20.44 46.03
CA THR G 149 3.87 -20.00 44.98
C THR G 149 3.17 -19.19 43.88
N LEU G 150 1.84 -19.00 43.96
CA LEU G 150 1.15 -18.12 43.04
C LEU G 150 1.42 -16.69 43.48
N SER G 151 1.49 -15.74 42.53
CA SER G 151 1.67 -14.35 42.91
C SER G 151 0.51 -13.81 43.73
N PRO G 152 0.77 -12.75 44.50
CA PRO G 152 -0.36 -12.16 45.22
C PRO G 152 -1.52 -11.76 44.32
N THR G 153 -1.24 -11.16 43.15
CA THR G 153 -2.30 -10.83 42.20
C THR G 153 -3.09 -12.06 41.74
N MET G 154 -2.40 -13.15 41.38
CA MET G 154 -3.16 -14.34 40.98
C MET G 154 -3.99 -14.86 42.15
N GLN G 155 -3.44 -14.87 43.37
CA GLN G 155 -4.22 -15.33 44.52
C GLN G 155 -5.46 -14.47 44.70
N ALA G 156 -5.30 -13.14 44.72
CA ALA G 156 -6.46 -12.27 44.86
C ALA G 156 -7.53 -12.50 43.77
N THR G 157 -7.07 -12.85 42.56
CA THR G 157 -7.95 -13.08 41.45
C THR G 157 -8.79 -14.36 41.61
N ILE G 158 -8.25 -15.44 42.14
CA ILE G 158 -9.04 -16.69 42.19
C ILE G 158 -9.60 -17.04 43.56
N GLU G 159 -9.07 -16.42 44.62
CA GLU G 159 -9.51 -16.56 46.03
C GLU G 159 -10.98 -16.88 46.22
N GLY G 160 -11.85 -16.10 45.55
CA GLY G 160 -13.28 -16.18 45.77
C GLY G 160 -14.02 -17.23 44.95
N LEU G 161 -13.33 -17.86 44.00
CA LEU G 161 -13.98 -18.78 43.09
C LEU G 161 -14.24 -20.12 43.74
N ASN G 162 -15.38 -20.71 43.39
CA ASN G 162 -15.69 -22.09 43.65
C ASN G 162 -15.54 -22.93 42.40
N VAL G 163 -15.39 -24.25 42.56
CA VAL G 163 -15.24 -25.15 41.43
C VAL G 163 -16.26 -26.25 41.52
N VAL G 164 -16.79 -26.67 40.36
CA VAL G 164 -17.78 -27.74 40.32
C VAL G 164 -17.04 -29.05 40.10
N HIS G 165 -17.28 -30.03 40.96
CA HIS G 165 -16.59 -31.34 40.87
C HIS G 165 -17.64 -32.37 40.50
N SER G 166 -17.27 -33.38 39.72
CA SER G 166 -18.17 -34.49 39.49
C SER G 166 -17.42 -35.66 38.93
N ALA G 167 -17.99 -36.83 39.04
CA ALA G 167 -17.31 -38.04 38.58
C ALA G 167 -17.66 -38.43 37.16
N THR G 168 -18.18 -37.49 36.36
CA THR G 168 -18.73 -37.86 35.06
C THR G 168 -17.68 -38.47 34.11
N ARG G 169 -16.41 -38.10 34.26
CA ARG G 169 -15.38 -38.67 33.40
C ARG G 169 -14.91 -40.03 33.87
N VAL G 170 -15.12 -40.33 35.15
CA VAL G 170 -14.63 -41.55 35.72
C VAL G 170 -15.66 -42.66 35.63
N PHE G 171 -16.89 -42.38 36.06
CA PHE G 171 -17.96 -43.40 35.93
C PHE G 171 -19.37 -42.85 35.64
N GLY G 172 -19.44 -41.63 35.12
CA GLY G 172 -20.70 -41.09 34.63
C GLY G 172 -20.83 -41.28 33.13
N SER G 173 -21.64 -40.42 32.53
CA SER G 173 -22.07 -40.53 31.13
C SER G 173 -20.93 -40.32 30.12
N LEU G 174 -19.94 -39.47 30.47
CA LEU G 174 -18.79 -39.26 29.60
C LEU G 174 -17.93 -40.50 29.50
N TYR G 175 -17.64 -41.11 30.66
CA TYR G 175 -17.00 -42.42 30.71
C TYR G 175 -17.79 -43.46 29.91
N GLN G 176 -19.08 -43.57 30.20
CA GLN G 176 -20.02 -44.42 29.42
C GLN G 176 -19.90 -44.26 27.87
N ALA G 177 -19.67 -43.03 27.39
CA ALA G 177 -19.47 -42.77 25.95
C ALA G 177 -18.24 -43.53 25.36
N GLN G 178 -17.07 -43.49 25.99
CA GLN G 178 -15.83 -44.12 25.45
C GLN G 178 -15.76 -45.56 24.78
N ASN G 179 -16.87 -46.31 24.69
CA ASN G 179 -16.92 -47.70 24.17
C ASN G 179 -15.74 -48.55 23.61
N ARG G 180 -14.81 -48.02 22.77
CA ARG G 180 -13.82 -48.85 21.99
C ARG G 180 -12.38 -48.31 21.97
N ASP G 191 -25.24 -46.52 38.76
CA ASP G 191 -23.91 -46.09 38.52
C ASP G 191 -23.86 -44.68 37.96
N VAL G 192 -24.58 -44.43 36.86
CA VAL G 192 -24.44 -43.19 36.03
C VAL G 192 -24.85 -41.89 36.76
N ASP G 193 -26.02 -41.86 37.41
CA ASP G 193 -26.52 -40.64 38.06
C ASP G 193 -25.65 -40.12 39.23
N ALA G 194 -25.03 -41.04 39.95
CA ALA G 194 -24.02 -40.71 40.99
C ALA G 194 -22.69 -40.22 40.38
N GLY G 195 -22.33 -40.78 39.22
CA GLY G 195 -21.20 -40.32 38.41
C GLY G 195 -21.37 -38.92 37.82
N ASP G 196 -22.60 -38.62 37.41
CA ASP G 196 -22.94 -37.29 36.90
C ASP G 196 -23.25 -36.26 37.99
N ARG G 197 -23.59 -36.69 39.19
CA ARG G 197 -23.91 -35.75 40.27
C ARG G 197 -22.76 -34.77 40.58
N GLU G 198 -23.09 -33.48 40.56
CA GLU G 198 -22.13 -32.41 40.83
C GLU G 198 -22.16 -31.98 42.29
N THR G 199 -21.01 -31.59 42.82
CA THR G 199 -20.88 -30.90 44.11
C THR G 199 -20.00 -29.66 43.89
N VAL G 200 -19.98 -28.75 44.81
CA VAL G 200 -19.21 -27.51 44.68
C VAL G 200 -18.27 -27.33 45.86
N HIS G 201 -17.00 -27.02 45.59
CA HIS G 201 -16.00 -26.81 46.63
C HIS G 201 -15.24 -25.53 46.36
N PRO G 202 -14.67 -24.90 47.42
CA PRO G 202 -13.85 -23.72 47.09
C PRO G 202 -12.61 -24.05 46.28
N LEU G 203 -12.04 -23.03 45.65
CA LEU G 203 -10.86 -23.20 44.85
C LEU G 203 -9.67 -23.24 45.78
N VAL G 204 -9.76 -22.56 46.94
CA VAL G 204 -8.76 -22.55 47.98
C VAL G 204 -9.38 -22.90 49.29
N VAL G 205 -8.83 -23.85 50.01
CA VAL G 205 -9.44 -24.38 51.26
C VAL G 205 -8.48 -24.24 52.42
N THR G 206 -9.04 -23.99 53.61
CA THR G 206 -8.23 -23.94 54.82
C THR G 206 -8.24 -25.32 55.49
N HIS G 207 -7.07 -25.92 55.64
CA HIS G 207 -6.94 -27.24 56.36
C HIS G 207 -7.63 -27.19 57.74
N PRO G 208 -8.51 -28.15 58.01
CA PRO G 208 -9.25 -28.14 59.27
C PRO G 208 -8.40 -28.32 60.57
N GLU G 209 -7.19 -28.86 60.47
CA GLU G 209 -6.26 -29.05 61.61
C GLU G 209 -5.16 -27.98 61.58
N THR G 210 -4.49 -27.79 60.44
CA THR G 210 -3.32 -26.89 60.41
C THR G 210 -3.68 -25.44 60.24
N GLY G 211 -4.84 -25.13 59.64
CA GLY G 211 -5.25 -23.77 59.39
C GLY G 211 -4.57 -23.15 58.18
N ARG G 212 -3.86 -23.95 57.39
CA ARG G 212 -3.11 -23.47 56.24
C ARG G 212 -3.95 -23.50 54.99
N LYS G 213 -3.84 -22.45 54.21
CA LYS G 213 -4.50 -22.44 52.92
C LYS G 213 -3.73 -23.28 51.93
N GLY G 214 -4.47 -24.14 51.24
CA GLY G 214 -3.97 -24.80 50.03
C GLY G 214 -4.92 -24.76 48.82
N LEU G 215 -4.35 -24.98 47.65
CA LEU G 215 -5.10 -25.01 46.40
C LEU G 215 -5.92 -26.28 46.38
N TYR G 216 -7.16 -26.19 45.89
CA TYR G 216 -8.02 -27.38 45.88
C TYR G 216 -8.64 -27.64 44.53
N VAL G 217 -7.86 -28.20 43.64
CA VAL G 217 -8.31 -28.39 42.29
C VAL G 217 -7.65 -29.62 41.70
N ASN G 218 -8.40 -30.45 40.98
CA ASN G 218 -7.79 -31.57 40.32
C ASN G 218 -8.43 -31.91 38.99
N GLN G 219 -7.61 -32.42 38.13
CA GLN G 219 -7.90 -32.66 36.76
C GLN G 219 -8.92 -33.73 36.46
N VAL G 220 -9.15 -34.64 37.39
CA VAL G 220 -10.03 -35.80 37.15
C VAL G 220 -11.49 -35.48 37.40
N TYR G 221 -11.74 -34.74 38.47
CA TYR G 221 -13.07 -34.41 38.93
C TYR G 221 -13.57 -32.97 38.69
N CYS G 222 -12.65 -32.01 38.53
CA CYS G 222 -13.02 -30.62 38.37
C CYS G 222 -13.42 -30.44 36.95
N GLN G 223 -14.62 -29.88 36.76
CA GLN G 223 -15.24 -29.79 35.46
C GLN G 223 -15.20 -28.32 34.93
N ARG G 224 -15.63 -27.38 35.76
CA ARG G 224 -15.54 -25.99 35.50
C ARG G 224 -15.56 -25.17 36.79
N ILE G 225 -15.27 -23.91 36.66
CA ILE G 225 -15.42 -22.94 37.71
C ILE G 225 -16.87 -22.54 37.80
N GLU G 226 -17.35 -22.38 39.01
CA GLU G 226 -18.78 -22.14 39.25
C GLU G 226 -19.18 -20.79 38.67
N GLY G 227 -20.26 -20.76 37.91
CA GLY G 227 -20.72 -19.55 37.24
C GLY G 227 -20.05 -19.18 35.93
N MET G 228 -19.02 -19.92 35.53
CA MET G 228 -18.38 -19.73 34.26
C MET G 228 -18.76 -20.86 33.33
N SER G 229 -18.46 -20.69 32.06
CA SER G 229 -18.60 -21.75 31.09
C SER G 229 -17.36 -22.63 31.10
N GLU G 230 -17.44 -23.78 30.44
CA GLU G 230 -16.28 -24.64 30.28
C GLU G 230 -15.19 -23.88 29.55
N LYS G 231 -15.53 -23.13 28.52
CA LYS G 231 -14.49 -22.51 27.71
C LYS G 231 -13.72 -21.41 28.48
N GLU G 232 -14.45 -20.73 29.34
CA GLU G 232 -13.90 -19.73 30.25
C GLU G 232 -13.02 -20.34 31.31
N SER G 233 -13.49 -21.46 31.89
CA SER G 233 -12.77 -22.18 32.94
C SER G 233 -11.49 -22.86 32.48
N GLU G 234 -11.48 -23.40 31.28
CA GLU G 234 -10.37 -24.21 30.84
C GLU G 234 -8.97 -23.54 30.98
N PRO G 235 -8.77 -22.34 30.42
CA PRO G 235 -7.46 -21.74 30.61
C PRO G 235 -7.00 -21.73 32.06
N LEU G 236 -7.87 -21.34 32.97
CA LEU G 236 -7.46 -21.12 34.34
C LEU G 236 -7.17 -22.44 35.09
N LEU G 237 -8.12 -23.36 35.02
CA LEU G 237 -7.92 -24.67 35.53
C LEU G 237 -6.67 -25.34 34.97
N SER G 238 -6.43 -25.26 33.69
CA SER G 238 -5.26 -25.91 33.09
C SER G 238 -3.98 -25.37 33.67
N PHE G 239 -3.96 -24.07 33.89
CA PHE G 239 -2.80 -23.46 34.45
C PHE G 239 -2.60 -24.03 35.84
N LEU G 240 -3.68 -24.03 36.62
CA LEU G 240 -3.61 -24.49 37.98
C LEU G 240 -3.18 -25.99 38.05
N PHE G 241 -3.71 -26.84 37.16
CA PHE G 241 -3.31 -28.25 37.18
C PHE G 241 -1.82 -28.37 36.97
N ALA G 242 -1.28 -27.69 35.97
CA ALA G 242 0.16 -27.76 35.64
C ALA G 242 1.07 -27.21 36.74
N HIS G 243 0.62 -26.11 37.35
CA HIS G 243 1.40 -25.39 38.32
C HIS G 243 1.55 -26.24 39.56
N ALA G 244 0.43 -26.81 39.99
CA ALA G 244 0.44 -27.62 41.18
C ALA G 244 1.26 -28.89 41.08
N THR G 245 1.63 -29.34 39.89
CA THR G 245 2.38 -30.58 39.74
C THR G 245 3.78 -30.39 39.27
N LYS G 246 4.30 -29.19 39.40
CA LYS G 246 5.70 -28.98 39.07
C LYS G 246 6.62 -29.91 39.89
N PRO G 247 7.65 -30.47 39.24
CA PRO G 247 8.48 -31.45 40.03
C PRO G 247 8.94 -30.88 41.36
N GLU G 248 9.29 -29.60 41.39
CA GLU G 248 9.77 -28.94 42.63
C GLU G 248 8.83 -28.96 43.83
N PHE G 249 7.54 -29.21 43.62
CA PHE G 249 6.56 -29.34 44.70
C PHE G 249 6.26 -30.80 45.06
N THR G 250 6.93 -31.73 44.38
CA THR G 250 6.60 -33.14 44.51
C THR G 250 7.63 -33.93 45.34
N CYS G 251 7.17 -35.06 45.85
CA CYS G 251 8.06 -36.12 46.30
C CYS G 251 7.67 -37.47 45.73
N ARG G 252 8.53 -38.46 45.84
CA ARG G 252 8.29 -39.73 45.26
C ARG G 252 8.64 -40.83 46.23
N VAL G 253 7.67 -41.71 46.44
CA VAL G 253 7.82 -42.83 47.27
C VAL G 253 8.04 -44.02 46.41
N ARG G 254 9.14 -44.73 46.65
CA ARG G 254 9.48 -45.93 45.89
C ARG G 254 9.09 -47.11 46.78
N TRP G 255 7.97 -47.77 46.51
CA TRP G 255 7.34 -48.69 47.45
C TRP G 255 8.20 -49.90 47.80
N GLN G 256 8.10 -50.31 49.07
CA GLN G 256 8.77 -51.53 49.57
C GLN G 256 7.73 -52.29 50.34
N GLU G 257 7.79 -53.63 50.20
CA GLU G 257 6.93 -54.52 50.98
C GLU G 257 7.07 -54.08 52.42
N GLY G 258 5.94 -53.87 53.07
CA GLY G 258 5.94 -53.45 54.44
C GLY G 258 5.75 -51.96 54.69
N ASP G 259 5.82 -51.12 53.63
CA ASP G 259 5.62 -49.70 53.84
C ASP G 259 4.14 -49.46 54.19
N VAL G 260 3.88 -48.78 55.29
CA VAL G 260 2.55 -48.26 55.61
C VAL G 260 2.65 -46.77 55.33
N LEU G 261 1.75 -46.24 54.50
CA LEU G 261 1.80 -44.86 54.09
C LEU G 261 0.48 -44.14 54.32
N VAL G 262 0.57 -42.92 54.83
CA VAL G 262 -0.59 -42.09 55.06
C VAL G 262 -0.46 -40.78 54.27
N TRP G 263 -1.44 -40.45 53.44
CA TRP G 263 -1.51 -39.12 52.81
C TRP G 263 -2.68 -38.28 53.24
N ASP G 264 -2.47 -36.98 53.40
CA ASP G 264 -3.59 -36.03 53.57
C ASP G 264 -4.35 -35.90 52.26
N ASN G 265 -5.62 -36.20 52.27
CA ASN G 265 -6.43 -36.13 51.04
C ASN G 265 -6.89 -34.71 50.65
N LEU G 266 -6.65 -33.73 51.53
CA LEU G 266 -7.08 -32.35 51.28
C LEU G 266 -5.93 -31.54 50.69
N CYS G 267 -4.75 -31.65 51.28
CA CYS G 267 -3.64 -30.79 50.93
C CYS G 267 -2.59 -31.46 50.05
N THR G 268 -2.84 -32.69 49.58
CA THR G 268 -2.02 -33.28 48.53
C THR G 268 -2.81 -33.80 47.35
N GLN G 269 -2.10 -34.05 46.26
CA GLN G 269 -2.56 -34.85 45.13
C GLN G 269 -1.48 -35.90 44.97
N HIS G 270 -1.83 -36.98 44.28
CA HIS G 270 -0.86 -38.04 44.05
C HIS G 270 -1.03 -38.56 42.66
N TYR G 271 -0.06 -39.40 42.27
CA TYR G 271 -0.02 -39.98 40.95
C TYR G 271 0.66 -41.30 41.11
N ALA G 272 -0.11 -42.36 41.03
CA ALA G 272 0.37 -43.69 41.06
C ALA G 272 0.90 -44.03 39.68
N VAL G 273 2.20 -44.22 39.60
CA VAL G 273 2.86 -44.37 38.34
C VAL G 273 2.51 -45.73 37.75
N PRO G 274 1.93 -45.76 36.57
CA PRO G 274 1.81 -46.99 35.92
C PRO G 274 3.14 -47.66 35.76
N ASP G 275 3.05 -48.93 35.69
CA ASP G 275 4.19 -49.89 35.57
C ASP G 275 4.37 -50.69 34.23
N TYR G 276 5.03 -50.09 33.26
CA TYR G 276 5.30 -50.83 31.99
C TYR G 276 6.10 -52.16 32.10
N ALA G 277 6.82 -52.39 33.14
CA ALA G 277 7.40 -53.77 33.37
C ALA G 277 6.19 -54.30 34.12
N GLY G 278 5.56 -55.42 33.75
CA GLY G 278 4.16 -55.55 34.13
C GLY G 278 3.89 -56.55 35.27
N LYS G 279 4.87 -56.68 36.22
CA LYS G 279 4.79 -57.50 37.36
C LYS G 279 3.68 -57.09 38.39
N PHE G 280 3.24 -58.11 39.11
CA PHE G 280 2.11 -58.11 40.00
C PHE G 280 2.46 -57.34 41.30
N ARG G 281 1.50 -56.54 41.72
CA ARG G 281 1.62 -55.51 42.74
C ARG G 281 0.33 -55.74 43.60
N TYR G 282 0.49 -55.76 44.91
CA TYR G 282 -0.65 -55.86 45.80
C TYR G 282 -0.51 -54.90 46.97
N LEU G 283 -1.49 -54.03 47.14
CA LEU G 283 -1.55 -53.14 48.29
C LEU G 283 -2.94 -53.13 48.87
N THR G 284 -3.05 -52.92 50.18
CA THR G 284 -4.35 -52.70 50.75
C THR G 284 -4.43 -51.27 51.17
N ARG G 285 -5.63 -50.84 51.52
CA ARG G 285 -5.93 -49.45 51.69
C ARG G 285 -7.15 -49.25 52.58
N THR G 286 -7.07 -48.34 53.53
CA THR G 286 -8.26 -47.84 54.24
C THR G 286 -8.45 -46.38 53.97
N THR G 287 -9.66 -45.89 54.16
CA THR G 287 -10.04 -44.51 53.81
C THR G 287 -10.59 -43.83 55.04
N VAL G 288 -10.00 -42.72 55.45
CA VAL G 288 -10.52 -41.97 56.60
C VAL G 288 -11.29 -40.71 56.21
N GLY G 289 -12.44 -40.58 56.84
CA GLY G 289 -13.43 -39.54 56.58
C GLY G 289 -13.11 -38.16 57.08
N GLY G 290 -13.75 -37.20 56.43
CA GLY G 290 -13.40 -35.81 56.55
C GLY G 290 -14.61 -34.94 56.48
N VAL G 291 -14.39 -33.64 56.57
CA VAL G 291 -15.48 -32.72 56.66
C VAL G 291 -15.48 -32.04 55.35
N ARG G 292 -16.62 -31.40 55.09
CA ARG G 292 -16.80 -30.53 53.95
C ARG G 292 -15.64 -29.57 53.83
N PRO G 293 -15.02 -29.44 52.65
CA PRO G 293 -13.98 -28.44 52.55
C PRO G 293 -14.53 -27.03 52.69
N ALA G 294 -13.89 -26.25 53.54
CA ALA G 294 -14.29 -24.87 53.77
C ALA G 294 -13.16 -23.87 53.41
N ARG G 295 -13.61 -22.67 53.07
CA ARG G 295 -12.82 -21.49 53.04
C ARG G 295 -12.38 -21.12 54.43
N SER H 9 -31.55 1.28 14.05
CA SER H 9 -32.51 1.91 15.01
C SER H 9 -32.43 3.46 14.94
N GLN H 10 -31.30 4.08 15.39
CA GLN H 10 -31.06 5.58 15.37
C GLN H 10 -31.57 6.28 14.08
N ARG H 11 -31.96 7.56 14.20
CA ARG H 11 -32.78 8.27 13.17
C ARG H 11 -32.25 8.30 11.73
N PHE H 12 -31.25 9.14 11.43
CA PHE H 12 -30.57 9.31 10.11
C PHE H 12 -31.36 9.88 8.96
N GLU H 13 -31.43 11.19 8.90
CA GLU H 13 -32.09 11.94 7.81
C GLU H 13 -31.13 12.40 6.71
N ARG H 14 -29.89 12.74 7.05
CA ARG H 14 -28.88 13.27 6.13
C ARG H 14 -27.98 12.24 5.45
N ILE H 15 -27.93 11.01 5.96
CA ILE H 15 -27.06 9.98 5.40
C ILE H 15 -27.82 8.66 5.34
N ALA H 16 -27.35 7.76 4.49
CA ALA H 16 -27.87 6.38 4.44
C ALA H 16 -26.89 5.38 5.12
N VAL H 17 -27.37 4.71 6.16
CA VAL H 17 -26.55 3.84 7.02
C VAL H 17 -27.01 2.40 6.86
N GLN H 18 -26.20 1.58 6.20
CA GLN H 18 -26.53 0.17 6.06
C GLN H 18 -25.59 -0.68 6.99
N PRO H 19 -26.13 -1.19 8.09
CA PRO H 19 -25.28 -2.04 8.92
C PRO H 19 -24.86 -3.28 8.15
N LEU H 20 -23.65 -3.70 8.46
CA LEU H 20 -22.98 -4.76 7.75
C LEU H 20 -23.30 -6.08 8.42
N THR H 21 -23.32 -6.07 9.74
CA THR H 21 -23.73 -7.24 10.52
C THR H 21 -24.63 -6.76 11.66
N GLY H 22 -25.19 -7.72 12.37
CA GLY H 22 -25.94 -7.45 13.59
C GLY H 22 -25.11 -6.93 14.73
N VAL H 23 -23.79 -7.02 14.63
CA VAL H 23 -22.90 -6.68 15.72
C VAL H 23 -22.10 -5.43 15.47
N LEU H 24 -21.52 -5.24 14.30
CA LEU H 24 -20.80 -3.99 14.04
C LEU H 24 -20.60 -3.76 12.56
N GLY H 25 -20.22 -2.53 12.22
CA GLY H 25 -19.92 -2.16 10.83
C GLY H 25 -21.08 -1.55 10.10
N ALA H 26 -20.84 -0.45 9.38
CA ALA H 26 -21.86 0.13 8.51
C ALA H 26 -21.26 0.72 7.26
N GLU H 27 -21.98 0.54 6.16
CA GLU H 27 -21.75 1.28 4.93
C GLU H 27 -22.53 2.58 5.03
N ILE H 28 -21.89 3.67 4.65
CA ILE H 28 -22.53 4.98 4.65
C ILE H 28 -22.47 5.61 3.27
N THR H 29 -23.64 5.87 2.69
CA THR H 29 -23.75 6.50 1.39
C THR H 29 -24.54 7.80 1.51
N GLY H 30 -24.64 8.50 0.38
CA GLY H 30 -25.37 9.75 0.31
C GLY H 30 -24.53 10.88 0.87
N VAL H 31 -23.20 10.79 0.72
CA VAL H 31 -22.30 11.86 1.16
C VAL H 31 -21.11 11.93 0.22
N ASP H 32 -20.68 13.15 -0.08
CA ASP H 32 -19.50 13.38 -0.85
C ASP H 32 -18.47 14.04 0.07
N LEU H 33 -17.44 13.29 0.41
CA LEU H 33 -16.38 13.77 1.31
C LEU H 33 -15.43 14.85 0.72
N ARG H 34 -15.62 15.19 -0.55
CA ARG H 34 -14.97 16.39 -1.10
C ARG H 34 -15.63 17.67 -0.58
N GLU H 35 -16.95 17.61 -0.40
CA GLU H 35 -17.71 18.74 0.17
C GLU H 35 -17.51 18.79 1.67
N PRO H 36 -17.35 20.01 2.26
CA PRO H 36 -17.36 20.08 3.71
C PRO H 36 -18.80 19.81 4.20
N LEU H 37 -18.92 19.50 5.48
CA LEU H 37 -20.12 18.88 6.01
C LEU H 37 -20.79 19.80 7.00
N ASP H 38 -22.08 20.04 6.82
CA ASP H 38 -22.78 20.82 7.86
C ASP H 38 -22.84 20.06 9.18
N ASP H 39 -22.93 20.84 10.26
CA ASP H 39 -23.12 20.32 11.60
C ASP H 39 -24.07 19.14 11.75
N SER H 40 -25.23 19.15 11.10
CA SER H 40 -26.22 18.09 11.38
C SER H 40 -25.80 16.76 10.71
N THR H 41 -25.19 16.88 9.54
CA THR H 41 -24.65 15.74 8.80
C THR H 41 -23.46 15.09 9.47
N TRP H 42 -22.54 15.91 9.95
CA TRP H 42 -21.35 15.42 10.64
C TRP H 42 -21.80 14.65 11.88
N ASN H 43 -22.73 15.26 12.65
CA ASN H 43 -23.28 14.67 13.85
C ASN H 43 -23.86 13.29 13.60
N GLU H 44 -24.48 13.09 12.43
CA GLU H 44 -25.01 11.77 12.07
C GLU H 44 -23.88 10.77 11.75
N ILE H 45 -22.86 11.24 11.04
CA ILE H 45 -21.68 10.41 10.78
C ILE H 45 -21.07 9.92 12.11
N LEU H 46 -20.94 10.84 13.05
CA LEU H 46 -20.29 10.60 14.29
C LEU H 46 -21.16 9.70 15.16
N ASP H 47 -22.46 9.94 15.12
CA ASP H 47 -23.44 9.07 15.77
C ASP H 47 -23.27 7.63 15.21
N ALA H 48 -23.17 7.50 13.89
CA ALA H 48 -22.97 6.20 13.25
C ALA H 48 -21.63 5.55 13.60
N PHE H 49 -20.56 6.35 13.62
CA PHE H 49 -19.26 5.88 14.05
C PHE H 49 -19.31 5.25 15.47
N HIS H 50 -19.99 5.93 16.38
CA HIS H 50 -20.06 5.50 17.77
C HIS H 50 -20.92 4.22 18.01
N THR H 51 -21.96 4.05 17.22
CA THR H 51 -22.79 2.86 17.28
C THR H 51 -22.15 1.69 16.56
N TYR H 52 -21.71 1.91 15.31
CA TYR H 52 -21.28 0.81 14.47
C TYR H 52 -19.77 0.55 14.53
N GLN H 53 -19.00 1.51 15.06
CA GLN H 53 -17.59 1.29 15.42
C GLN H 53 -16.57 1.21 14.30
N VAL H 54 -16.98 0.67 13.18
CA VAL H 54 -16.20 0.77 11.97
C VAL H 54 -17.20 1.17 10.87
N ILE H 55 -16.90 2.26 10.18
CA ILE H 55 -17.74 2.72 9.07
C ILE H 55 -16.94 2.96 7.82
N TYR H 56 -17.56 2.74 6.68
CA TYR H 56 -16.93 3.11 5.45
C TYR H 56 -17.89 3.77 4.48
N PHE H 57 -17.32 4.62 3.63
CA PHE H 57 -18.03 5.43 2.64
C PHE H 57 -17.53 5.03 1.25
N PRO H 58 -18.31 4.23 0.48
CA PRO H 58 -17.83 3.86 -0.85
C PRO H 58 -17.90 4.97 -1.85
N GLY H 59 -17.20 4.74 -2.95
CA GLY H 59 -17.23 5.61 -4.11
C GLY H 59 -16.62 6.96 -3.93
N GLN H 60 -15.78 7.22 -2.94
CA GLN H 60 -15.23 8.55 -2.80
C GLN H 60 -14.04 8.77 -3.71
N ALA H 61 -13.84 10.05 -4.05
CA ALA H 61 -12.73 10.47 -4.84
C ALA H 61 -12.18 11.71 -4.17
N ILE H 62 -11.30 11.53 -3.19
CA ILE H 62 -10.78 12.64 -2.40
C ILE H 62 -9.30 12.77 -2.59
N THR H 63 -8.79 13.95 -2.28
CA THR H 63 -7.37 14.25 -2.34
C THR H 63 -6.77 14.04 -0.94
N ASN H 64 -5.46 14.08 -0.87
CA ASN H 64 -4.77 14.05 0.41
C ASN H 64 -5.22 15.16 1.36
N GLU H 65 -5.54 16.38 0.87
CA GLU H 65 -5.96 17.47 1.77
C GLU H 65 -7.35 17.18 2.34
N GLN H 66 -8.21 16.67 1.48
CA GLN H 66 -9.58 16.37 1.89
C GLN H 66 -9.63 15.25 2.90
N HIS H 67 -8.90 14.17 2.63
CA HIS H 67 -8.63 13.04 3.57
C HIS H 67 -8.25 13.61 4.94
N ILE H 68 -7.22 14.45 4.95
CA ILE H 68 -6.74 15.03 6.18
C ILE H 68 -7.85 15.74 6.92
N ALA H 69 -8.54 16.57 6.17
CA ALA H 69 -9.57 17.44 6.71
C ALA H 69 -10.70 16.66 7.35
N PHE H 70 -11.07 15.57 6.69
CA PHE H 70 -12.13 14.73 7.17
C PHE H 70 -11.69 14.03 8.47
N SER H 71 -10.46 13.54 8.47
CA SER H 71 -9.88 12.91 9.64
C SER H 71 -9.86 13.84 10.83
N ARG H 72 -9.65 15.13 10.56
CA ARG H 72 -9.56 16.10 11.64
C ARG H 72 -10.85 16.39 12.35
N ARG H 73 -11.98 16.08 11.73
CA ARG H 73 -13.29 16.16 12.39
C ARG H 73 -13.41 15.14 13.52
N PHE H 74 -12.66 14.04 13.48
CA PHE H 74 -12.69 13.02 14.54
C PHE H 74 -11.75 13.33 15.68
N GLY H 75 -10.71 14.11 15.44
CA GLY H 75 -9.75 14.46 16.50
C GLY H 75 -8.44 14.93 15.87
N PRO H 76 -7.45 15.27 16.72
CA PRO H 76 -6.16 15.72 16.17
C PRO H 76 -5.54 14.67 15.27
N VAL H 77 -4.89 15.09 14.19
CA VAL H 77 -4.08 14.16 13.41
C VAL H 77 -2.67 14.66 13.26
N ASP H 78 -1.78 13.72 13.23
CA ASP H 78 -0.43 13.85 13.67
C ASP H 78 0.38 12.84 12.85
N PRO H 79 1.56 13.24 12.38
CA PRO H 79 2.36 12.24 11.66
C PRO H 79 2.82 11.13 12.61
N VAL H 80 2.57 9.88 12.24
CA VAL H 80 3.04 8.70 12.94
C VAL H 80 4.37 8.30 12.29
N PRO H 81 5.50 8.48 13.02
CA PRO H 81 6.78 8.01 12.52
C PRO H 81 6.87 6.47 12.71
N LEU H 82 7.59 5.77 11.83
CA LEU H 82 7.65 4.35 11.71
C LEU H 82 6.48 3.85 10.83
N LEU H 83 5.93 4.73 10.02
CA LEU H 83 5.46 4.33 8.66
C LEU H 83 5.88 5.36 7.61
N LYS H 84 6.21 4.88 6.43
CA LYS H 84 6.26 5.71 5.17
C LYS H 84 5.01 6.69 5.00
N SER H 85 5.32 7.93 5.28
CA SER H 85 4.47 9.11 5.00
C SER H 85 4.57 9.40 3.47
N ILE H 86 3.51 10.00 2.92
CA ILE H 86 3.48 10.51 1.55
C ILE H 86 4.31 11.77 1.36
N GLU H 87 4.85 11.94 0.15
CA GLU H 87 5.54 13.15 -0.25
C GLU H 87 4.71 14.39 -0.10
N GLY H 88 5.13 15.35 0.74
CA GLY H 88 4.43 16.64 0.91
C GLY H 88 3.25 16.63 1.86
N TYR H 89 2.96 15.49 2.48
CA TYR H 89 1.78 15.35 3.32
C TYR H 89 2.15 14.40 4.45
N PRO H 90 2.96 14.87 5.40
CA PRO H 90 3.47 14.03 6.48
C PRO H 90 2.46 13.26 7.35
N GLU H 91 1.22 13.74 7.39
CA GLU H 91 0.10 13.12 8.14
C GLU H 91 -0.50 11.86 7.48
N VAL H 92 -0.20 11.66 6.21
CA VAL H 92 -0.81 10.60 5.47
C VAL H 92 0.22 9.53 5.31
N GLN H 93 0.02 8.39 5.95
CA GLN H 93 0.94 7.28 5.85
C GLN H 93 0.45 6.39 4.69
N MET H 94 1.37 5.66 4.06
CA MET H 94 1.01 4.75 2.99
C MET H 94 1.18 3.27 3.32
N ILE H 95 0.42 2.42 2.63
CA ILE H 95 0.37 0.98 2.81
C ILE H 95 0.40 0.39 1.38
N ARG H 96 1.52 -0.16 0.94
CA ARG H 96 1.66 -0.83 -0.32
C ARG H 96 1.95 -2.30 -0.07
N ARG H 97 1.67 -3.14 -1.04
CA ARG H 97 1.80 -4.58 -0.81
C ARG H 97 1.92 -5.28 -2.17
N GLU H 98 2.90 -6.19 -2.30
CA GLU H 98 3.12 -6.89 -3.56
C GLU H 98 3.22 -8.32 -3.20
N ALA H 99 3.78 -9.16 -4.05
CA ALA H 99 3.89 -10.56 -3.70
C ALA H 99 5.27 -10.89 -3.90
N ASN H 100 5.67 -11.97 -3.21
CA ASN H 100 6.95 -12.53 -3.39
C ASN H 100 6.79 -13.53 -4.50
N GLU H 101 7.78 -13.59 -5.37
CA GLU H 101 7.86 -14.66 -6.30
C GLU H 101 7.99 -15.95 -5.55
N SER H 102 8.83 -15.98 -4.50
CA SER H 102 8.81 -17.10 -3.55
C SER H 102 7.43 -17.15 -2.85
N GLY H 103 6.42 -17.66 -3.57
CA GLY H 103 4.96 -17.73 -3.25
C GLY H 103 4.28 -17.18 -2.00
N ARG H 104 5.00 -17.26 -0.89
CA ARG H 104 4.50 -17.00 0.47
C ARG H 104 4.64 -15.53 0.91
N VAL H 105 3.88 -15.17 1.93
CA VAL H 105 3.34 -13.86 2.13
C VAL H 105 3.47 -13.41 3.59
N ILE H 106 3.30 -12.10 3.77
CA ILE H 106 3.49 -11.37 5.02
C ILE H 106 3.14 -11.98 6.38
N GLY H 107 1.98 -12.56 6.60
CA GLY H 107 1.54 -12.91 7.98
C GLY H 107 0.87 -11.75 8.68
N GLU H 108 -0.06 -12.09 9.56
CA GLU H 108 -0.85 -11.15 10.36
C GLU H 108 -1.42 -11.71 11.64
N ASN H 109 -1.72 -10.82 12.58
CA ASN H 109 -2.50 -11.15 13.78
C ASN H 109 -3.47 -10.08 14.16
N TRP H 110 -4.54 -10.51 14.79
CA TRP H 110 -5.53 -9.61 15.35
C TRP H 110 -4.82 -8.65 16.27
N HIS H 111 -5.04 -7.36 16.06
CA HIS H 111 -4.59 -6.33 16.96
C HIS H 111 -5.41 -5.05 16.78
N THR H 112 -5.15 -4.07 17.64
CA THR H 112 -5.51 -2.70 17.37
C THR H 112 -4.21 -1.90 17.43
N ASP H 113 -4.22 -0.64 16.99
CA ASP H 113 -2.96 0.01 16.62
C ASP H 113 -2.21 0.55 17.83
N SER H 114 -0.95 0.22 17.90
CA SER H 114 -0.01 0.90 18.79
C SER H 114 -0.36 1.01 20.28
N THR H 115 -0.80 -0.09 20.89
CA THR H 115 -1.23 -0.07 22.29
C THR H 115 -0.07 0.01 23.27
N PHE H 116 1.13 -0.14 22.73
CA PHE H 116 2.34 0.16 23.48
C PHE H 116 2.51 1.63 23.83
N LEU H 117 1.73 2.54 23.26
CA LEU H 117 1.79 3.92 23.70
C LEU H 117 0.96 4.12 24.98
N ASP H 118 1.31 5.13 25.80
CA ASP H 118 0.45 5.56 26.91
C ASP H 118 -0.87 6.01 26.35
N ALA H 119 -0.84 6.64 25.18
CA ALA H 119 -2.04 7.24 24.57
C ALA H 119 -2.10 6.75 23.13
N PRO H 120 -2.75 5.59 22.94
CA PRO H 120 -2.79 5.10 21.56
C PRO H 120 -3.74 5.89 20.70
N PRO H 121 -3.65 5.75 19.39
CA PRO H 121 -4.61 6.42 18.59
C PRO H 121 -6.08 6.12 18.98
N ALA H 122 -6.93 7.08 18.76
CA ALA H 122 -8.38 7.03 18.97
C ALA H 122 -9.08 6.38 17.81
N ALA H 123 -8.51 6.55 16.61
CA ALA H 123 -9.13 6.11 15.36
C ALA H 123 -8.19 6.18 14.16
N VAL H 124 -8.57 5.52 13.08
CA VAL H 124 -7.81 5.66 11.85
C VAL H 124 -8.72 5.69 10.62
N VAL H 125 -8.34 6.54 9.66
CA VAL H 125 -9.09 6.69 8.46
C VAL H 125 -8.19 6.36 7.31
N MET H 126 -8.64 5.30 6.61
CA MET H 126 -7.93 4.56 5.61
C MET H 126 -8.66 4.80 4.26
N TYR H 127 -7.91 5.04 3.18
CA TYR H 127 -8.46 5.29 1.86
C TYR H 127 -7.92 4.31 0.88
N ALA H 128 -8.82 3.58 0.21
CA ALA H 128 -8.41 2.58 -0.76
C ALA H 128 -8.20 3.25 -2.13
N LYS H 129 -6.97 3.24 -2.61
CA LYS H 129 -6.59 3.89 -3.85
C LYS H 129 -6.53 2.90 -5.03
N GLU H 130 -5.86 1.78 -4.85
CA GLU H 130 -5.71 0.75 -5.87
C GLU H 130 -6.06 -0.62 -5.17
N ILE H 131 -7.00 -1.39 -5.72
CA ILE H 131 -7.20 -2.78 -5.35
C ILE H 131 -7.22 -3.69 -6.54
N PRO H 132 -6.78 -4.96 -6.42
CA PRO H 132 -6.93 -5.85 -7.54
C PRO H 132 -8.41 -6.26 -7.76
N PRO H 133 -8.73 -6.83 -8.92
CA PRO H 133 -10.14 -7.01 -9.24
C PRO H 133 -10.89 -7.92 -8.26
N TYR H 134 -10.18 -8.91 -7.70
CA TYR H 134 -10.71 -9.74 -6.61
C TYR H 134 -10.83 -8.86 -5.35
N GLY H 135 -11.16 -9.44 -4.22
CA GLY H 135 -11.20 -8.70 -2.96
C GLY H 135 -9.94 -7.94 -2.40
N GLY H 136 -9.59 -8.22 -1.13
CA GLY H 136 -8.83 -7.32 -0.36
C GLY H 136 -9.74 -7.31 0.84
N ASP H 137 -9.51 -8.20 1.84
CA ASP H 137 -10.35 -8.17 3.02
C ASP H 137 -9.70 -7.59 4.26
N THR H 138 -10.43 -6.81 5.05
CA THR H 138 -10.03 -6.48 6.41
C THR H 138 -11.19 -6.87 7.33
N LEU H 139 -10.87 -7.66 8.37
CA LEU H 139 -11.82 -8.01 9.41
C LEU H 139 -11.78 -7.05 10.54
N PHE H 140 -12.88 -6.93 11.28
CA PHE H 140 -12.95 -6.12 12.52
C PHE H 140 -13.78 -6.90 13.53
N THR H 141 -13.45 -6.83 14.85
CA THR H 141 -14.40 -7.22 15.93
C THR H 141 -14.73 -6.15 16.86
N SER H 142 -15.89 -6.31 17.49
CA SER H 142 -16.30 -5.42 18.59
C SER H 142 -15.83 -5.91 19.95
N MET H 143 -14.93 -5.16 20.55
CA MET H 143 -14.50 -5.43 21.89
C MET H 143 -15.57 -5.12 22.90
N TYR H 144 -16.59 -4.34 22.55
CA TYR H 144 -17.71 -4.13 23.48
C TYR H 144 -18.44 -5.45 23.65
N THR H 145 -18.69 -6.10 22.51
CA THR H 145 -19.46 -7.31 22.46
C THR H 145 -18.62 -8.43 23.11
N ALA H 146 -17.32 -8.39 22.86
CA ALA H 146 -16.40 -9.32 23.47
C ALA H 146 -16.52 -9.31 25.00
N TRP H 147 -16.52 -8.09 25.56
CA TRP H 147 -16.67 -7.98 26.97
C TRP H 147 -18.06 -8.39 27.43
N GLU H 148 -19.07 -7.95 26.70
CA GLU H 148 -20.45 -8.16 27.17
C GLU H 148 -20.86 -9.64 27.12
N THR H 149 -20.14 -10.47 26.37
CA THR H 149 -20.49 -11.87 26.27
C THR H 149 -19.75 -12.76 27.26
N LEU H 150 -18.87 -12.19 28.11
CA LEU H 150 -18.26 -12.95 29.19
C LEU H 150 -19.29 -13.07 30.30
N SER H 151 -19.27 -14.18 31.05
CA SER H 151 -20.18 -14.33 32.17
C SER H 151 -19.95 -13.28 33.24
N PRO H 152 -20.98 -13.01 34.06
CA PRO H 152 -20.75 -12.07 35.16
C PRO H 152 -19.59 -12.48 36.07
N THR H 153 -19.48 -13.78 36.40
CA THR H 153 -18.34 -14.24 37.20
C THR H 153 -16.99 -13.97 36.54
N MET H 154 -16.86 -14.27 35.23
CA MET H 154 -15.59 -13.96 34.58
C MET H 154 -15.32 -12.47 34.59
N GLN H 155 -16.35 -11.65 34.34
CA GLN H 155 -16.13 -10.18 34.36
C GLN H 155 -15.66 -9.76 35.74
N ALA H 156 -16.37 -10.16 36.79
CA ALA H 156 -15.93 -9.78 38.15
C ALA H 156 -14.50 -10.21 38.46
N THR H 157 -14.07 -11.35 37.90
CA THR H 157 -12.75 -11.88 38.11
C THR H 157 -11.65 -11.04 37.44
N ILE H 158 -11.87 -10.53 36.25
CA ILE H 158 -10.77 -9.80 35.57
C ILE H 158 -10.89 -8.29 35.56
N GLU H 159 -12.08 -7.75 35.84
CA GLU H 159 -12.40 -6.31 35.93
C GLU H 159 -11.25 -5.43 36.43
N GLY H 160 -10.59 -5.86 37.53
CA GLY H 160 -9.60 -5.04 38.17
C GLY H 160 -8.19 -5.16 37.62
N LEU H 161 -7.95 -6.10 36.70
CA LEU H 161 -6.62 -6.35 36.21
C LEU H 161 -6.14 -5.30 35.23
N ASN H 162 -4.87 -4.97 35.30
CA ASN H 162 -4.16 -4.22 34.28
C ASN H 162 -3.29 -5.13 33.44
N VAL H 163 -2.94 -4.67 32.23
CA VAL H 163 -2.11 -5.47 31.33
C VAL H 163 -0.92 -4.66 30.89
N VAL H 164 0.24 -5.31 30.76
CA VAL H 164 1.46 -4.65 30.34
C VAL H 164 1.55 -4.77 28.83
N HIS H 165 1.71 -3.66 28.13
CA HIS H 165 1.81 -3.66 26.64
C HIS H 165 3.22 -3.26 26.27
N SER H 166 3.77 -3.80 25.20
CA SER H 166 5.01 -3.31 24.68
C SER H 166 5.23 -3.79 23.28
N ALA H 167 6.10 -3.12 22.55
CA ALA H 167 6.32 -3.47 21.16
C ALA H 167 7.47 -4.43 20.95
N THR H 168 7.87 -5.17 22.00
CA THR H 168 9.10 -5.95 21.91
C THR H 168 9.06 -7.04 20.83
N ARG H 169 7.85 -7.55 20.51
CA ARG H 169 7.75 -8.57 19.48
C ARG H 169 7.75 -7.99 18.08
N VAL H 170 7.39 -6.71 17.96
CA VAL H 170 7.24 -6.09 16.68
C VAL H 170 8.52 -5.41 16.24
N PHE H 171 9.11 -4.59 17.11
CA PHE H 171 10.40 -3.97 16.77
C PHE H 171 11.40 -3.79 17.94
N GLY H 172 11.19 -4.55 19.03
CA GLY H 172 12.16 -4.59 20.10
C GLY H 172 13.09 -5.76 19.96
N SER H 173 13.65 -6.19 21.10
CA SER H 173 14.72 -7.18 21.17
C SER H 173 14.28 -8.59 20.76
N LEU H 174 13.01 -8.94 20.99
CA LEU H 174 12.50 -10.24 20.57
C LEU H 174 12.42 -10.35 19.07
N TYR H 175 11.88 -9.30 18.43
CA TYR H 175 11.92 -9.17 16.97
C TYR H 175 13.36 -9.23 16.45
N GLN H 176 14.23 -8.41 17.02
CA GLN H 176 15.69 -8.44 16.74
C GLN H 176 16.33 -9.86 16.77
N ALA H 177 15.87 -10.72 17.70
CA ALA H 177 16.35 -12.11 17.79
C ALA H 177 16.05 -12.93 16.53
N GLN H 178 14.85 -12.90 15.92
CA GLN H 178 14.65 -13.59 14.58
C GLN H 178 15.68 -13.44 13.34
N ASN H 179 16.84 -12.81 13.50
CA ASN H 179 17.81 -12.48 12.46
C ASN H 179 18.21 -13.63 11.50
N ASP H 191 15.86 2.30 17.79
CA ASP H 191 14.76 1.45 17.49
C ASP H 191 14.38 0.56 18.69
N VAL H 192 15.36 -0.14 19.24
CA VAL H 192 15.16 -1.23 20.24
C VAL H 192 14.54 -0.78 21.58
N ASP H 193 15.08 0.27 22.20
CA ASP H 193 14.62 0.71 23.54
C ASP H 193 13.16 1.20 23.57
N ALA H 194 12.72 1.81 22.48
CA ALA H 194 11.30 2.19 22.30
C ALA H 194 10.39 0.96 22.03
N GLY H 195 10.95 -0.03 21.33
CA GLY H 195 10.31 -1.34 21.15
C GLY H 195 10.14 -2.16 22.42
N ASP H 196 11.15 -2.08 23.29
CA ASP H 196 11.10 -2.74 24.59
C ASP H 196 10.35 -1.96 25.67
N ARG H 197 10.18 -0.65 25.50
CA ARG H 197 9.47 0.15 26.51
C ARG H 197 8.04 -0.34 26.77
N GLU H 198 7.75 -0.58 28.06
CA GLU H 198 6.45 -1.06 28.51
C GLU H 198 5.55 0.10 28.94
N THR H 199 4.26 -0.04 28.72
CA THR H 199 3.22 0.81 29.29
C THR H 199 2.15 -0.10 29.92
N VAL H 200 1.28 0.46 30.74
CA VAL H 200 0.25 -0.34 31.40
C VAL H 200 -1.13 0.23 31.11
N HIS H 201 -2.08 -0.62 30.74
CA HIS H 201 -3.45 -0.20 30.44
C HIS H 201 -4.43 -1.11 31.18
N PRO H 202 -5.64 -0.60 31.46
CA PRO H 202 -6.61 -1.55 32.05
C PRO H 202 -7.00 -2.67 31.11
N LEU H 203 -7.52 -3.73 31.66
CA LEU H 203 -7.96 -4.89 30.90
C LEU H 203 -9.32 -4.56 30.33
N VAL H 204 -10.10 -3.73 31.02
CA VAL H 204 -11.40 -3.24 30.55
C VAL H 204 -11.45 -1.75 30.59
N VAL H 205 -11.81 -1.12 29.51
CA VAL H 205 -11.74 0.38 29.37
C VAL H 205 -13.10 0.94 29.03
N THR H 206 -13.39 2.13 29.55
CA THR H 206 -14.62 2.83 29.25
C THR H 206 -14.37 3.80 28.08
N HIS H 207 -15.09 3.61 26.97
CA HIS H 207 -14.98 4.54 25.80
C HIS H 207 -15.17 6.00 26.23
N PRO H 208 -14.24 6.88 25.85
CA PRO H 208 -14.32 8.27 26.27
C PRO H 208 -15.53 9.09 25.72
N GLU H 209 -16.16 8.63 24.64
CA GLU H 209 -17.36 9.28 24.05
C GLU H 209 -18.64 8.48 24.42
N THR H 210 -18.66 7.17 24.22
CA THR H 210 -19.91 6.42 24.41
C THR H 210 -20.16 6.01 25.85
N GLY H 211 -19.11 5.91 26.67
CA GLY H 211 -19.25 5.48 28.05
C GLY H 211 -19.40 3.99 28.21
N ARG H 212 -19.21 3.22 27.13
CA ARG H 212 -19.42 1.78 27.12
C ARG H 212 -18.13 1.07 27.48
N LYS H 213 -18.24 0.07 28.33
CA LYS H 213 -17.11 -0.77 28.62
C LYS H 213 -16.85 -1.73 27.48
N GLY H 214 -15.58 -1.79 27.08
CA GLY H 214 -15.08 -2.88 26.24
C GLY H 214 -13.77 -3.54 26.72
N LEU H 215 -13.52 -4.74 26.21
CA LEU H 215 -12.32 -5.50 26.51
C LEU H 215 -11.15 -4.82 25.83
N TYR H 216 -10.02 -4.73 26.52
CA TYR H 216 -8.87 -4.06 25.93
C TYR H 216 -7.61 -4.90 25.98
N VAL H 217 -7.50 -5.83 25.06
CA VAL H 217 -6.40 -6.74 25.08
C VAL H 217 -6.09 -7.19 23.65
N ASN H 218 -4.81 -7.28 23.29
CA ASN H 218 -4.46 -7.80 22.00
C ASN H 218 -3.15 -8.58 21.99
N GLN H 219 -3.14 -9.53 21.11
CA GLN H 219 -2.11 -10.52 21.01
C GLN H 219 -0.75 -10.05 20.58
N VAL H 220 -0.65 -8.90 19.95
CA VAL H 220 0.61 -8.42 19.39
C VAL H 220 1.45 -7.68 20.40
N TYR H 221 0.79 -6.84 21.19
CA TYR H 221 1.42 -5.96 22.17
C TYR H 221 1.32 -6.37 23.65
N CYS H 222 0.31 -7.17 24.02
CA CYS H 222 0.07 -7.54 25.39
C CYS H 222 1.01 -8.64 25.71
N GLN H 223 1.78 -8.44 26.78
CA GLN H 223 2.86 -9.33 27.13
C GLN H 223 2.48 -10.21 28.37
N ARG H 224 1.99 -9.58 29.43
CA ARG H 224 1.47 -10.23 30.56
C ARG H 224 0.49 -9.33 31.33
N ILE H 225 -0.19 -9.94 32.28
CA ILE H 225 -1.01 -9.24 33.22
C ILE H 225 -0.11 -8.66 34.29
N GLU H 226 -0.44 -7.45 34.71
CA GLU H 226 0.44 -6.72 35.63
C GLU H 226 0.48 -7.42 36.99
N GLY H 227 1.67 -7.61 37.50
CA GLY H 227 1.86 -8.35 38.76
C GLY H 227 1.83 -9.86 38.71
N MET H 228 1.55 -10.43 37.55
CA MET H 228 1.62 -11.86 37.35
C MET H 228 2.85 -12.20 36.53
N SER H 229 3.20 -13.47 36.48
CA SER H 229 4.24 -13.94 35.59
C SER H 229 3.67 -14.22 34.22
N GLU H 230 4.55 -14.43 33.24
CA GLU H 230 4.10 -14.82 31.91
C GLU H 230 3.32 -16.12 32.00
N LYS H 231 3.78 -17.08 32.78
CA LYS H 231 3.14 -18.39 32.76
C LYS H 231 1.72 -18.36 33.36
N GLU H 232 1.55 -17.47 34.34
CA GLU H 232 0.26 -17.21 34.96
C GLU H 232 -0.68 -16.51 34.03
N SER H 233 -0.16 -15.49 33.32
CA SER H 233 -0.93 -14.67 32.37
C SER H 233 -1.38 -15.42 31.12
N GLU H 234 -0.55 -16.31 30.62
CA GLU H 234 -0.84 -16.93 29.35
C GLU H 234 -2.23 -17.59 29.22
N PRO H 235 -2.61 -18.49 30.14
CA PRO H 235 -3.96 -19.05 30.00
C PRO H 235 -5.03 -17.99 29.83
N LEU H 236 -5.00 -16.94 30.65
CA LEU H 236 -6.08 -16.00 30.69
C LEU H 236 -6.13 -15.11 29.42
N LEU H 237 -4.99 -14.52 29.10
CA LEU H 237 -4.85 -13.79 27.89
C LEU H 237 -5.24 -14.60 26.65
N SER H 238 -4.80 -15.85 26.56
CA SER H 238 -5.13 -16.67 25.39
C SER H 238 -6.59 -16.86 25.24
N PHE H 239 -7.27 -17.04 26.36
CA PHE H 239 -8.68 -17.22 26.32
C PHE H 239 -9.30 -15.95 25.77
N LEU H 240 -8.88 -14.82 26.34
CA LEU H 240 -9.43 -13.55 25.95
C LEU H 240 -9.14 -13.25 24.44
N PHE H 241 -7.95 -13.56 23.94
CA PHE H 241 -7.66 -13.33 22.53
C PHE H 241 -8.63 -14.11 21.67
N ALA H 242 -8.81 -15.38 21.95
CA ALA H 242 -9.70 -16.27 21.16
C ALA H 242 -11.18 -15.84 21.21
N HIS H 243 -11.61 -15.42 22.39
CA HIS H 243 -13.00 -15.11 22.66
C HIS H 243 -13.38 -13.86 21.89
N ALA H 244 -12.50 -12.87 21.96
CA ALA H 244 -12.76 -11.62 21.31
C ALA H 244 -12.79 -11.71 19.79
N THR H 245 -12.29 -12.77 19.19
CA THR H 245 -12.26 -12.87 17.74
C THR H 245 -13.15 -13.92 17.18
N LYS H 246 -14.12 -14.35 17.95
CA LYS H 246 -15.10 -15.29 17.42
C LYS H 246 -15.82 -14.72 16.18
N PRO H 247 -16.00 -15.53 15.13
CA PRO H 247 -16.63 -14.94 13.91
C PRO H 247 -17.89 -14.15 14.21
N GLU H 248 -18.71 -14.63 15.14
CA GLU H 248 -19.98 -13.92 15.49
C GLU H 248 -19.85 -12.48 16.00
N PHE H 249 -18.67 -12.06 16.42
CA PHE H 249 -18.42 -10.67 16.83
C PHE H 249 -17.75 -9.85 15.74
N THR H 250 -17.51 -10.45 14.58
CA THR H 250 -16.74 -9.82 13.53
C THR H 250 -17.60 -9.32 12.36
N CYS H 251 -17.03 -8.36 11.61
CA CYS H 251 -17.49 -8.07 10.27
C CYS H 251 -16.31 -8.05 9.29
N ARG H 252 -16.62 -8.02 8.00
CA ARG H 252 -15.62 -8.04 7.00
C ARG H 252 -15.91 -7.02 5.93
N VAL H 253 -14.91 -6.18 5.66
CA VAL H 253 -14.94 -5.24 4.63
C VAL H 253 -14.18 -5.78 3.47
N ARG H 254 -14.84 -5.83 2.30
CA ARG H 254 -14.22 -6.28 1.08
C ARG H 254 -13.89 -5.02 0.29
N TRP H 255 -12.61 -4.60 0.27
CA TRP H 255 -12.24 -3.26 -0.17
C TRP H 255 -12.55 -2.99 -1.63
N GLN H 256 -12.94 -1.74 -1.91
CA GLN H 256 -13.18 -1.25 -3.27
C GLN H 256 -12.46 0.06 -3.38
N GLU H 257 -11.89 0.29 -4.59
CA GLU H 257 -11.24 1.57 -4.89
C GLU H 257 -12.24 2.63 -4.54
N GLY H 258 -11.80 3.60 -3.77
CA GLY H 258 -12.67 4.66 -3.36
C GLY H 258 -13.29 4.55 -1.98
N ASP H 259 -13.17 3.39 -1.32
CA ASP H 259 -13.72 3.25 0.03
C ASP H 259 -12.87 4.12 0.98
N VAL H 260 -13.53 4.99 1.73
CA VAL H 260 -12.90 5.69 2.85
C VAL H 260 -13.46 5.00 4.08
N LEU H 261 -12.59 4.51 4.96
CA LEU H 261 -13.01 3.74 6.11
C LEU H 261 -12.42 4.29 7.40
N VAL H 262 -13.26 4.35 8.43
CA VAL H 262 -12.85 4.81 9.74
C VAL H 262 -13.11 3.72 10.78
N TRP H 263 -12.10 3.31 11.52
CA TRP H 263 -12.29 2.42 12.70
C TRP H 263 -11.96 3.05 14.03
N ASP H 264 -12.76 2.75 15.05
CA ASP H 264 -12.40 3.10 16.44
C ASP H 264 -11.23 2.25 16.90
N ASN H 265 -10.15 2.89 17.28
CA ASN H 265 -8.95 2.14 17.70
C ASN H 265 -9.01 1.61 19.15
N LEU H 266 -10.05 2.00 19.91
CA LEU H 266 -10.19 1.58 21.30
C LEU H 266 -11.10 0.36 21.41
N CYS H 267 -12.23 0.41 20.73
CA CYS H 267 -13.26 -0.61 20.91
C CYS H 267 -13.32 -1.61 19.77
N THR H 268 -12.39 -1.57 18.83
CA THR H 268 -12.23 -2.67 17.87
C THR H 268 -10.81 -3.21 17.79
N GLN H 269 -10.70 -4.37 17.17
CA GLN H 269 -9.44 -4.94 16.69
C GLN H 269 -9.72 -5.25 15.22
N HIS H 270 -8.66 -5.41 14.45
CA HIS H 270 -8.82 -5.72 13.04
C HIS H 270 -7.78 -6.69 12.63
N TYR H 271 -7.96 -7.20 11.41
CA TYR H 271 -7.08 -8.20 10.85
C TYR H 271 -7.10 -8.00 9.37
N ALA H 272 -6.03 -7.45 8.85
CA ALA H 272 -5.85 -7.26 7.44
C ALA H 272 -5.42 -8.59 6.86
N VAL H 273 -6.28 -9.16 6.04
CA VAL H 273 -6.08 -10.49 5.52
C VAL H 273 -4.95 -10.46 4.51
N PRO H 274 -3.90 -11.23 4.72
CA PRO H 274 -2.97 -11.36 3.69
C PRO H 274 -3.61 -11.88 2.45
N ASP H 275 -2.98 -11.52 1.39
CA ASP H 275 -3.36 -11.88 -0.02
C ASP H 275 -2.44 -12.87 -0.82
N TYR H 276 -2.70 -14.14 -0.67
CA TYR H 276 -2.01 -15.16 -1.51
C TYR H 276 -2.08 -15.00 -3.04
N ALA H 277 -3.05 -14.31 -3.56
CA ALA H 277 -3.03 -13.97 -5.04
C ALA H 277 -2.19 -12.71 -4.86
N GLY H 278 -1.08 -12.51 -5.58
CA GLY H 278 -0.06 -11.62 -5.04
C GLY H 278 -0.03 -10.17 -5.59
N LYS H 279 -1.21 -9.68 -5.94
CA LYS H 279 -1.40 -8.47 -6.75
C LYS H 279 -1.25 -7.24 -5.85
N PHE H 280 -0.82 -6.14 -6.49
CA PHE H 280 -0.48 -4.88 -5.90
C PHE H 280 -1.74 -4.13 -5.39
N ARG H 281 -1.57 -3.56 -4.22
CA ARG H 281 -2.60 -3.02 -3.35
C ARG H 281 -1.98 -1.66 -2.88
N TYR H 282 -2.77 -0.61 -2.94
CA TYR H 282 -2.32 0.67 -2.41
C TYR H 282 -3.43 1.35 -1.63
N LEU H 283 -3.14 1.67 -0.37
CA LEU H 283 -4.05 2.44 0.47
C LEU H 283 -3.31 3.53 1.19
N THR H 284 -3.97 4.62 1.48
CA THR H 284 -3.37 5.61 2.35
C THR H 284 -4.13 5.61 3.63
N ARG H 285 -3.59 6.31 4.60
CA ARG H 285 -4.02 6.17 5.98
C ARG H 285 -3.63 7.42 6.78
N THR H 286 -4.56 7.94 7.56
CA THR H 286 -4.23 8.92 8.62
C THR H 286 -4.57 8.37 9.96
N THR H 287 -3.96 8.90 11.00
CA THR H 287 -4.09 8.40 12.38
C THR H 287 -4.60 9.50 13.26
N VAL H 288 -5.72 9.30 13.93
CA VAL H 288 -6.21 10.30 14.88
C VAL H 288 -5.97 9.94 16.35
N GLY H 289 -5.47 10.90 17.08
CA GLY H 289 -5.02 10.80 18.45
C GLY H 289 -6.10 10.73 19.50
N GLY H 290 -5.70 10.17 20.64
CA GLY H 290 -6.62 9.76 21.67
C GLY H 290 -6.03 9.96 23.03
N VAL H 291 -6.79 9.57 24.02
CA VAL H 291 -6.41 9.85 25.38
C VAL H 291 -6.01 8.56 25.93
N ARG H 292 -5.31 8.64 27.06
CA ARG H 292 -4.96 7.49 27.86
C ARG H 292 -6.17 6.63 28.11
N PRO H 293 -6.10 5.32 27.88
CA PRO H 293 -7.22 4.49 28.24
C PRO H 293 -7.44 4.47 29.74
N ALA H 294 -8.68 4.72 30.16
CA ALA H 294 -9.10 4.64 31.54
C ALA H 294 -10.20 3.59 31.74
N ARG H 295 -10.28 3.11 32.98
CA ARG H 295 -11.50 2.39 33.37
C ARG H 295 -12.49 3.40 33.72
#